data_3BE3
# 
_entry.id   3BE3 
# 
_audit_conform.dict_name       mmcif_pdbx.dic 
_audit_conform.dict_version    5.398 
_audit_conform.dict_location   http://mmcif.pdb.org/dictionaries/ascii/mmcif_pdbx.dic 
# 
loop_
_database_2.database_id 
_database_2.database_code 
_database_2.pdbx_database_accession 
_database_2.pdbx_DOI 
PDB   3BE3         pdb_00003be3 10.2210/pdb3be3/pdb 
RCSB  RCSB045404   ?            ?                   
WWPDB D_1000045404 ?            ?                   
# 
loop_
_pdbx_audit_revision_history.ordinal 
_pdbx_audit_revision_history.data_content_type 
_pdbx_audit_revision_history.major_revision 
_pdbx_audit_revision_history.minor_revision 
_pdbx_audit_revision_history.revision_date 
1 'Structure model' 1 0 2007-11-27 
2 'Structure model' 1 1 2011-07-13 
3 'Structure model' 1 2 2021-02-03 
4 'Structure model' 1 3 2024-10-30 
# 
_pdbx_audit_revision_details.ordinal             1 
_pdbx_audit_revision_details.revision_ordinal    1 
_pdbx_audit_revision_details.data_content_type   'Structure model' 
_pdbx_audit_revision_details.provider            repository 
_pdbx_audit_revision_details.type                'Initial release' 
_pdbx_audit_revision_details.description         ? 
_pdbx_audit_revision_details.details             ? 
# 
loop_
_pdbx_audit_revision_group.ordinal 
_pdbx_audit_revision_group.revision_ordinal 
_pdbx_audit_revision_group.data_content_type 
_pdbx_audit_revision_group.group 
1 2 'Structure model' 'Version format compliance' 
2 3 'Structure model' 'Database references'       
3 3 'Structure model' 'Derived calculations'      
4 3 'Structure model' 'Structure summary'         
5 4 'Structure model' 'Data collection'           
6 4 'Structure model' 'Database references'       
7 4 'Structure model' 'Structure summary'         
# 
loop_
_pdbx_audit_revision_category.ordinal 
_pdbx_audit_revision_category.revision_ordinal 
_pdbx_audit_revision_category.data_content_type 
_pdbx_audit_revision_category.category 
1  3 'Structure model' audit_author              
2  3 'Structure model' citation_author           
3  3 'Structure model' struct_conn               
4  3 'Structure model' struct_ref_seq_dif        
5  3 'Structure model' struct_site               
6  4 'Structure model' chem_comp_atom            
7  4 'Structure model' chem_comp_bond            
8  4 'Structure model' database_2                
9  4 'Structure model' pdbx_entry_details        
10 4 'Structure model' pdbx_modification_feature 
# 
loop_
_pdbx_audit_revision_item.ordinal 
_pdbx_audit_revision_item.revision_ordinal 
_pdbx_audit_revision_item.data_content_type 
_pdbx_audit_revision_item.item 
1 3 'Structure model' '_audit_author.identifier_ORCID'      
2 3 'Structure model' '_citation_author.identifier_ORCID'   
3 3 'Structure model' '_struct_conn.pdbx_leaving_atom_flag' 
4 3 'Structure model' '_struct_ref_seq_dif.details'         
5 3 'Structure model' '_struct_site.pdbx_auth_asym_id'      
6 3 'Structure model' '_struct_site.pdbx_auth_comp_id'      
7 3 'Structure model' '_struct_site.pdbx_auth_seq_id'       
8 4 'Structure model' '_database_2.pdbx_DOI'                
9 4 'Structure model' '_database_2.pdbx_database_accession' 
# 
_pdbx_database_status.status_code                     REL 
_pdbx_database_status.entry_id                        3BE3 
_pdbx_database_status.recvd_initial_deposition_date   2007-11-16 
_pdbx_database_status.deposit_site                    RCSB 
_pdbx_database_status.process_site                    RCSB 
_pdbx_database_status.status_code_sf                  REL 
_pdbx_database_status.status_code_mr                  ? 
_pdbx_database_status.SG_entry                        Y 
_pdbx_database_status.pdb_format_compatible           Y 
_pdbx_database_status.status_code_cs                  ? 
_pdbx_database_status.status_code_nmr_data            ? 
_pdbx_database_status.methods_development_category    ? 
# 
_pdbx_database_related.db_name        TargetDB 
_pdbx_database_related.db_id          NYSGXRC-10206d 
_pdbx_database_related.details        . 
_pdbx_database_related.content_type   unspecified 
# 
loop_
_audit_author.name 
_audit_author.pdbx_ordinal 
_audit_author.identifier_ORCID 
'Tyagi, R.'                                                      1 ?                   
'Eswaramoorthy, S.'                                              2 ?                   
'Burley, S.K.'                                                   3 0000-0002-2487-9713 
'Swaminathan, S.'                                                4 ?                   
'New York SGX Research Center for Structural Genomics (NYSGXRC)' 5 ?                   
# 
_citation.id                        primary 
_citation.title                     'Crystal structure of a protein belonging to pfam DUF1653 from Bordetella bronchiseptica.' 
_citation.journal_abbrev            'To be Published' 
_citation.journal_volume            ? 
_citation.page_first                ? 
_citation.page_last                 ? 
_citation.year                      ? 
_citation.journal_id_ASTM           ? 
_citation.country                   ? 
_citation.journal_id_ISSN           ? 
_citation.journal_id_CSD            0353 
_citation.book_publisher            ? 
_citation.pdbx_database_id_PubMed   ? 
_citation.pdbx_database_id_DOI      ? 
# 
loop_
_citation_author.citation_id 
_citation_author.name 
_citation_author.ordinal 
_citation_author.identifier_ORCID 
primary 'Tyagi, R.'         1 ?                   
primary 'Eswaramoorthy, S.' 2 ?                   
primary 'Burley, S.K.'      3 0000-0002-2487-9713 
primary 'Swaminathan, S.'   4 ?                   
# 
loop_
_entity.id 
_entity.type 
_entity.src_method 
_entity.pdbx_description 
_entity.formula_weight 
_entity.pdbx_number_of_molecules 
_entity.pdbx_ec 
_entity.pdbx_mutation 
_entity.pdbx_fragment 
_entity.details 
1 polymer     man 'Uncharacterized protein' 10521.347 2   ? ? ? ? 
2 non-polymer syn 'SULFATE ION'             96.063    2   ? ? ? ? 
3 water       nat water                     18.015    135 ? ? ? ? 
# 
_entity_poly.entity_id                      1 
_entity_poly.type                           'polypeptide(L)' 
_entity_poly.nstd_linkage                   no 
_entity_poly.nstd_monomer                   yes 
_entity_poly.pdbx_seq_one_letter_code       
;(MSE)SLA(MSE)QDFRPGVYRHYKGDHYLALGLARADETDEVVVVYTRLYARAGLP(MSE)STRLLRIWNETVDTGAGP
QPRFAYVGHVTPEQGEGHHHHHH
;
_entity_poly.pdbx_seq_one_letter_code_can   
;MSLAMQDFRPGVYRHYKGDHYLALGLARADETDEVVVVYTRLYARAGLPMSTRLLRIWNETVDTGAGPQPRFAYVGHVTP
EQGEGHHHHHH
;
_entity_poly.pdbx_strand_id                 A,B 
_entity_poly.pdbx_target_identifier         NYSGXRC-10206d 
# 
loop_
_pdbx_entity_nonpoly.entity_id 
_pdbx_entity_nonpoly.name 
_pdbx_entity_nonpoly.comp_id 
2 'SULFATE ION' SO4 
3 water         HOH 
# 
loop_
_entity_poly_seq.entity_id 
_entity_poly_seq.num 
_entity_poly_seq.mon_id 
_entity_poly_seq.hetero 
1 1  MSE n 
1 2  SER n 
1 3  LEU n 
1 4  ALA n 
1 5  MSE n 
1 6  GLN n 
1 7  ASP n 
1 8  PHE n 
1 9  ARG n 
1 10 PRO n 
1 11 GLY n 
1 12 VAL n 
1 13 TYR n 
1 14 ARG n 
1 15 HIS n 
1 16 TYR n 
1 17 LYS n 
1 18 GLY n 
1 19 ASP n 
1 20 HIS n 
1 21 TYR n 
1 22 LEU n 
1 23 ALA n 
1 24 LEU n 
1 25 GLY n 
1 26 LEU n 
1 27 ALA n 
1 28 ARG n 
1 29 ALA n 
1 30 ASP n 
1 31 GLU n 
1 32 THR n 
1 33 ASP n 
1 34 GLU n 
1 35 VAL n 
1 36 VAL n 
1 37 VAL n 
1 38 VAL n 
1 39 TYR n 
1 40 THR n 
1 41 ARG n 
1 42 LEU n 
1 43 TYR n 
1 44 ALA n 
1 45 ARG n 
1 46 ALA n 
1 47 GLY n 
1 48 LEU n 
1 49 PRO n 
1 50 MSE n 
1 51 SER n 
1 52 THR n 
1 53 ARG n 
1 54 LEU n 
1 55 LEU n 
1 56 ARG n 
1 57 ILE n 
1 58 TRP n 
1 59 ASN n 
1 60 GLU n 
1 61 THR n 
1 62 VAL n 
1 63 ASP n 
1 64 THR n 
1 65 GLY n 
1 66 ALA n 
1 67 GLY n 
1 68 PRO n 
1 69 GLN n 
1 70 PRO n 
1 71 ARG n 
1 72 PHE n 
1 73 ALA n 
1 74 TYR n 
1 75 VAL n 
1 76 GLY n 
1 77 HIS n 
1 78 VAL n 
1 79 THR n 
1 80 PRO n 
1 81 GLU n 
1 82 GLN n 
1 83 GLY n 
1 84 GLU n 
1 85 GLY n 
1 86 HIS n 
1 87 HIS n 
1 88 HIS n 
1 89 HIS n 
1 90 HIS n 
1 91 HIS n 
# 
_entity_src_gen.entity_id                          1 
_entity_src_gen.pdbx_src_id                        1 
_entity_src_gen.pdbx_alt_source_flag               sample 
_entity_src_gen.pdbx_seq_type                      ? 
_entity_src_gen.pdbx_beg_seq_num                   ? 
_entity_src_gen.pdbx_end_seq_num                   ? 
_entity_src_gen.gene_src_common_name               ? 
_entity_src_gen.gene_src_genus                     Bordetella 
_entity_src_gen.pdbx_gene_src_gene                 '81430067, BB4950' 
_entity_src_gen.gene_src_species                   'Bordetella bronchiseptica' 
_entity_src_gen.gene_src_strain                    'RB50, NCTC 13252' 
_entity_src_gen.gene_src_tissue                    ? 
_entity_src_gen.gene_src_tissue_fraction           ? 
_entity_src_gen.gene_src_details                   ? 
_entity_src_gen.pdbx_gene_src_fragment             ? 
_entity_src_gen.pdbx_gene_src_scientific_name      'Bordetella bronchiseptica RB50' 
_entity_src_gen.pdbx_gene_src_ncbi_taxonomy_id     257310 
_entity_src_gen.pdbx_gene_src_variant              ? 
_entity_src_gen.pdbx_gene_src_cell_line            ? 
_entity_src_gen.pdbx_gene_src_atcc                 BAA-588 
_entity_src_gen.pdbx_gene_src_organ                ? 
_entity_src_gen.pdbx_gene_src_organelle            ? 
_entity_src_gen.pdbx_gene_src_cell                 ? 
_entity_src_gen.pdbx_gene_src_cellular_location    ? 
_entity_src_gen.host_org_common_name               ? 
_entity_src_gen.pdbx_host_org_scientific_name      'Escherichia coli BL21(DE3)' 
_entity_src_gen.pdbx_host_org_ncbi_taxonomy_id     469008 
_entity_src_gen.host_org_genus                     Escherichia 
_entity_src_gen.pdbx_host_org_gene                 ? 
_entity_src_gen.pdbx_host_org_organ                ? 
_entity_src_gen.host_org_species                   'Escherichia coli' 
_entity_src_gen.pdbx_host_org_tissue               ? 
_entity_src_gen.pdbx_host_org_tissue_fraction      ? 
_entity_src_gen.pdbx_host_org_strain               'BL21(DE3)' 
_entity_src_gen.pdbx_host_org_variant              ? 
_entity_src_gen.pdbx_host_org_cell_line            ? 
_entity_src_gen.pdbx_host_org_atcc                 ? 
_entity_src_gen.pdbx_host_org_culture_collection   ? 
_entity_src_gen.pdbx_host_org_cell                 ? 
_entity_src_gen.pdbx_host_org_organelle            ? 
_entity_src_gen.pdbx_host_org_cellular_location    ? 
_entity_src_gen.pdbx_host_org_vector_type          Plasmid 
_entity_src_gen.pdbx_host_org_vector               ? 
_entity_src_gen.host_org_details                   ? 
_entity_src_gen.expression_system_id               ? 
_entity_src_gen.plasmid_name                       pSGX3-BC 
_entity_src_gen.plasmid_details                    ? 
_entity_src_gen.pdbx_description                   ? 
# 
loop_
_chem_comp.id 
_chem_comp.type 
_chem_comp.mon_nstd_flag 
_chem_comp.name 
_chem_comp.pdbx_synonyms 
_chem_comp.formula 
_chem_comp.formula_weight 
ALA 'L-peptide linking' y ALANINE          ? 'C3 H7 N O2'     89.093  
ARG 'L-peptide linking' y ARGININE         ? 'C6 H15 N4 O2 1' 175.209 
ASN 'L-peptide linking' y ASPARAGINE       ? 'C4 H8 N2 O3'    132.118 
ASP 'L-peptide linking' y 'ASPARTIC ACID'  ? 'C4 H7 N O4'     133.103 
GLN 'L-peptide linking' y GLUTAMINE        ? 'C5 H10 N2 O3'   146.144 
GLU 'L-peptide linking' y 'GLUTAMIC ACID'  ? 'C5 H9 N O4'     147.129 
GLY 'peptide linking'   y GLYCINE          ? 'C2 H5 N O2'     75.067  
HIS 'L-peptide linking' y HISTIDINE        ? 'C6 H10 N3 O2 1' 156.162 
HOH non-polymer         . WATER            ? 'H2 O'           18.015  
ILE 'L-peptide linking' y ISOLEUCINE       ? 'C6 H13 N O2'    131.173 
LEU 'L-peptide linking' y LEUCINE          ? 'C6 H13 N O2'    131.173 
LYS 'L-peptide linking' y LYSINE           ? 'C6 H15 N2 O2 1' 147.195 
MSE 'L-peptide linking' n SELENOMETHIONINE ? 'C5 H11 N O2 Se' 196.106 
PHE 'L-peptide linking' y PHENYLALANINE    ? 'C9 H11 N O2'    165.189 
PRO 'L-peptide linking' y PROLINE          ? 'C5 H9 N O2'     115.130 
SER 'L-peptide linking' y SERINE           ? 'C3 H7 N O3'     105.093 
SO4 non-polymer         . 'SULFATE ION'    ? 'O4 S -2'        96.063  
THR 'L-peptide linking' y THREONINE        ? 'C4 H9 N O3'     119.119 
TRP 'L-peptide linking' y TRYPTOPHAN       ? 'C11 H12 N2 O2'  204.225 
TYR 'L-peptide linking' y TYROSINE         ? 'C9 H11 N O3'    181.189 
VAL 'L-peptide linking' y VALINE           ? 'C5 H11 N O2'    117.146 
# 
loop_
_pdbx_poly_seq_scheme.asym_id 
_pdbx_poly_seq_scheme.entity_id 
_pdbx_poly_seq_scheme.seq_id 
_pdbx_poly_seq_scheme.mon_id 
_pdbx_poly_seq_scheme.ndb_seq_num 
_pdbx_poly_seq_scheme.pdb_seq_num 
_pdbx_poly_seq_scheme.auth_seq_num 
_pdbx_poly_seq_scheme.pdb_mon_id 
_pdbx_poly_seq_scheme.auth_mon_id 
_pdbx_poly_seq_scheme.pdb_strand_id 
_pdbx_poly_seq_scheme.pdb_ins_code 
_pdbx_poly_seq_scheme.hetero 
A 1 1  MSE 1  1  ?  ?   ?   A . n 
A 1 2  SER 2  2  ?  ?   ?   A . n 
A 1 3  LEU 3  3  ?  ?   ?   A . n 
A 1 4  ALA 4  4  ?  ?   ?   A . n 
A 1 5  MSE 5  5  5  MSE MSE A . n 
A 1 6  GLN 6  6  6  GLN GLN A . n 
A 1 7  ASP 7  7  7  ASP ASP A . n 
A 1 8  PHE 8  8  8  PHE PHE A . n 
A 1 9  ARG 9  9  9  ARG ARG A . n 
A 1 10 PRO 10 10 10 PRO PRO A . n 
A 1 11 GLY 11 11 11 GLY GLY A . n 
A 1 12 VAL 12 12 12 VAL VAL A . n 
A 1 13 TYR 13 13 13 TYR TYR A . n 
A 1 14 ARG 14 14 14 ARG ARG A . n 
A 1 15 HIS 15 15 15 HIS HIS A . n 
A 1 16 TYR 16 16 16 TYR TYR A . n 
A 1 17 LYS 17 17 17 LYS LYS A . n 
A 1 18 GLY 18 18 18 GLY GLY A . n 
A 1 19 ASP 19 19 19 ASP ASP A . n 
A 1 20 HIS 20 20 20 HIS HIS A . n 
A 1 21 TYR 21 21 21 TYR TYR A . n 
A 1 22 LEU 22 22 22 LEU LEU A . n 
A 1 23 ALA 23 23 23 ALA ALA A . n 
A 1 24 LEU 24 24 24 LEU LEU A . n 
A 1 25 GLY 25 25 25 GLY GLY A . n 
A 1 26 LEU 26 26 26 LEU LEU A . n 
A 1 27 ALA 27 27 27 ALA ALA A . n 
A 1 28 ARG 28 28 28 ARG ARG A . n 
A 1 29 ALA 29 29 29 ALA ALA A . n 
A 1 30 ASP 30 30 30 ASP ASP A . n 
A 1 31 GLU 31 31 31 GLU GLU A . n 
A 1 32 THR 32 32 32 THR THR A . n 
A 1 33 ASP 33 33 33 ASP ASP A . n 
A 1 34 GLU 34 34 34 GLU GLU A . n 
A 1 35 VAL 35 35 35 VAL VAL A . n 
A 1 36 VAL 36 36 36 VAL VAL A . n 
A 1 37 VAL 37 37 37 VAL VAL A . n 
A 1 38 VAL 38 38 38 VAL VAL A . n 
A 1 39 TYR 39 39 39 TYR TYR A . n 
A 1 40 THR 40 40 40 THR THR A . n 
A 1 41 ARG 41 41 41 ARG ARG A . n 
A 1 42 LEU 42 42 42 LEU LEU A . n 
A 1 43 TYR 43 43 43 TYR TYR A . n 
A 1 44 ALA 44 44 44 ALA ALA A . n 
A 1 45 ARG 45 45 45 ARG ARG A . n 
A 1 46 ALA 46 46 46 ALA ALA A . n 
A 1 47 GLY 47 47 47 GLY GLY A . n 
A 1 48 LEU 48 48 48 LEU LEU A . n 
A 1 49 PRO 49 49 49 PRO PRO A . n 
A 1 50 MSE 50 50 50 MSE MSE A . n 
A 1 51 SER 51 51 51 SER SER A . n 
A 1 52 THR 52 52 52 THR THR A . n 
A 1 53 ARG 53 53 53 ARG ARG A . n 
A 1 54 LEU 54 54 54 LEU LEU A . n 
A 1 55 LEU 55 55 55 LEU LEU A . n 
A 1 56 ARG 56 56 56 ARG ARG A . n 
A 1 57 ILE 57 57 57 ILE ILE A . n 
A 1 58 TRP 58 58 58 TRP TRP A . n 
A 1 59 ASN 59 59 59 ASN ASN A . n 
A 1 60 GLU 60 60 60 GLU GLU A . n 
A 1 61 THR 61 61 61 THR THR A . n 
A 1 62 VAL 62 62 62 VAL VAL A . n 
A 1 63 ASP 63 63 63 ASP ASP A . n 
A 1 64 THR 64 64 64 THR THR A . n 
A 1 65 GLY 65 65 65 GLY GLY A . n 
A 1 66 ALA 66 66 66 ALA ALA A . n 
A 1 67 GLY 67 67 67 GLY GLY A . n 
A 1 68 PRO 68 68 68 PRO PRO A . n 
A 1 69 GLN 69 69 69 GLN GLN A . n 
A 1 70 PRO 70 70 70 PRO PRO A . n 
A 1 71 ARG 71 71 71 ARG ARG A . n 
A 1 72 PHE 72 72 72 PHE PHE A . n 
A 1 73 ALA 73 73 73 ALA ALA A . n 
A 1 74 TYR 74 74 74 TYR TYR A . n 
A 1 75 VAL 75 75 75 VAL VAL A . n 
A 1 76 GLY 76 76 76 GLY GLY A . n 
A 1 77 HIS 77 77 77 HIS HIS A . n 
A 1 78 VAL 78 78 78 VAL VAL A . n 
A 1 79 THR 79 79 79 THR THR A . n 
A 1 80 PRO 80 80 80 PRO PRO A . n 
A 1 81 GLU 81 81 81 GLU GLU A . n 
A 1 82 GLN 82 82 ?  ?   ?   A . n 
A 1 83 GLY 83 83 ?  ?   ?   A . n 
A 1 84 GLU 84 84 ?  ?   ?   A . n 
A 1 85 GLY 85 85 ?  ?   ?   A . n 
A 1 86 HIS 86 86 ?  ?   ?   A . n 
A 1 87 HIS 87 87 ?  ?   ?   A . n 
A 1 88 HIS 88 88 ?  ?   ?   A . n 
A 1 89 HIS 89 89 ?  ?   ?   A . n 
A 1 90 HIS 90 90 ?  ?   ?   A . n 
A 1 91 HIS 91 91 ?  ?   ?   A . n 
B 1 1  MSE 1  1  ?  ?   ?   B . n 
B 1 2  SER 2  2  ?  ?   ?   B . n 
B 1 3  LEU 3  3  ?  ?   ?   B . n 
B 1 4  ALA 4  4  4  ALA ALA B . n 
B 1 5  MSE 5  5  5  MSE MSE B . n 
B 1 6  GLN 6  6  6  GLN GLN B . n 
B 1 7  ASP 7  7  7  ASP ASP B . n 
B 1 8  PHE 8  8  8  PHE PHE B . n 
B 1 9  ARG 9  9  9  ARG ARG B . n 
B 1 10 PRO 10 10 10 PRO PRO B . n 
B 1 11 GLY 11 11 11 GLY GLY B . n 
B 1 12 VAL 12 12 12 VAL VAL B . n 
B 1 13 TYR 13 13 13 TYR TYR B . n 
B 1 14 ARG 14 14 14 ARG ARG B . n 
B 1 15 HIS 15 15 15 HIS HIS B . n 
B 1 16 TYR 16 16 16 TYR TYR B . n 
B 1 17 LYS 17 17 17 LYS LYS B . n 
B 1 18 GLY 18 18 18 GLY GLY B . n 
B 1 19 ASP 19 19 19 ASP ASP B . n 
B 1 20 HIS 20 20 20 HIS HIS B . n 
B 1 21 TYR 21 21 21 TYR TYR B . n 
B 1 22 LEU 22 22 22 LEU LEU B . n 
B 1 23 ALA 23 23 23 ALA ALA B . n 
B 1 24 LEU 24 24 24 LEU LEU B . n 
B 1 25 GLY 25 25 25 GLY GLY B . n 
B 1 26 LEU 26 26 26 LEU LEU B . n 
B 1 27 ALA 27 27 27 ALA ALA B . n 
B 1 28 ARG 28 28 28 ARG ARG B . n 
B 1 29 ALA 29 29 29 ALA ALA B . n 
B 1 30 ASP 30 30 30 ASP ASP B . n 
B 1 31 GLU 31 31 31 GLU GLU B . n 
B 1 32 THR 32 32 32 THR THR B . n 
B 1 33 ASP 33 33 33 ASP ASP B . n 
B 1 34 GLU 34 34 34 GLU GLU B . n 
B 1 35 VAL 35 35 35 VAL VAL B . n 
B 1 36 VAL 36 36 36 VAL VAL B . n 
B 1 37 VAL 37 37 37 VAL VAL B . n 
B 1 38 VAL 38 38 38 VAL VAL B . n 
B 1 39 TYR 39 39 39 TYR TYR B . n 
B 1 40 THR 40 40 40 THR THR B . n 
B 1 41 ARG 41 41 41 ARG ARG B . n 
B 1 42 LEU 42 42 42 LEU LEU B . n 
B 1 43 TYR 43 43 43 TYR TYR B . n 
B 1 44 ALA 44 44 44 ALA ALA B . n 
B 1 45 ARG 45 45 45 ARG ARG B . n 
B 1 46 ALA 46 46 46 ALA ALA B . n 
B 1 47 GLY 47 47 47 GLY GLY B . n 
B 1 48 LEU 48 48 48 LEU LEU B . n 
B 1 49 PRO 49 49 49 PRO PRO B . n 
B 1 50 MSE 50 50 50 MSE MSE B . n 
B 1 51 SER 51 51 51 SER SER B . n 
B 1 52 THR 52 52 52 THR THR B . n 
B 1 53 ARG 53 53 53 ARG ARG B . n 
B 1 54 LEU 54 54 54 LEU LEU B . n 
B 1 55 LEU 55 55 55 LEU LEU B . n 
B 1 56 ARG 56 56 56 ARG ARG B . n 
B 1 57 ILE 57 57 57 ILE ILE B . n 
B 1 58 TRP 58 58 58 TRP TRP B . n 
B 1 59 ASN 59 59 59 ASN ASN B . n 
B 1 60 GLU 60 60 60 GLU GLU B . n 
B 1 61 THR 61 61 61 THR THR B . n 
B 1 62 VAL 62 62 62 VAL VAL B . n 
B 1 63 ASP 63 63 63 ASP ASP B . n 
B 1 64 THR 64 64 64 THR THR B . n 
B 1 65 GLY 65 65 65 GLY GLY B . n 
B 1 66 ALA 66 66 66 ALA ALA B . n 
B 1 67 GLY 67 67 67 GLY GLY B . n 
B 1 68 PRO 68 68 68 PRO PRO B . n 
B 1 69 GLN 69 69 69 GLN GLN B . n 
B 1 70 PRO 70 70 70 PRO PRO B . n 
B 1 71 ARG 71 71 71 ARG ARG B . n 
B 1 72 PHE 72 72 72 PHE PHE B . n 
B 1 73 ALA 73 73 73 ALA ALA B . n 
B 1 74 TYR 74 74 74 TYR TYR B . n 
B 1 75 VAL 75 75 75 VAL VAL B . n 
B 1 76 GLY 76 76 76 GLY GLY B . n 
B 1 77 HIS 77 77 77 HIS HIS B . n 
B 1 78 VAL 78 78 78 VAL VAL B . n 
B 1 79 THR 79 79 79 THR THR B . n 
B 1 80 PRO 80 80 80 PRO PRO B . n 
B 1 81 GLU 81 81 81 GLU GLU B . n 
B 1 82 GLN 82 82 ?  ?   ?   B . n 
B 1 83 GLY 83 83 ?  ?   ?   B . n 
B 1 84 GLU 84 84 ?  ?   ?   B . n 
B 1 85 GLY 85 85 ?  ?   ?   B . n 
B 1 86 HIS 86 86 ?  ?   ?   B . n 
B 1 87 HIS 87 87 ?  ?   ?   B . n 
B 1 88 HIS 88 88 ?  ?   ?   B . n 
B 1 89 HIS 89 89 ?  ?   ?   B . n 
B 1 90 HIS 90 90 ?  ?   ?   B . n 
B 1 91 HIS 91 91 ?  ?   ?   B . n 
# 
loop_
_pdbx_nonpoly_scheme.asym_id 
_pdbx_nonpoly_scheme.entity_id 
_pdbx_nonpoly_scheme.mon_id 
_pdbx_nonpoly_scheme.ndb_seq_num 
_pdbx_nonpoly_scheme.pdb_seq_num 
_pdbx_nonpoly_scheme.auth_seq_num 
_pdbx_nonpoly_scheme.pdb_mon_id 
_pdbx_nonpoly_scheme.auth_mon_id 
_pdbx_nonpoly_scheme.pdb_strand_id 
_pdbx_nonpoly_scheme.pdb_ins_code 
C 2 SO4 1  200 200 SO4 SO4 A . 
D 2 SO4 1  200 200 SO4 SO4 B . 
E 3 HOH 1  201 201 HOH HOH A . 
E 3 HOH 2  202 202 HOH HOH A . 
E 3 HOH 3  203 203 HOH HOH A . 
E 3 HOH 4  204 204 HOH HOH A . 
E 3 HOH 5  205 205 HOH HOH A . 
E 3 HOH 6  206 206 HOH HOH A . 
E 3 HOH 7  207 207 HOH HOH A . 
E 3 HOH 8  208 208 HOH HOH A . 
E 3 HOH 9  209 209 HOH HOH A . 
E 3 HOH 10 210 210 HOH HOH A . 
E 3 HOH 11 211 211 HOH HOH A . 
E 3 HOH 12 212 212 HOH HOH A . 
E 3 HOH 13 213 213 HOH HOH A . 
E 3 HOH 14 214 214 HOH HOH A . 
E 3 HOH 15 215 215 HOH HOH A . 
E 3 HOH 16 216 216 HOH HOH A . 
E 3 HOH 17 217 217 HOH HOH A . 
E 3 HOH 18 218 218 HOH HOH A . 
E 3 HOH 19 219 219 HOH HOH A . 
E 3 HOH 20 220 220 HOH HOH A . 
E 3 HOH 21 221 221 HOH HOH A . 
E 3 HOH 22 222 222 HOH HOH A . 
E 3 HOH 23 223 223 HOH HOH A . 
E 3 HOH 24 224 224 HOH HOH A . 
E 3 HOH 25 225 225 HOH HOH A . 
E 3 HOH 26 226 226 HOH HOH A . 
E 3 HOH 27 227 227 HOH HOH A . 
E 3 HOH 28 228 228 HOH HOH A . 
E 3 HOH 29 229 229 HOH HOH A . 
E 3 HOH 30 230 230 HOH HOH A . 
E 3 HOH 31 231 231 HOH HOH A . 
E 3 HOH 32 232 232 HOH HOH A . 
E 3 HOH 33 233 233 HOH HOH A . 
E 3 HOH 34 234 234 HOH HOH A . 
E 3 HOH 35 235 235 HOH HOH A . 
E 3 HOH 36 236 236 HOH HOH A . 
E 3 HOH 37 237 237 HOH HOH A . 
E 3 HOH 38 238 238 HOH HOH A . 
E 3 HOH 39 239 239 HOH HOH A . 
E 3 HOH 40 241 241 HOH HOH A . 
E 3 HOH 41 242 242 HOH HOH A . 
E 3 HOH 42 243 243 HOH HOH A . 
E 3 HOH 43 244 244 HOH HOH A . 
E 3 HOH 44 245 245 HOH HOH A . 
E 3 HOH 45 246 246 HOH HOH A . 
E 3 HOH 46 247 247 HOH HOH A . 
E 3 HOH 47 248 248 HOH HOH A . 
E 3 HOH 48 249 249 HOH HOH A . 
E 3 HOH 49 250 250 HOH HOH A . 
E 3 HOH 50 251 251 HOH HOH A . 
E 3 HOH 51 252 252 HOH HOH A . 
E 3 HOH 52 253 253 HOH HOH A . 
E 3 HOH 53 254 254 HOH HOH A . 
E 3 HOH 54 255 255 HOH HOH A . 
E 3 HOH 55 256 256 HOH HOH A . 
E 3 HOH 56 257 257 HOH HOH A . 
E 3 HOH 57 258 258 HOH HOH A . 
E 3 HOH 58 259 259 HOH HOH A . 
E 3 HOH 59 260 260 HOH HOH A . 
E 3 HOH 60 261 261 HOH HOH A . 
E 3 HOH 61 262 262 HOH HOH A . 
E 3 HOH 62 263 263 HOH HOH A . 
E 3 HOH 63 264 264 HOH HOH A . 
E 3 HOH 64 265 265 HOH HOH A . 
E 3 HOH 65 266 266 HOH HOH A . 
E 3 HOH 66 267 267 HOH HOH A . 
E 3 HOH 67 268 268 HOH HOH A . 
F 3 HOH 1  240 240 HOH HOH B . 
F 3 HOH 2  241 241 HOH HOH B . 
F 3 HOH 3  242 242 HOH HOH B . 
F 3 HOH 4  243 243 HOH HOH B . 
F 3 HOH 5  244 244 HOH HOH B . 
F 3 HOH 6  245 245 HOH HOH B . 
F 3 HOH 7  246 246 HOH HOH B . 
F 3 HOH 8  247 247 HOH HOH B . 
F 3 HOH 9  248 248 HOH HOH B . 
F 3 HOH 10 249 249 HOH HOH B . 
F 3 HOH 11 250 250 HOH HOH B . 
F 3 HOH 12 251 251 HOH HOH B . 
F 3 HOH 13 252 252 HOH HOH B . 
F 3 HOH 14 253 253 HOH HOH B . 
F 3 HOH 15 254 254 HOH HOH B . 
F 3 HOH 16 255 255 HOH HOH B . 
F 3 HOH 17 256 256 HOH HOH B . 
F 3 HOH 18 257 257 HOH HOH B . 
F 3 HOH 19 258 258 HOH HOH B . 
F 3 HOH 20 259 259 HOH HOH B . 
F 3 HOH 21 260 260 HOH HOH B . 
F 3 HOH 22 261 261 HOH HOH B . 
F 3 HOH 23 262 262 HOH HOH B . 
F 3 HOH 24 263 263 HOH HOH B . 
F 3 HOH 25 264 264 HOH HOH B . 
F 3 HOH 26 265 265 HOH HOH B . 
F 3 HOH 27 266 266 HOH HOH B . 
F 3 HOH 28 267 267 HOH HOH B . 
F 3 HOH 29 268 268 HOH HOH B . 
F 3 HOH 30 269 269 HOH HOH B . 
F 3 HOH 31 270 270 HOH HOH B . 
F 3 HOH 32 271 271 HOH HOH B . 
F 3 HOH 33 272 272 HOH HOH B . 
F 3 HOH 34 273 273 HOH HOH B . 
F 3 HOH 35 274 274 HOH HOH B . 
F 3 HOH 36 275 275 HOH HOH B . 
F 3 HOH 37 276 276 HOH HOH B . 
F 3 HOH 38 277 277 HOH HOH B . 
F 3 HOH 39 278 278 HOH HOH B . 
F 3 HOH 40 279 279 HOH HOH B . 
F 3 HOH 41 280 280 HOH HOH B . 
F 3 HOH 42 281 281 HOH HOH B . 
F 3 HOH 43 282 282 HOH HOH B . 
F 3 HOH 44 283 283 HOH HOH B . 
F 3 HOH 45 284 284 HOH HOH B . 
F 3 HOH 46 285 285 HOH HOH B . 
F 3 HOH 47 286 286 HOH HOH B . 
F 3 HOH 48 287 287 HOH HOH B . 
F 3 HOH 49 288 288 HOH HOH B . 
F 3 HOH 50 289 289 HOH HOH B . 
F 3 HOH 51 290 290 HOH HOH B . 
F 3 HOH 52 291 291 HOH HOH B . 
F 3 HOH 53 292 292 HOH HOH B . 
F 3 HOH 54 293 293 HOH HOH B . 
F 3 HOH 55 294 294 HOH HOH B . 
F 3 HOH 56 295 295 HOH HOH B . 
F 3 HOH 57 296 296 HOH HOH B . 
F 3 HOH 58 298 298 HOH HOH B . 
F 3 HOH 59 299 299 HOH HOH B . 
F 3 HOH 60 300 300 HOH HOH B . 
F 3 HOH 61 301 301 HOH HOH B . 
F 3 HOH 62 302 302 HOH HOH B . 
F 3 HOH 63 303 303 HOH HOH B . 
F 3 HOH 64 304 304 HOH HOH B . 
F 3 HOH 65 305 305 HOH HOH B . 
F 3 HOH 66 306 306 HOH HOH B . 
F 3 HOH 67 307 307 HOH HOH B . 
F 3 HOH 68 308 308 HOH HOH B . 
# 
loop_
_software.name 
_software.classification 
_software.version 
_software.citation_id 
_software.pdbx_ordinal 
CNS      refinement        1.1 ? 1 
CBASS    'data collection' .   ? 2 
HKL-2000 'data reduction'  .   ? 3 
HKL-2000 'data scaling'    .   ? 4 
SHELX    phasing           .   ? 5 
SHARP    phasing           .   ? 6 
ARP/wARP 'model building'  .   ? 7 
# 
_cell.entry_id           3BE3 
_cell.length_a           84.728 
_cell.length_b           84.728 
_cell.length_c           44.582 
_cell.angle_alpha        90.00 
_cell.angle_beta         90.00 
_cell.angle_gamma        120.00 
_cell.Z_PDB              12 
_cell.pdbx_unique_axis   ? 
_cell.length_a_esd       ? 
_cell.length_b_esd       ? 
_cell.length_c_esd       ? 
_cell.angle_alpha_esd    ? 
_cell.angle_beta_esd     ? 
_cell.angle_gamma_esd    ? 
# 
_symmetry.entry_id                         3BE3 
_symmetry.space_group_name_H-M             'P 3 2 1' 
_symmetry.pdbx_full_space_group_name_H-M   ? 
_symmetry.cell_setting                     ? 
_symmetry.Int_Tables_number                150 
_symmetry.space_group_name_Hall            ? 
# 
_exptl.entry_id          3BE3 
_exptl.method            'X-RAY DIFFRACTION' 
_exptl.crystals_number   1 
# 
_exptl_crystal.id                    1 
_exptl_crystal.density_meas          ? 
_exptl_crystal.density_Matthews      2.20 
_exptl_crystal.density_percent_sol   43.97 
_exptl_crystal.description           ? 
_exptl_crystal.F_000                 ? 
_exptl_crystal.preparation           ? 
# 
_exptl_crystal_grow.crystal_id      1 
_exptl_crystal_grow.method          'VAPOR DIFFUSION, SITTING DROP' 
_exptl_crystal_grow.temp            294 
_exptl_crystal_grow.temp_details    ? 
_exptl_crystal_grow.pH              7.5 
_exptl_crystal_grow.pdbx_details    '0.1 M HEPES pH 7.5, 2.0 M Ammonium sulfate, VAPOR DIFFUSION, SITTING DROP, temperature 294K' 
_exptl_crystal_grow.pdbx_pH_range   . 
# 
_diffrn.id                     1 
_diffrn.ambient_temp           100 
_diffrn.ambient_temp_details   ? 
_diffrn.crystal_id             1 
# 
_diffrn_detector.diffrn_id              1 
_diffrn_detector.detector               CCD 
_diffrn_detector.type                   'ADSC QUANTUM 210' 
_diffrn_detector.pdbx_collection_date   2007-11-13 
_diffrn_detector.details                Mirrors 
# 
_diffrn_radiation.diffrn_id                        1 
_diffrn_radiation.wavelength_id                    1 
_diffrn_radiation.pdbx_monochromatic_or_laue_m_l   M 
_diffrn_radiation.monochromator                    'Si(111)' 
_diffrn_radiation.pdbx_diffrn_protocol             'SINGLE WAVELENGTH' 
_diffrn_radiation.pdbx_scattering_type             x-ray 
# 
_diffrn_radiation_wavelength.id           1 
_diffrn_radiation_wavelength.wavelength   0.9790 
_diffrn_radiation_wavelength.wt           1.0 
# 
_diffrn_source.diffrn_id                   1 
_diffrn_source.source                      SYNCHROTRON 
_diffrn_source.type                        'NSLS BEAMLINE X12C' 
_diffrn_source.pdbx_synchrotron_site       NSLS 
_diffrn_source.pdbx_synchrotron_beamline   X12C 
_diffrn_source.pdbx_wavelength             ? 
_diffrn_source.pdbx_wavelength_list        0.9790 
# 
_reflns.entry_id                     3BE3 
_reflns.observed_criterion_sigma_I   0.0 
_reflns.observed_criterion_sigma_F   ? 
_reflns.d_resolution_low             50.00 
_reflns.d_resolution_high            2.04 
_reflns.number_obs                   12048 
_reflns.number_all                   12048 
_reflns.percent_possible_obs         100.0 
_reflns.pdbx_Rmerge_I_obs            0.087 
_reflns.pdbx_Rsym_value              ? 
_reflns.pdbx_netI_over_sigmaI        12.2 
_reflns.B_iso_Wilson_estimate        9.5 
_reflns.pdbx_redundancy              21.6 
_reflns.R_free_details               ? 
_reflns.limit_h_max                  ? 
_reflns.limit_h_min                  ? 
_reflns.limit_k_max                  ? 
_reflns.limit_k_min                  ? 
_reflns.limit_l_max                  ? 
_reflns.limit_l_min                  ? 
_reflns.observed_criterion_F_max     ? 
_reflns.observed_criterion_F_min     ? 
_reflns.pdbx_chi_squared             ? 
_reflns.pdbx_scaling_rejects         ? 
_reflns.pdbx_diffrn_id               1 
_reflns.pdbx_ordinal                 1 
# 
_reflns_shell.d_res_high             2.04 
_reflns_shell.d_res_low              2.11 
_reflns_shell.percent_possible_all   100.0 
_reflns_shell.Rmerge_I_obs           0.304 
_reflns_shell.pdbx_Rsym_value        ? 
_reflns_shell.meanI_over_sigI_obs    2.1 
_reflns_shell.pdbx_redundancy        19.3 
_reflns_shell.percent_possible_obs   ? 
_reflns_shell.number_unique_all      1185 
_reflns_shell.number_measured_all    ? 
_reflns_shell.number_measured_obs    ? 
_reflns_shell.number_unique_obs      ? 
_reflns_shell.pdbx_chi_squared       ? 
_reflns_shell.pdbx_diffrn_id         ? 
_reflns_shell.pdbx_ordinal           1 
# 
_refine.entry_id                                 3BE3 
_refine.ls_number_reflns_obs                     11806 
_refine.ls_number_reflns_all                     11806 
_refine.pdbx_ls_sigma_I                          0 
_refine.pdbx_ls_sigma_F                          0.0 
_refine.pdbx_data_cutoff_high_absF               130435.42 
_refine.pdbx_data_cutoff_low_absF                0.000000 
_refine.pdbx_data_cutoff_high_rms_absF           ? 
_refine.ls_d_res_low                             44.58 
_refine.ls_d_res_high                            2.04 
_refine.ls_percent_reflns_obs                    98.2 
_refine.ls_R_factor_obs                          0.201 
_refine.ls_R_factor_all                          0.201 
_refine.ls_R_factor_R_work                       0.201 
_refine.ls_R_factor_R_free                       0.234 
_refine.ls_R_factor_R_free_error                 0.012 
_refine.ls_R_factor_R_free_error_details         ? 
_refine.ls_percent_reflns_R_free                 3.0 
_refine.ls_number_reflns_R_free                  359 
_refine.ls_number_parameters                     ? 
_refine.ls_number_restraints                     ? 
_refine.occupancy_min                            ? 
_refine.occupancy_max                            ? 
_refine.correlation_coeff_Fo_to_Fc               ? 
_refine.correlation_coeff_Fo_to_Fc_free          ? 
_refine.B_iso_mean                               21.4 
_refine.aniso_B[1][1]                            0.14 
_refine.aniso_B[2][2]                            0.14 
_refine.aniso_B[3][3]                            -0.28 
_refine.aniso_B[1][2]                            0.12 
_refine.aniso_B[1][3]                            0.00 
_refine.aniso_B[2][3]                            0.00 
_refine.solvent_model_details                    'FLAT MODEL' 
_refine.solvent_model_param_ksol                 0.37786 
_refine.solvent_model_param_bsol                 39.7621 
_refine.pdbx_solvent_vdw_probe_radii             ? 
_refine.pdbx_solvent_ion_probe_radii             ? 
_refine.pdbx_solvent_shrinkage_radii             ? 
_refine.pdbx_ls_cross_valid_method               THROUGHOUT 
_refine.details                                  
;Residues listed as missing in Remark 465 are due to lack of electron density. Residues with missing atoms listed in Remark 470 are due to lack of electron density for side chains and modeled as alanines.
;
_refine.pdbx_starting_model                      ? 
_refine.pdbx_method_to_determine_struct          SAD 
_refine.pdbx_isotropic_thermal_model             RESTRAINED 
_refine.pdbx_stereochemistry_target_values       'Engh & Huber' 
_refine.pdbx_stereochem_target_val_spec_case     ? 
_refine.pdbx_R_Free_selection_details            RANDOM 
_refine.pdbx_overall_ESU_R                       ? 
_refine.pdbx_overall_ESU_R_Free                  ? 
_refine.overall_SU_ML                            ? 
_refine.overall_SU_B                             ? 
_refine.ls_redundancy_reflns_obs                 ? 
_refine.B_iso_min                                ? 
_refine.B_iso_max                                ? 
_refine.overall_SU_R_Cruickshank_DPI             ? 
_refine.overall_SU_R_free                        ? 
_refine.ls_wR_factor_R_free                      ? 
_refine.ls_wR_factor_R_work                      ? 
_refine.overall_FOM_free_R_set                   ? 
_refine.overall_FOM_work_R_set                   ? 
_refine.pdbx_refine_id                           'X-RAY DIFFRACTION' 
_refine.pdbx_diffrn_id                           1 
_refine.pdbx_TLS_residual_ADP_flag               ? 
_refine.pdbx_overall_phase_error                 ? 
_refine.pdbx_overall_SU_R_free_Cruickshank_DPI   ? 
_refine.pdbx_overall_SU_R_Blow_DPI               ? 
_refine.pdbx_overall_SU_R_free_Blow_DPI          ? 
# 
_refine_analyze.entry_id                        3BE3 
_refine_analyze.Luzzati_coordinate_error_obs    0.22 
_refine_analyze.Luzzati_sigma_a_obs             0.10 
_refine_analyze.Luzzati_d_res_low_obs           5.00 
_refine_analyze.Luzzati_coordinate_error_free   0.26 
_refine_analyze.Luzzati_sigma_a_free            0.15 
_refine_analyze.Luzzati_d_res_low_free          ? 
_refine_analyze.number_disordered_residues      ? 
_refine_analyze.occupancy_sum_hydrogen          ? 
_refine_analyze.occupancy_sum_non_hydrogen      ? 
_refine_analyze.pdbx_Luzzati_d_res_high_obs     ? 
_refine_analyze.pdbx_refine_id                  'X-RAY DIFFRACTION' 
# 
_refine_hist.pdbx_refine_id                   'X-RAY DIFFRACTION' 
_refine_hist.cycle_id                         LAST 
_refine_hist.pdbx_number_atoms_protein        1243 
_refine_hist.pdbx_number_atoms_nucleic_acid   0 
_refine_hist.pdbx_number_atoms_ligand         10 
_refine_hist.number_atoms_solvent             135 
_refine_hist.number_atoms_total               1388 
_refine_hist.d_res_high                       2.04 
_refine_hist.d_res_low                        44.58 
# 
loop_
_refine_ls_restr.type 
_refine_ls_restr.dev_ideal 
_refine_ls_restr.dev_ideal_target 
_refine_ls_restr.weight 
_refine_ls_restr.number 
_refine_ls_restr.pdbx_refine_id 
_refine_ls_restr.pdbx_restraint_function 
c_bond_d           0.007 ?    ? ? 'X-RAY DIFFRACTION' ? 
c_angle_deg        1.4   ?    ? ? 'X-RAY DIFFRACTION' ? 
c_dihedral_angle_d 24.9  ?    ? ? 'X-RAY DIFFRACTION' ? 
c_improper_angle_d 0.93  ?    ? ? 'X-RAY DIFFRACTION' ? 
c_mcbond_it        1.33  1.50 ? ? 'X-RAY DIFFRACTION' ? 
c_mcangle_it       2.14  2.00 ? ? 'X-RAY DIFFRACTION' ? 
c_scbond_it        2.27  2.00 ? ? 'X-RAY DIFFRACTION' ? 
c_scangle_it       3.27  2.50 ? ? 'X-RAY DIFFRACTION' ? 
# 
_refine_ls_shell.pdbx_total_number_of_bins_used   6 
_refine_ls_shell.d_res_high                       2.04 
_refine_ls_shell.d_res_low                        2.17 
_refine_ls_shell.number_reflns_R_work             1855 
_refine_ls_shell.R_factor_R_work                  0.196 
_refine_ls_shell.percent_reflns_obs               96.8 
_refine_ls_shell.R_factor_R_free                  0.198 
_refine_ls_shell.R_factor_R_free_error            0.029 
_refine_ls_shell.percent_reflns_R_free            2.5 
_refine_ls_shell.number_reflns_R_free             48 
_refine_ls_shell.number_reflns_all                ? 
_refine_ls_shell.R_factor_all                     ? 
_refine_ls_shell.number_reflns_obs                ? 
_refine_ls_shell.redundancy_reflns_obs            ? 
_refine_ls_shell.pdbx_refine_id                   'X-RAY DIFFRACTION' 
# 
loop_
_pdbx_xplor_file.serial_no 
_pdbx_xplor_file.param_file 
_pdbx_xplor_file.topol_file 
_pdbx_xplor_file.pdbx_refine_id 
1 protein_rep.param protein.top 'X-RAY DIFFRACTION' 
2 ion.param         ?           'X-RAY DIFFRACTION' 
3 water_rep.param   ?           'X-RAY DIFFRACTION' 
# 
_struct.entry_id                  3BE3 
_struct.title                     'Crystal structure of a protein belonging to pfam DUF1653 from Bordetella bronchiseptica' 
_struct.pdbx_model_details        ? 
_struct.pdbx_CASP_flag            ? 
_struct.pdbx_model_type_details   ? 
# 
_struct_keywords.entry_id        3BE3 
_struct_keywords.pdbx_keywords   'STRUCTURAL GENOMICS, UNKNOWN FUNCTION' 
_struct_keywords.text            
;10206d, pfam DUF1653, PSI-2, Structural Genomics, Protein Structure Initiative, New York SGX Research Center for Structural Genomics, NYSGXRC, UNKNOWN FUNCTION
;
# 
loop_
_struct_asym.id 
_struct_asym.pdbx_blank_PDB_chainid_flag 
_struct_asym.pdbx_modified 
_struct_asym.entity_id 
_struct_asym.details 
A N N 1 ? 
B N N 1 ? 
C N N 2 ? 
D N N 2 ? 
E N N 3 ? 
F N N 3 ? 
# 
_struct_ref.id                         1 
_struct_ref.db_name                    UNP 
_struct_ref.db_code                    Q7WDN8_BORBR 
_struct_ref.pdbx_db_accession          Q7WDN8 
_struct_ref.entity_id                  1 
_struct_ref.pdbx_seq_one_letter_code   
;AMQDFRPGVYRHYKGDHYLALGLARADETDEVVVVYTRLYARAGLPMSTRLLRIWNETVDTGAGPQPRFAYVGHVTPEQG

;
_struct_ref.pdbx_align_begin           2 
_struct_ref.pdbx_db_isoform            ? 
# 
loop_
_struct_ref_seq.align_id 
_struct_ref_seq.ref_id 
_struct_ref_seq.pdbx_PDB_id_code 
_struct_ref_seq.pdbx_strand_id 
_struct_ref_seq.seq_align_beg 
_struct_ref_seq.pdbx_seq_align_beg_ins_code 
_struct_ref_seq.seq_align_end 
_struct_ref_seq.pdbx_seq_align_end_ins_code 
_struct_ref_seq.pdbx_db_accession 
_struct_ref_seq.db_align_beg 
_struct_ref_seq.pdbx_db_align_beg_ins_code 
_struct_ref_seq.db_align_end 
_struct_ref_seq.pdbx_db_align_end_ins_code 
_struct_ref_seq.pdbx_auth_seq_align_beg 
_struct_ref_seq.pdbx_auth_seq_align_end 
1 1 3BE3 A 4 ? 83 ? Q7WDN8 2 ? 81 ? 4 83 
2 1 3BE3 B 4 ? 83 ? Q7WDN8 2 ? 81 ? 4 83 
# 
loop_
_struct_ref_seq_dif.align_id 
_struct_ref_seq_dif.pdbx_pdb_id_code 
_struct_ref_seq_dif.mon_id 
_struct_ref_seq_dif.pdbx_pdb_strand_id 
_struct_ref_seq_dif.seq_num 
_struct_ref_seq_dif.pdbx_pdb_ins_code 
_struct_ref_seq_dif.pdbx_seq_db_name 
_struct_ref_seq_dif.pdbx_seq_db_accession_code 
_struct_ref_seq_dif.db_mon_id 
_struct_ref_seq_dif.pdbx_seq_db_seq_num 
_struct_ref_seq_dif.details 
_struct_ref_seq_dif.pdbx_auth_seq_num 
_struct_ref_seq_dif.pdbx_ordinal 
1 3BE3 MSE A 1  ? UNP Q7WDN8 ? ? 'expression tag' 1  1  
1 3BE3 SER A 2  ? UNP Q7WDN8 ? ? 'expression tag' 2  2  
1 3BE3 LEU A 3  ? UNP Q7WDN8 ? ? 'expression tag' 3  3  
1 3BE3 GLU A 84 ? UNP Q7WDN8 ? ? 'expression tag' 84 4  
1 3BE3 GLY A 85 ? UNP Q7WDN8 ? ? 'expression tag' 85 5  
1 3BE3 HIS A 86 ? UNP Q7WDN8 ? ? 'expression tag' 86 6  
1 3BE3 HIS A 87 ? UNP Q7WDN8 ? ? 'expression tag' 87 7  
1 3BE3 HIS A 88 ? UNP Q7WDN8 ? ? 'expression tag' 88 8  
1 3BE3 HIS A 89 ? UNP Q7WDN8 ? ? 'expression tag' 89 9  
1 3BE3 HIS A 90 ? UNP Q7WDN8 ? ? 'expression tag' 90 10 
1 3BE3 HIS A 91 ? UNP Q7WDN8 ? ? 'expression tag' 91 11 
2 3BE3 MSE B 1  ? UNP Q7WDN8 ? ? 'expression tag' 1  12 
2 3BE3 SER B 2  ? UNP Q7WDN8 ? ? 'expression tag' 2  13 
2 3BE3 LEU B 3  ? UNP Q7WDN8 ? ? 'expression tag' 3  14 
2 3BE3 GLU B 84 ? UNP Q7WDN8 ? ? 'expression tag' 84 15 
2 3BE3 GLY B 85 ? UNP Q7WDN8 ? ? 'expression tag' 85 16 
2 3BE3 HIS B 86 ? UNP Q7WDN8 ? ? 'expression tag' 86 17 
2 3BE3 HIS B 87 ? UNP Q7WDN8 ? ? 'expression tag' 87 18 
2 3BE3 HIS B 88 ? UNP Q7WDN8 ? ? 'expression tag' 88 19 
2 3BE3 HIS B 89 ? UNP Q7WDN8 ? ? 'expression tag' 89 20 
2 3BE3 HIS B 90 ? UNP Q7WDN8 ? ? 'expression tag' 90 21 
2 3BE3 HIS B 91 ? UNP Q7WDN8 ? ? 'expression tag' 91 22 
# 
loop_
_pdbx_struct_assembly.id 
_pdbx_struct_assembly.details 
_pdbx_struct_assembly.method_details 
_pdbx_struct_assembly.oligomeric_details 
_pdbx_struct_assembly.oligomeric_count 
1 author_and_software_defined_assembly PISA dimeric    2 
2 software_defined_assembly            PISA tetrameric 4 
# 
_pdbx_struct_assembly_prop.biol_id   1 
_pdbx_struct_assembly_prop.type      'ABSA (A^2)' 
_pdbx_struct_assembly_prop.value     1560 
_pdbx_struct_assembly_prop.details   ? 
# 
loop_
_pdbx_struct_assembly_gen.assembly_id 
_pdbx_struct_assembly_gen.oper_expression 
_pdbx_struct_assembly_gen.asym_id_list 
1 1   A,C,E       
1 2   B,D,F       
2 1,2 A,B,C,D,E,F 
# 
loop_
_pdbx_struct_oper_list.id 
_pdbx_struct_oper_list.type 
_pdbx_struct_oper_list.name 
_pdbx_struct_oper_list.symmetry_operation 
_pdbx_struct_oper_list.matrix[1][1] 
_pdbx_struct_oper_list.matrix[1][2] 
_pdbx_struct_oper_list.matrix[1][3] 
_pdbx_struct_oper_list.vector[1] 
_pdbx_struct_oper_list.matrix[2][1] 
_pdbx_struct_oper_list.matrix[2][2] 
_pdbx_struct_oper_list.matrix[2][3] 
_pdbx_struct_oper_list.vector[2] 
_pdbx_struct_oper_list.matrix[3][1] 
_pdbx_struct_oper_list.matrix[3][2] 
_pdbx_struct_oper_list.matrix[3][3] 
_pdbx_struct_oper_list.vector[3] 
1 'identity operation'         1_555 x,y,z         1.0000000000 0.0000000000 0.0000000000  0.0000000000 0.0000000000 1.0000000000  0.0000000000  0.0000000000  0.0000000000  0.0000000000  1.0000000000  0.0000000000  
2 'crystal symmetry operation' 5_675 x-y+1,-y+2,-z 0.5548958219 0.6888189250 -0.4664966403 6.8213758383 0.6888189250 -0.6948531826 -0.2066580344 -5.4752914535 -0.4664966403 -0.2066580344 -0.8600426393 14.6518620442 
# 
_struct_biol.id        1 
_struct_biol.details   ? 
# 
loop_
_struct_conf.conf_type_id 
_struct_conf.id 
_struct_conf.pdbx_PDB_helix_id 
_struct_conf.beg_label_comp_id 
_struct_conf.beg_label_asym_id 
_struct_conf.beg_label_seq_id 
_struct_conf.pdbx_beg_PDB_ins_code 
_struct_conf.end_label_comp_id 
_struct_conf.end_label_asym_id 
_struct_conf.end_label_seq_id 
_struct_conf.pdbx_end_PDB_ins_code 
_struct_conf.beg_auth_comp_id 
_struct_conf.beg_auth_asym_id 
_struct_conf.beg_auth_seq_id 
_struct_conf.end_auth_comp_id 
_struct_conf.end_auth_asym_id 
_struct_conf.end_auth_seq_id 
_struct_conf.pdbx_PDB_helix_class 
_struct_conf.details 
_struct_conf.pdbx_PDB_helix_length 
HELX_P HELX_P1 1 LEU A 55 ? ASN A 59 ? LEU A 55 ASN A 59 1 ? 5 
HELX_P HELX_P2 2 ALA B 4  ? PHE B 8  ? ALA B 4  PHE B 8  5 ? 5 
HELX_P HELX_P3 3 LEU B 55 ? ASN B 59 ? LEU B 55 ASN B 59 1 ? 5 
# 
_struct_conf_type.id          HELX_P 
_struct_conf_type.criteria    ? 
_struct_conf_type.reference   ? 
# 
loop_
_struct_conn.id 
_struct_conn.conn_type_id 
_struct_conn.pdbx_leaving_atom_flag 
_struct_conn.pdbx_PDB_id 
_struct_conn.ptnr1_label_asym_id 
_struct_conn.ptnr1_label_comp_id 
_struct_conn.ptnr1_label_seq_id 
_struct_conn.ptnr1_label_atom_id 
_struct_conn.pdbx_ptnr1_label_alt_id 
_struct_conn.pdbx_ptnr1_PDB_ins_code 
_struct_conn.pdbx_ptnr1_standard_comp_id 
_struct_conn.ptnr1_symmetry 
_struct_conn.ptnr2_label_asym_id 
_struct_conn.ptnr2_label_comp_id 
_struct_conn.ptnr2_label_seq_id 
_struct_conn.ptnr2_label_atom_id 
_struct_conn.pdbx_ptnr2_label_alt_id 
_struct_conn.pdbx_ptnr2_PDB_ins_code 
_struct_conn.ptnr1_auth_asym_id 
_struct_conn.ptnr1_auth_comp_id 
_struct_conn.ptnr1_auth_seq_id 
_struct_conn.ptnr2_auth_asym_id 
_struct_conn.ptnr2_auth_comp_id 
_struct_conn.ptnr2_auth_seq_id 
_struct_conn.ptnr2_symmetry 
_struct_conn.pdbx_ptnr3_label_atom_id 
_struct_conn.pdbx_ptnr3_label_seq_id 
_struct_conn.pdbx_ptnr3_label_comp_id 
_struct_conn.pdbx_ptnr3_label_asym_id 
_struct_conn.pdbx_ptnr3_label_alt_id 
_struct_conn.pdbx_ptnr3_PDB_ins_code 
_struct_conn.details 
_struct_conn.pdbx_dist_value 
_struct_conn.pdbx_value_order 
_struct_conn.pdbx_role 
covale1 covale both ? A MSE 5  C ? ? ? 1_555 A GLN 6  N ? ? A MSE 5  A GLN 6  1_555 ? ? ? ? ? ? ? 1.327 ? ? 
covale2 covale both ? A PRO 49 C ? ? ? 1_555 A MSE 50 N ? ? A PRO 49 A MSE 50 1_555 ? ? ? ? ? ? ? 1.326 ? ? 
covale3 covale both ? A MSE 50 C ? ? ? 1_555 A SER 51 N ? ? A MSE 50 A SER 51 1_555 ? ? ? ? ? ? ? 1.330 ? ? 
covale4 covale both ? B ALA 4  C ? ? ? 1_555 B MSE 5  N ? ? B ALA 4  B MSE 5  1_555 ? ? ? ? ? ? ? 1.329 ? ? 
covale5 covale both ? B MSE 5  C ? ? ? 1_555 B GLN 6  N ? ? B MSE 5  B GLN 6  1_555 ? ? ? ? ? ? ? 1.328 ? ? 
covale6 covale both ? B PRO 49 C ? ? ? 1_555 B MSE 50 N ? ? B PRO 49 B MSE 50 1_555 ? ? ? ? ? ? ? 1.333 ? ? 
covale7 covale both ? B MSE 50 C ? ? ? 1_555 B SER 51 N ? ? B MSE 50 B SER 51 1_555 ? ? ? ? ? ? ? 1.330 ? ? 
# 
_struct_conn_type.id          covale 
_struct_conn_type.criteria    ? 
_struct_conn_type.reference   ? 
# 
loop_
_pdbx_modification_feature.ordinal 
_pdbx_modification_feature.label_comp_id 
_pdbx_modification_feature.label_asym_id 
_pdbx_modification_feature.label_seq_id 
_pdbx_modification_feature.label_alt_id 
_pdbx_modification_feature.modified_residue_label_comp_id 
_pdbx_modification_feature.modified_residue_label_asym_id 
_pdbx_modification_feature.modified_residue_label_seq_id 
_pdbx_modification_feature.modified_residue_label_alt_id 
_pdbx_modification_feature.auth_comp_id 
_pdbx_modification_feature.auth_asym_id 
_pdbx_modification_feature.auth_seq_id 
_pdbx_modification_feature.PDB_ins_code 
_pdbx_modification_feature.symmetry 
_pdbx_modification_feature.modified_residue_auth_comp_id 
_pdbx_modification_feature.modified_residue_auth_asym_id 
_pdbx_modification_feature.modified_residue_auth_seq_id 
_pdbx_modification_feature.modified_residue_PDB_ins_code 
_pdbx_modification_feature.modified_residue_symmetry 
_pdbx_modification_feature.comp_id_linking_atom 
_pdbx_modification_feature.modified_residue_id_linking_atom 
_pdbx_modification_feature.modified_residue_id 
_pdbx_modification_feature.ref_pcm_id 
_pdbx_modification_feature.ref_comp_id 
_pdbx_modification_feature.type 
_pdbx_modification_feature.category 
1 MSE A 5  ? . . . . MSE A 5  ? 1_555 . . . . . . . MET 1 MSE Selenomethionine 'Named protein modification' 
2 MSE A 50 ? . . . . MSE A 50 ? 1_555 . . . . . . . MET 1 MSE Selenomethionine 'Named protein modification' 
3 MSE B 5  ? . . . . MSE B 5  ? 1_555 . . . . . . . MET 1 MSE Selenomethionine 'Named protein modification' 
4 MSE B 50 ? . . . . MSE B 50 ? 1_555 . . . . . . . MET 1 MSE Selenomethionine 'Named protein modification' 
# 
loop_
_struct_sheet.id 
_struct_sheet.type 
_struct_sheet.number_strands 
_struct_sheet.details 
A ? 5 ? 
B ? 2 ? 
C ? 5 ? 
D ? 2 ? 
# 
loop_
_struct_sheet_order.sheet_id 
_struct_sheet_order.range_id_1 
_struct_sheet_order.range_id_2 
_struct_sheet_order.offset 
_struct_sheet_order.sense 
A 1 2 ? anti-parallel 
A 2 3 ? anti-parallel 
A 3 4 ? anti-parallel 
A 4 5 ? anti-parallel 
B 1 2 ? anti-parallel 
C 1 2 ? anti-parallel 
C 2 3 ? anti-parallel 
C 3 4 ? anti-parallel 
C 4 5 ? anti-parallel 
D 1 2 ? anti-parallel 
# 
loop_
_struct_sheet_range.sheet_id 
_struct_sheet_range.id 
_struct_sheet_range.beg_label_comp_id 
_struct_sheet_range.beg_label_asym_id 
_struct_sheet_range.beg_label_seq_id 
_struct_sheet_range.pdbx_beg_PDB_ins_code 
_struct_sheet_range.end_label_comp_id 
_struct_sheet_range.end_label_asym_id 
_struct_sheet_range.end_label_seq_id 
_struct_sheet_range.pdbx_end_PDB_ins_code 
_struct_sheet_range.beg_auth_comp_id 
_struct_sheet_range.beg_auth_asym_id 
_struct_sheet_range.beg_auth_seq_id 
_struct_sheet_range.end_auth_comp_id 
_struct_sheet_range.end_auth_asym_id 
_struct_sheet_range.end_auth_seq_id 
A 1 MSE A 50 ? LEU A 54 ? MSE A 50 LEU A 54 
A 2 GLU A 34 ? ARG A 41 ? GLU A 34 ARG A 41 
A 3 HIS A 20 ? ALA A 29 ? HIS A 20 ALA A 29 
A 4 GLY A 11 ? HIS A 15 ? GLY A 11 HIS A 15 
A 5 PHE A 72 ? GLY A 76 ? PHE A 72 GLY A 76 
B 1 THR A 61 ? THR A 64 ? THR A 61 THR A 64 
B 2 GLY A 67 ? PRO A 70 ? GLY A 67 PRO A 70 
C 1 MSE B 50 ? LEU B 54 ? MSE B 50 LEU B 54 
C 2 VAL B 35 ? ARG B 41 ? VAL B 35 ARG B 41 
C 3 HIS B 20 ? ARG B 28 ? HIS B 20 ARG B 28 
C 4 GLY B 11 ? HIS B 15 ? GLY B 11 HIS B 15 
C 5 PHE B 72 ? GLY B 76 ? PHE B 72 GLY B 76 
D 1 THR B 61 ? THR B 64 ? THR B 61 THR B 64 
D 2 GLY B 67 ? PRO B 70 ? GLY B 67 PRO B 70 
# 
loop_
_pdbx_struct_sheet_hbond.sheet_id 
_pdbx_struct_sheet_hbond.range_id_1 
_pdbx_struct_sheet_hbond.range_id_2 
_pdbx_struct_sheet_hbond.range_1_label_atom_id 
_pdbx_struct_sheet_hbond.range_1_label_comp_id 
_pdbx_struct_sheet_hbond.range_1_label_asym_id 
_pdbx_struct_sheet_hbond.range_1_label_seq_id 
_pdbx_struct_sheet_hbond.range_1_PDB_ins_code 
_pdbx_struct_sheet_hbond.range_1_auth_atom_id 
_pdbx_struct_sheet_hbond.range_1_auth_comp_id 
_pdbx_struct_sheet_hbond.range_1_auth_asym_id 
_pdbx_struct_sheet_hbond.range_1_auth_seq_id 
_pdbx_struct_sheet_hbond.range_2_label_atom_id 
_pdbx_struct_sheet_hbond.range_2_label_comp_id 
_pdbx_struct_sheet_hbond.range_2_label_asym_id 
_pdbx_struct_sheet_hbond.range_2_label_seq_id 
_pdbx_struct_sheet_hbond.range_2_PDB_ins_code 
_pdbx_struct_sheet_hbond.range_2_auth_atom_id 
_pdbx_struct_sheet_hbond.range_2_auth_comp_id 
_pdbx_struct_sheet_hbond.range_2_auth_asym_id 
_pdbx_struct_sheet_hbond.range_2_auth_seq_id 
A 1 2 O ARG A 53 ? O ARG A 53 N VAL A 37 ? N VAL A 37 
A 2 3 O THR A 40 ? O THR A 40 N LEU A 22 ? N LEU A 22 
A 3 4 O ALA A 23 ? O ALA A 23 N GLY A 11 ? N GLY A 11 
A 4 5 N ARG A 14 ? N ARG A 14 O ALA A 73 ? O ALA A 73 
B 1 2 N VAL A 62 ? N VAL A 62 O GLN A 69 ? O GLN A 69 
C 1 2 O ARG B 53 ? O ARG B 53 N VAL B 37 ? N VAL B 37 
C 2 3 O VAL B 36 ? O VAL B 36 N ALA B 27 ? N ALA B 27 
C 3 4 O ALA B 23 ? O ALA B 23 N GLY B 11 ? N GLY B 11 
C 4 5 N VAL B 12 ? N VAL B 12 O GLY B 76 ? O GLY B 76 
D 1 2 N VAL B 62 ? N VAL B 62 O GLN B 69 ? O GLN B 69 
# 
loop_
_struct_site.id 
_struct_site.pdbx_evidence_code 
_struct_site.pdbx_auth_asym_id 
_struct_site.pdbx_auth_comp_id 
_struct_site.pdbx_auth_seq_id 
_struct_site.pdbx_auth_ins_code 
_struct_site.pdbx_num_residues 
_struct_site.details 
AC1 Software A SO4 200 ? 4 'BINDING SITE FOR RESIDUE SO4 A 200' 
AC2 Software B SO4 200 ? 4 'BINDING SITE FOR RESIDUE SO4 B 200' 
# 
loop_
_struct_site_gen.id 
_struct_site_gen.site_id 
_struct_site_gen.pdbx_num_res 
_struct_site_gen.label_comp_id 
_struct_site_gen.label_asym_id 
_struct_site_gen.label_seq_id 
_struct_site_gen.pdbx_auth_ins_code 
_struct_site_gen.auth_comp_id 
_struct_site_gen.auth_asym_id 
_struct_site_gen.auth_seq_id 
_struct_site_gen.label_atom_id 
_struct_site_gen.label_alt_id 
_struct_site_gen.symmetry 
_struct_site_gen.details 
1 AC1 4 HIS A 15 ? HIS A 15 . ? 1_555 ? 
2 AC1 4 TYR A 16 ? TYR A 16 . ? 1_555 ? 
3 AC1 4 ARG A 53 ? ARG A 53 . ? 1_555 ? 
4 AC1 4 ARG A 71 ? ARG A 71 . ? 1_555 ? 
5 AC2 4 HIS B 15 ? HIS B 15 . ? 1_555 ? 
6 AC2 4 TYR B 16 ? TYR B 16 . ? 1_555 ? 
7 AC2 4 ARG B 53 ? ARG B 53 . ? 1_555 ? 
8 AC2 4 ARG B 71 ? ARG B 71 . ? 1_555 ? 
# 
_pdbx_entry_details.entry_id                   3BE3 
_pdbx_entry_details.compound_details           ? 
_pdbx_entry_details.source_details             ? 
_pdbx_entry_details.nonpolymer_details         ? 
_pdbx_entry_details.sequence_details           ? 
_pdbx_entry_details.has_ligand_of_interest     ? 
_pdbx_entry_details.has_protein_modification   Y 
# 
loop_
_pdbx_validate_torsion.id 
_pdbx_validate_torsion.PDB_model_num 
_pdbx_validate_torsion.auth_comp_id 
_pdbx_validate_torsion.auth_asym_id 
_pdbx_validate_torsion.auth_seq_id 
_pdbx_validate_torsion.PDB_ins_code 
_pdbx_validate_torsion.label_alt_id 
_pdbx_validate_torsion.phi 
_pdbx_validate_torsion.psi 
1 1 LEU A 42 ? ? -113.33 53.43   
2 1 LEU B 42 ? ? -115.55 50.84   
3 1 THR B 64 ? ? -94.72  -148.90 
# 
_pdbx_SG_project.id                    1 
_pdbx_SG_project.project_name          'PSI, Protein Structure Initiative' 
_pdbx_SG_project.full_name_of_center   'New York SGX Research Center for Structural Genomics' 
_pdbx_SG_project.initial_of_center     NYSGXRC 
# 
loop_
_pdbx_struct_mod_residue.id 
_pdbx_struct_mod_residue.label_asym_id 
_pdbx_struct_mod_residue.label_comp_id 
_pdbx_struct_mod_residue.label_seq_id 
_pdbx_struct_mod_residue.auth_asym_id 
_pdbx_struct_mod_residue.auth_comp_id 
_pdbx_struct_mod_residue.auth_seq_id 
_pdbx_struct_mod_residue.PDB_ins_code 
_pdbx_struct_mod_residue.parent_comp_id 
_pdbx_struct_mod_residue.details 
1 A MSE 5  A MSE 5  ? MET SELENOMETHIONINE 
2 A MSE 50 A MSE 50 ? MET SELENOMETHIONINE 
3 B MSE 5  B MSE 5  ? MET SELENOMETHIONINE 
4 B MSE 50 B MSE 50 ? MET SELENOMETHIONINE 
# 
loop_
_pdbx_unobs_or_zero_occ_residues.id 
_pdbx_unobs_or_zero_occ_residues.PDB_model_num 
_pdbx_unobs_or_zero_occ_residues.polymer_flag 
_pdbx_unobs_or_zero_occ_residues.occupancy_flag 
_pdbx_unobs_or_zero_occ_residues.auth_asym_id 
_pdbx_unobs_or_zero_occ_residues.auth_comp_id 
_pdbx_unobs_or_zero_occ_residues.auth_seq_id 
_pdbx_unobs_or_zero_occ_residues.PDB_ins_code 
_pdbx_unobs_or_zero_occ_residues.label_asym_id 
_pdbx_unobs_or_zero_occ_residues.label_comp_id 
_pdbx_unobs_or_zero_occ_residues.label_seq_id 
1  1 Y 1 A MSE 1  ? A MSE 1  
2  1 Y 1 A SER 2  ? A SER 2  
3  1 Y 1 A LEU 3  ? A LEU 3  
4  1 Y 1 A ALA 4  ? A ALA 4  
5  1 Y 1 A GLN 82 ? A GLN 82 
6  1 Y 1 A GLY 83 ? A GLY 83 
7  1 Y 1 A GLU 84 ? A GLU 84 
8  1 Y 1 A GLY 85 ? A GLY 85 
9  1 Y 1 A HIS 86 ? A HIS 86 
10 1 Y 1 A HIS 87 ? A HIS 87 
11 1 Y 1 A HIS 88 ? A HIS 88 
12 1 Y 1 A HIS 89 ? A HIS 89 
13 1 Y 1 A HIS 90 ? A HIS 90 
14 1 Y 1 A HIS 91 ? A HIS 91 
15 1 Y 1 B MSE 1  ? B MSE 1  
16 1 Y 1 B SER 2  ? B SER 2  
17 1 Y 1 B LEU 3  ? B LEU 3  
18 1 Y 1 B GLN 82 ? B GLN 82 
19 1 Y 1 B GLY 83 ? B GLY 83 
20 1 Y 1 B GLU 84 ? B GLU 84 
21 1 Y 1 B GLY 85 ? B GLY 85 
22 1 Y 1 B HIS 86 ? B HIS 86 
23 1 Y 1 B HIS 87 ? B HIS 87 
24 1 Y 1 B HIS 88 ? B HIS 88 
25 1 Y 1 B HIS 89 ? B HIS 89 
26 1 Y 1 B HIS 90 ? B HIS 90 
27 1 Y 1 B HIS 91 ? B HIS 91 
# 
loop_
_chem_comp_atom.comp_id 
_chem_comp_atom.atom_id 
_chem_comp_atom.type_symbol 
_chem_comp_atom.pdbx_aromatic_flag 
_chem_comp_atom.pdbx_stereo_config 
_chem_comp_atom.pdbx_ordinal 
ALA N    N  N N 1   
ALA CA   C  N S 2   
ALA C    C  N N 3   
ALA O    O  N N 4   
ALA CB   C  N N 5   
ALA OXT  O  N N 6   
ALA H    H  N N 7   
ALA H2   H  N N 8   
ALA HA   H  N N 9   
ALA HB1  H  N N 10  
ALA HB2  H  N N 11  
ALA HB3  H  N N 12  
ALA HXT  H  N N 13  
ARG N    N  N N 14  
ARG CA   C  N S 15  
ARG C    C  N N 16  
ARG O    O  N N 17  
ARG CB   C  N N 18  
ARG CG   C  N N 19  
ARG CD   C  N N 20  
ARG NE   N  N N 21  
ARG CZ   C  N N 22  
ARG NH1  N  N N 23  
ARG NH2  N  N N 24  
ARG OXT  O  N N 25  
ARG H    H  N N 26  
ARG H2   H  N N 27  
ARG HA   H  N N 28  
ARG HB2  H  N N 29  
ARG HB3  H  N N 30  
ARG HG2  H  N N 31  
ARG HG3  H  N N 32  
ARG HD2  H  N N 33  
ARG HD3  H  N N 34  
ARG HE   H  N N 35  
ARG HH11 H  N N 36  
ARG HH12 H  N N 37  
ARG HH21 H  N N 38  
ARG HH22 H  N N 39  
ARG HXT  H  N N 40  
ASN N    N  N N 41  
ASN CA   C  N S 42  
ASN C    C  N N 43  
ASN O    O  N N 44  
ASN CB   C  N N 45  
ASN CG   C  N N 46  
ASN OD1  O  N N 47  
ASN ND2  N  N N 48  
ASN OXT  O  N N 49  
ASN H    H  N N 50  
ASN H2   H  N N 51  
ASN HA   H  N N 52  
ASN HB2  H  N N 53  
ASN HB3  H  N N 54  
ASN HD21 H  N N 55  
ASN HD22 H  N N 56  
ASN HXT  H  N N 57  
ASP N    N  N N 58  
ASP CA   C  N S 59  
ASP C    C  N N 60  
ASP O    O  N N 61  
ASP CB   C  N N 62  
ASP CG   C  N N 63  
ASP OD1  O  N N 64  
ASP OD2  O  N N 65  
ASP OXT  O  N N 66  
ASP H    H  N N 67  
ASP H2   H  N N 68  
ASP HA   H  N N 69  
ASP HB2  H  N N 70  
ASP HB3  H  N N 71  
ASP HD2  H  N N 72  
ASP HXT  H  N N 73  
GLN N    N  N N 74  
GLN CA   C  N S 75  
GLN C    C  N N 76  
GLN O    O  N N 77  
GLN CB   C  N N 78  
GLN CG   C  N N 79  
GLN CD   C  N N 80  
GLN OE1  O  N N 81  
GLN NE2  N  N N 82  
GLN OXT  O  N N 83  
GLN H    H  N N 84  
GLN H2   H  N N 85  
GLN HA   H  N N 86  
GLN HB2  H  N N 87  
GLN HB3  H  N N 88  
GLN HG2  H  N N 89  
GLN HG3  H  N N 90  
GLN HE21 H  N N 91  
GLN HE22 H  N N 92  
GLN HXT  H  N N 93  
GLU N    N  N N 94  
GLU CA   C  N S 95  
GLU C    C  N N 96  
GLU O    O  N N 97  
GLU CB   C  N N 98  
GLU CG   C  N N 99  
GLU CD   C  N N 100 
GLU OE1  O  N N 101 
GLU OE2  O  N N 102 
GLU OXT  O  N N 103 
GLU H    H  N N 104 
GLU H2   H  N N 105 
GLU HA   H  N N 106 
GLU HB2  H  N N 107 
GLU HB3  H  N N 108 
GLU HG2  H  N N 109 
GLU HG3  H  N N 110 
GLU HE2  H  N N 111 
GLU HXT  H  N N 112 
GLY N    N  N N 113 
GLY CA   C  N N 114 
GLY C    C  N N 115 
GLY O    O  N N 116 
GLY OXT  O  N N 117 
GLY H    H  N N 118 
GLY H2   H  N N 119 
GLY HA2  H  N N 120 
GLY HA3  H  N N 121 
GLY HXT  H  N N 122 
HIS N    N  N N 123 
HIS CA   C  N S 124 
HIS C    C  N N 125 
HIS O    O  N N 126 
HIS CB   C  N N 127 
HIS CG   C  Y N 128 
HIS ND1  N  Y N 129 
HIS CD2  C  Y N 130 
HIS CE1  C  Y N 131 
HIS NE2  N  Y N 132 
HIS OXT  O  N N 133 
HIS H    H  N N 134 
HIS H2   H  N N 135 
HIS HA   H  N N 136 
HIS HB2  H  N N 137 
HIS HB3  H  N N 138 
HIS HD1  H  N N 139 
HIS HD2  H  N N 140 
HIS HE1  H  N N 141 
HIS HE2  H  N N 142 
HIS HXT  H  N N 143 
HOH O    O  N N 144 
HOH H1   H  N N 145 
HOH H2   H  N N 146 
ILE N    N  N N 147 
ILE CA   C  N S 148 
ILE C    C  N N 149 
ILE O    O  N N 150 
ILE CB   C  N S 151 
ILE CG1  C  N N 152 
ILE CG2  C  N N 153 
ILE CD1  C  N N 154 
ILE OXT  O  N N 155 
ILE H    H  N N 156 
ILE H2   H  N N 157 
ILE HA   H  N N 158 
ILE HB   H  N N 159 
ILE HG12 H  N N 160 
ILE HG13 H  N N 161 
ILE HG21 H  N N 162 
ILE HG22 H  N N 163 
ILE HG23 H  N N 164 
ILE HD11 H  N N 165 
ILE HD12 H  N N 166 
ILE HD13 H  N N 167 
ILE HXT  H  N N 168 
LEU N    N  N N 169 
LEU CA   C  N S 170 
LEU C    C  N N 171 
LEU O    O  N N 172 
LEU CB   C  N N 173 
LEU CG   C  N N 174 
LEU CD1  C  N N 175 
LEU CD2  C  N N 176 
LEU OXT  O  N N 177 
LEU H    H  N N 178 
LEU H2   H  N N 179 
LEU HA   H  N N 180 
LEU HB2  H  N N 181 
LEU HB3  H  N N 182 
LEU HG   H  N N 183 
LEU HD11 H  N N 184 
LEU HD12 H  N N 185 
LEU HD13 H  N N 186 
LEU HD21 H  N N 187 
LEU HD22 H  N N 188 
LEU HD23 H  N N 189 
LEU HXT  H  N N 190 
LYS N    N  N N 191 
LYS CA   C  N S 192 
LYS C    C  N N 193 
LYS O    O  N N 194 
LYS CB   C  N N 195 
LYS CG   C  N N 196 
LYS CD   C  N N 197 
LYS CE   C  N N 198 
LYS NZ   N  N N 199 
LYS OXT  O  N N 200 
LYS H    H  N N 201 
LYS H2   H  N N 202 
LYS HA   H  N N 203 
LYS HB2  H  N N 204 
LYS HB3  H  N N 205 
LYS HG2  H  N N 206 
LYS HG3  H  N N 207 
LYS HD2  H  N N 208 
LYS HD3  H  N N 209 
LYS HE2  H  N N 210 
LYS HE3  H  N N 211 
LYS HZ1  H  N N 212 
LYS HZ2  H  N N 213 
LYS HZ3  H  N N 214 
LYS HXT  H  N N 215 
MSE N    N  N N 216 
MSE CA   C  N S 217 
MSE C    C  N N 218 
MSE O    O  N N 219 
MSE OXT  O  N N 220 
MSE CB   C  N N 221 
MSE CG   C  N N 222 
MSE SE   SE N N 223 
MSE CE   C  N N 224 
MSE H    H  N N 225 
MSE H2   H  N N 226 
MSE HA   H  N N 227 
MSE HXT  H  N N 228 
MSE HB2  H  N N 229 
MSE HB3  H  N N 230 
MSE HG2  H  N N 231 
MSE HG3  H  N N 232 
MSE HE1  H  N N 233 
MSE HE2  H  N N 234 
MSE HE3  H  N N 235 
PHE N    N  N N 236 
PHE CA   C  N S 237 
PHE C    C  N N 238 
PHE O    O  N N 239 
PHE CB   C  N N 240 
PHE CG   C  Y N 241 
PHE CD1  C  Y N 242 
PHE CD2  C  Y N 243 
PHE CE1  C  Y N 244 
PHE CE2  C  Y N 245 
PHE CZ   C  Y N 246 
PHE OXT  O  N N 247 
PHE H    H  N N 248 
PHE H2   H  N N 249 
PHE HA   H  N N 250 
PHE HB2  H  N N 251 
PHE HB3  H  N N 252 
PHE HD1  H  N N 253 
PHE HD2  H  N N 254 
PHE HE1  H  N N 255 
PHE HE2  H  N N 256 
PHE HZ   H  N N 257 
PHE HXT  H  N N 258 
PRO N    N  N N 259 
PRO CA   C  N S 260 
PRO C    C  N N 261 
PRO O    O  N N 262 
PRO CB   C  N N 263 
PRO CG   C  N N 264 
PRO CD   C  N N 265 
PRO OXT  O  N N 266 
PRO H    H  N N 267 
PRO HA   H  N N 268 
PRO HB2  H  N N 269 
PRO HB3  H  N N 270 
PRO HG2  H  N N 271 
PRO HG3  H  N N 272 
PRO HD2  H  N N 273 
PRO HD3  H  N N 274 
PRO HXT  H  N N 275 
SER N    N  N N 276 
SER CA   C  N S 277 
SER C    C  N N 278 
SER O    O  N N 279 
SER CB   C  N N 280 
SER OG   O  N N 281 
SER OXT  O  N N 282 
SER H    H  N N 283 
SER H2   H  N N 284 
SER HA   H  N N 285 
SER HB2  H  N N 286 
SER HB3  H  N N 287 
SER HG   H  N N 288 
SER HXT  H  N N 289 
SO4 S    S  N N 290 
SO4 O1   O  N N 291 
SO4 O2   O  N N 292 
SO4 O3   O  N N 293 
SO4 O4   O  N N 294 
THR N    N  N N 295 
THR CA   C  N S 296 
THR C    C  N N 297 
THR O    O  N N 298 
THR CB   C  N R 299 
THR OG1  O  N N 300 
THR CG2  C  N N 301 
THR OXT  O  N N 302 
THR H    H  N N 303 
THR H2   H  N N 304 
THR HA   H  N N 305 
THR HB   H  N N 306 
THR HG1  H  N N 307 
THR HG21 H  N N 308 
THR HG22 H  N N 309 
THR HG23 H  N N 310 
THR HXT  H  N N 311 
TRP N    N  N N 312 
TRP CA   C  N S 313 
TRP C    C  N N 314 
TRP O    O  N N 315 
TRP CB   C  N N 316 
TRP CG   C  Y N 317 
TRP CD1  C  Y N 318 
TRP CD2  C  Y N 319 
TRP NE1  N  Y N 320 
TRP CE2  C  Y N 321 
TRP CE3  C  Y N 322 
TRP CZ2  C  Y N 323 
TRP CZ3  C  Y N 324 
TRP CH2  C  Y N 325 
TRP OXT  O  N N 326 
TRP H    H  N N 327 
TRP H2   H  N N 328 
TRP HA   H  N N 329 
TRP HB2  H  N N 330 
TRP HB3  H  N N 331 
TRP HD1  H  N N 332 
TRP HE1  H  N N 333 
TRP HE3  H  N N 334 
TRP HZ2  H  N N 335 
TRP HZ3  H  N N 336 
TRP HH2  H  N N 337 
TRP HXT  H  N N 338 
TYR N    N  N N 339 
TYR CA   C  N S 340 
TYR C    C  N N 341 
TYR O    O  N N 342 
TYR CB   C  N N 343 
TYR CG   C  Y N 344 
TYR CD1  C  Y N 345 
TYR CD2  C  Y N 346 
TYR CE1  C  Y N 347 
TYR CE2  C  Y N 348 
TYR CZ   C  Y N 349 
TYR OH   O  N N 350 
TYR OXT  O  N N 351 
TYR H    H  N N 352 
TYR H2   H  N N 353 
TYR HA   H  N N 354 
TYR HB2  H  N N 355 
TYR HB3  H  N N 356 
TYR HD1  H  N N 357 
TYR HD2  H  N N 358 
TYR HE1  H  N N 359 
TYR HE2  H  N N 360 
TYR HH   H  N N 361 
TYR HXT  H  N N 362 
VAL N    N  N N 363 
VAL CA   C  N S 364 
VAL C    C  N N 365 
VAL O    O  N N 366 
VAL CB   C  N N 367 
VAL CG1  C  N N 368 
VAL CG2  C  N N 369 
VAL OXT  O  N N 370 
VAL H    H  N N 371 
VAL H2   H  N N 372 
VAL HA   H  N N 373 
VAL HB   H  N N 374 
VAL HG11 H  N N 375 
VAL HG12 H  N N 376 
VAL HG13 H  N N 377 
VAL HG21 H  N N 378 
VAL HG22 H  N N 379 
VAL HG23 H  N N 380 
VAL HXT  H  N N 381 
# 
loop_
_chem_comp_bond.comp_id 
_chem_comp_bond.atom_id_1 
_chem_comp_bond.atom_id_2 
_chem_comp_bond.value_order 
_chem_comp_bond.pdbx_aromatic_flag 
_chem_comp_bond.pdbx_stereo_config 
_chem_comp_bond.pdbx_ordinal 
ALA N   CA   sing N N 1   
ALA N   H    sing N N 2   
ALA N   H2   sing N N 3   
ALA CA  C    sing N N 4   
ALA CA  CB   sing N N 5   
ALA CA  HA   sing N N 6   
ALA C   O    doub N N 7   
ALA C   OXT  sing N N 8   
ALA CB  HB1  sing N N 9   
ALA CB  HB2  sing N N 10  
ALA CB  HB3  sing N N 11  
ALA OXT HXT  sing N N 12  
ARG N   CA   sing N N 13  
ARG N   H    sing N N 14  
ARG N   H2   sing N N 15  
ARG CA  C    sing N N 16  
ARG CA  CB   sing N N 17  
ARG CA  HA   sing N N 18  
ARG C   O    doub N N 19  
ARG C   OXT  sing N N 20  
ARG CB  CG   sing N N 21  
ARG CB  HB2  sing N N 22  
ARG CB  HB3  sing N N 23  
ARG CG  CD   sing N N 24  
ARG CG  HG2  sing N N 25  
ARG CG  HG3  sing N N 26  
ARG CD  NE   sing N N 27  
ARG CD  HD2  sing N N 28  
ARG CD  HD3  sing N N 29  
ARG NE  CZ   sing N N 30  
ARG NE  HE   sing N N 31  
ARG CZ  NH1  sing N N 32  
ARG CZ  NH2  doub N N 33  
ARG NH1 HH11 sing N N 34  
ARG NH1 HH12 sing N N 35  
ARG NH2 HH21 sing N N 36  
ARG NH2 HH22 sing N N 37  
ARG OXT HXT  sing N N 38  
ASN N   CA   sing N N 39  
ASN N   H    sing N N 40  
ASN N   H2   sing N N 41  
ASN CA  C    sing N N 42  
ASN CA  CB   sing N N 43  
ASN CA  HA   sing N N 44  
ASN C   O    doub N N 45  
ASN C   OXT  sing N N 46  
ASN CB  CG   sing N N 47  
ASN CB  HB2  sing N N 48  
ASN CB  HB3  sing N N 49  
ASN CG  OD1  doub N N 50  
ASN CG  ND2  sing N N 51  
ASN ND2 HD21 sing N N 52  
ASN ND2 HD22 sing N N 53  
ASN OXT HXT  sing N N 54  
ASP N   CA   sing N N 55  
ASP N   H    sing N N 56  
ASP N   H2   sing N N 57  
ASP CA  C    sing N N 58  
ASP CA  CB   sing N N 59  
ASP CA  HA   sing N N 60  
ASP C   O    doub N N 61  
ASP C   OXT  sing N N 62  
ASP CB  CG   sing N N 63  
ASP CB  HB2  sing N N 64  
ASP CB  HB3  sing N N 65  
ASP CG  OD1  doub N N 66  
ASP CG  OD2  sing N N 67  
ASP OD2 HD2  sing N N 68  
ASP OXT HXT  sing N N 69  
GLN N   CA   sing N N 70  
GLN N   H    sing N N 71  
GLN N   H2   sing N N 72  
GLN CA  C    sing N N 73  
GLN CA  CB   sing N N 74  
GLN CA  HA   sing N N 75  
GLN C   O    doub N N 76  
GLN C   OXT  sing N N 77  
GLN CB  CG   sing N N 78  
GLN CB  HB2  sing N N 79  
GLN CB  HB3  sing N N 80  
GLN CG  CD   sing N N 81  
GLN CG  HG2  sing N N 82  
GLN CG  HG3  sing N N 83  
GLN CD  OE1  doub N N 84  
GLN CD  NE2  sing N N 85  
GLN NE2 HE21 sing N N 86  
GLN NE2 HE22 sing N N 87  
GLN OXT HXT  sing N N 88  
GLU N   CA   sing N N 89  
GLU N   H    sing N N 90  
GLU N   H2   sing N N 91  
GLU CA  C    sing N N 92  
GLU CA  CB   sing N N 93  
GLU CA  HA   sing N N 94  
GLU C   O    doub N N 95  
GLU C   OXT  sing N N 96  
GLU CB  CG   sing N N 97  
GLU CB  HB2  sing N N 98  
GLU CB  HB3  sing N N 99  
GLU CG  CD   sing N N 100 
GLU CG  HG2  sing N N 101 
GLU CG  HG3  sing N N 102 
GLU CD  OE1  doub N N 103 
GLU CD  OE2  sing N N 104 
GLU OE2 HE2  sing N N 105 
GLU OXT HXT  sing N N 106 
GLY N   CA   sing N N 107 
GLY N   H    sing N N 108 
GLY N   H2   sing N N 109 
GLY CA  C    sing N N 110 
GLY CA  HA2  sing N N 111 
GLY CA  HA3  sing N N 112 
GLY C   O    doub N N 113 
GLY C   OXT  sing N N 114 
GLY OXT HXT  sing N N 115 
HIS N   CA   sing N N 116 
HIS N   H    sing N N 117 
HIS N   H2   sing N N 118 
HIS CA  C    sing N N 119 
HIS CA  CB   sing N N 120 
HIS CA  HA   sing N N 121 
HIS C   O    doub N N 122 
HIS C   OXT  sing N N 123 
HIS CB  CG   sing N N 124 
HIS CB  HB2  sing N N 125 
HIS CB  HB3  sing N N 126 
HIS CG  ND1  sing Y N 127 
HIS CG  CD2  doub Y N 128 
HIS ND1 CE1  doub Y N 129 
HIS ND1 HD1  sing N N 130 
HIS CD2 NE2  sing Y N 131 
HIS CD2 HD2  sing N N 132 
HIS CE1 NE2  sing Y N 133 
HIS CE1 HE1  sing N N 134 
HIS NE2 HE2  sing N N 135 
HIS OXT HXT  sing N N 136 
HOH O   H1   sing N N 137 
HOH O   H2   sing N N 138 
ILE N   CA   sing N N 139 
ILE N   H    sing N N 140 
ILE N   H2   sing N N 141 
ILE CA  C    sing N N 142 
ILE CA  CB   sing N N 143 
ILE CA  HA   sing N N 144 
ILE C   O    doub N N 145 
ILE C   OXT  sing N N 146 
ILE CB  CG1  sing N N 147 
ILE CB  CG2  sing N N 148 
ILE CB  HB   sing N N 149 
ILE CG1 CD1  sing N N 150 
ILE CG1 HG12 sing N N 151 
ILE CG1 HG13 sing N N 152 
ILE CG2 HG21 sing N N 153 
ILE CG2 HG22 sing N N 154 
ILE CG2 HG23 sing N N 155 
ILE CD1 HD11 sing N N 156 
ILE CD1 HD12 sing N N 157 
ILE CD1 HD13 sing N N 158 
ILE OXT HXT  sing N N 159 
LEU N   CA   sing N N 160 
LEU N   H    sing N N 161 
LEU N   H2   sing N N 162 
LEU CA  C    sing N N 163 
LEU CA  CB   sing N N 164 
LEU CA  HA   sing N N 165 
LEU C   O    doub N N 166 
LEU C   OXT  sing N N 167 
LEU CB  CG   sing N N 168 
LEU CB  HB2  sing N N 169 
LEU CB  HB3  sing N N 170 
LEU CG  CD1  sing N N 171 
LEU CG  CD2  sing N N 172 
LEU CG  HG   sing N N 173 
LEU CD1 HD11 sing N N 174 
LEU CD1 HD12 sing N N 175 
LEU CD1 HD13 sing N N 176 
LEU CD2 HD21 sing N N 177 
LEU CD2 HD22 sing N N 178 
LEU CD2 HD23 sing N N 179 
LEU OXT HXT  sing N N 180 
LYS N   CA   sing N N 181 
LYS N   H    sing N N 182 
LYS N   H2   sing N N 183 
LYS CA  C    sing N N 184 
LYS CA  CB   sing N N 185 
LYS CA  HA   sing N N 186 
LYS C   O    doub N N 187 
LYS C   OXT  sing N N 188 
LYS CB  CG   sing N N 189 
LYS CB  HB2  sing N N 190 
LYS CB  HB3  sing N N 191 
LYS CG  CD   sing N N 192 
LYS CG  HG2  sing N N 193 
LYS CG  HG3  sing N N 194 
LYS CD  CE   sing N N 195 
LYS CD  HD2  sing N N 196 
LYS CD  HD3  sing N N 197 
LYS CE  NZ   sing N N 198 
LYS CE  HE2  sing N N 199 
LYS CE  HE3  sing N N 200 
LYS NZ  HZ1  sing N N 201 
LYS NZ  HZ2  sing N N 202 
LYS NZ  HZ3  sing N N 203 
LYS OXT HXT  sing N N 204 
MSE N   CA   sing N N 205 
MSE N   H    sing N N 206 
MSE N   H2   sing N N 207 
MSE CA  C    sing N N 208 
MSE CA  CB   sing N N 209 
MSE CA  HA   sing N N 210 
MSE C   O    doub N N 211 
MSE C   OXT  sing N N 212 
MSE OXT HXT  sing N N 213 
MSE CB  CG   sing N N 214 
MSE CB  HB2  sing N N 215 
MSE CB  HB3  sing N N 216 
MSE CG  SE   sing N N 217 
MSE CG  HG2  sing N N 218 
MSE CG  HG3  sing N N 219 
MSE SE  CE   sing N N 220 
MSE CE  HE1  sing N N 221 
MSE CE  HE2  sing N N 222 
MSE CE  HE3  sing N N 223 
PHE N   CA   sing N N 224 
PHE N   H    sing N N 225 
PHE N   H2   sing N N 226 
PHE CA  C    sing N N 227 
PHE CA  CB   sing N N 228 
PHE CA  HA   sing N N 229 
PHE C   O    doub N N 230 
PHE C   OXT  sing N N 231 
PHE CB  CG   sing N N 232 
PHE CB  HB2  sing N N 233 
PHE CB  HB3  sing N N 234 
PHE CG  CD1  doub Y N 235 
PHE CG  CD2  sing Y N 236 
PHE CD1 CE1  sing Y N 237 
PHE CD1 HD1  sing N N 238 
PHE CD2 CE2  doub Y N 239 
PHE CD2 HD2  sing N N 240 
PHE CE1 CZ   doub Y N 241 
PHE CE1 HE1  sing N N 242 
PHE CE2 CZ   sing Y N 243 
PHE CE2 HE2  sing N N 244 
PHE CZ  HZ   sing N N 245 
PHE OXT HXT  sing N N 246 
PRO N   CA   sing N N 247 
PRO N   CD   sing N N 248 
PRO N   H    sing N N 249 
PRO CA  C    sing N N 250 
PRO CA  CB   sing N N 251 
PRO CA  HA   sing N N 252 
PRO C   O    doub N N 253 
PRO C   OXT  sing N N 254 
PRO CB  CG   sing N N 255 
PRO CB  HB2  sing N N 256 
PRO CB  HB3  sing N N 257 
PRO CG  CD   sing N N 258 
PRO CG  HG2  sing N N 259 
PRO CG  HG3  sing N N 260 
PRO CD  HD2  sing N N 261 
PRO CD  HD3  sing N N 262 
PRO OXT HXT  sing N N 263 
SER N   CA   sing N N 264 
SER N   H    sing N N 265 
SER N   H2   sing N N 266 
SER CA  C    sing N N 267 
SER CA  CB   sing N N 268 
SER CA  HA   sing N N 269 
SER C   O    doub N N 270 
SER C   OXT  sing N N 271 
SER CB  OG   sing N N 272 
SER CB  HB2  sing N N 273 
SER CB  HB3  sing N N 274 
SER OG  HG   sing N N 275 
SER OXT HXT  sing N N 276 
SO4 S   O1   doub N N 277 
SO4 S   O2   doub N N 278 
SO4 S   O3   sing N N 279 
SO4 S   O4   sing N N 280 
THR N   CA   sing N N 281 
THR N   H    sing N N 282 
THR N   H2   sing N N 283 
THR CA  C    sing N N 284 
THR CA  CB   sing N N 285 
THR CA  HA   sing N N 286 
THR C   O    doub N N 287 
THR C   OXT  sing N N 288 
THR CB  OG1  sing N N 289 
THR CB  CG2  sing N N 290 
THR CB  HB   sing N N 291 
THR OG1 HG1  sing N N 292 
THR CG2 HG21 sing N N 293 
THR CG2 HG22 sing N N 294 
THR CG2 HG23 sing N N 295 
THR OXT HXT  sing N N 296 
TRP N   CA   sing N N 297 
TRP N   H    sing N N 298 
TRP N   H2   sing N N 299 
TRP CA  C    sing N N 300 
TRP CA  CB   sing N N 301 
TRP CA  HA   sing N N 302 
TRP C   O    doub N N 303 
TRP C   OXT  sing N N 304 
TRP CB  CG   sing N N 305 
TRP CB  HB2  sing N N 306 
TRP CB  HB3  sing N N 307 
TRP CG  CD1  doub Y N 308 
TRP CG  CD2  sing Y N 309 
TRP CD1 NE1  sing Y N 310 
TRP CD1 HD1  sing N N 311 
TRP CD2 CE2  doub Y N 312 
TRP CD2 CE3  sing Y N 313 
TRP NE1 CE2  sing Y N 314 
TRP NE1 HE1  sing N N 315 
TRP CE2 CZ2  sing Y N 316 
TRP CE3 CZ3  doub Y N 317 
TRP CE3 HE3  sing N N 318 
TRP CZ2 CH2  doub Y N 319 
TRP CZ2 HZ2  sing N N 320 
TRP CZ3 CH2  sing Y N 321 
TRP CZ3 HZ3  sing N N 322 
TRP CH2 HH2  sing N N 323 
TRP OXT HXT  sing N N 324 
TYR N   CA   sing N N 325 
TYR N   H    sing N N 326 
TYR N   H2   sing N N 327 
TYR CA  C    sing N N 328 
TYR CA  CB   sing N N 329 
TYR CA  HA   sing N N 330 
TYR C   O    doub N N 331 
TYR C   OXT  sing N N 332 
TYR CB  CG   sing N N 333 
TYR CB  HB2  sing N N 334 
TYR CB  HB3  sing N N 335 
TYR CG  CD1  doub Y N 336 
TYR CG  CD2  sing Y N 337 
TYR CD1 CE1  sing Y N 338 
TYR CD1 HD1  sing N N 339 
TYR CD2 CE2  doub Y N 340 
TYR CD2 HD2  sing N N 341 
TYR CE1 CZ   doub Y N 342 
TYR CE1 HE1  sing N N 343 
TYR CE2 CZ   sing Y N 344 
TYR CE2 HE2  sing N N 345 
TYR CZ  OH   sing N N 346 
TYR OH  HH   sing N N 347 
TYR OXT HXT  sing N N 348 
VAL N   CA   sing N N 349 
VAL N   H    sing N N 350 
VAL N   H2   sing N N 351 
VAL CA  C    sing N N 352 
VAL CA  CB   sing N N 353 
VAL CA  HA   sing N N 354 
VAL C   O    doub N N 355 
VAL C   OXT  sing N N 356 
VAL CB  CG1  sing N N 357 
VAL CB  CG2  sing N N 358 
VAL CB  HB   sing N N 359 
VAL CG1 HG11 sing N N 360 
VAL CG1 HG12 sing N N 361 
VAL CG1 HG13 sing N N 362 
VAL CG2 HG21 sing N N 363 
VAL CG2 HG22 sing N N 364 
VAL CG2 HG23 sing N N 365 
VAL OXT HXT  sing N N 366 
# 
_atom_sites.entry_id                    3BE3 
_atom_sites.fract_transf_matrix[1][1]   0.01330876 
_atom_sites.fract_transf_matrix[1][2]   0.00176006 
_atom_sites.fract_transf_matrix[1][3]   0.00234457 
_atom_sites.fract_transf_matrix[2][1]   0.00580516 
_atom_sites.fract_transf_matrix[2][2]   -0.00569976 
_atom_sites.fract_transf_matrix[2][3]   0.01093322 
_atom_sites.fract_transf_matrix[3][1]   0.00454743 
_atom_sites.fract_transf_matrix[3][2]   -0.01839482 
_atom_sites.fract_transf_matrix[3][3]   -0.01200422 
_atom_sites.fract_transf_vector[1]      1.440497 
_atom_sites.fract_transf_vector[2]      0.884477 
_atom_sites.fract_transf_vector[3]      0.022074 
# 
loop_
_atom_type.symbol 
C  
N  
O  
S  
SE 
# 
loop_
_atom_site.group_PDB 
_atom_site.id 
_atom_site.type_symbol 
_atom_site.label_atom_id 
_atom_site.label_alt_id 
_atom_site.label_comp_id 
_atom_site.label_asym_id 
_atom_site.label_entity_id 
_atom_site.label_seq_id 
_atom_site.pdbx_PDB_ins_code 
_atom_site.Cartn_x 
_atom_site.Cartn_y 
_atom_site.Cartn_z 
_atom_site.occupancy 
_atom_site.B_iso_or_equiv 
_atom_site.pdbx_formal_charge 
_atom_site.auth_seq_id 
_atom_site.auth_comp_id 
_atom_site.auth_asym_id 
_atom_site.auth_atom_id 
_atom_site.pdbx_PDB_model_num 
HETATM 1    N  N   . MSE A 1 5  ? -8.801  10.386  -0.146  1.00 32.66 ? 5   MSE A N   1 
HETATM 2    C  CA  . MSE A 1 5  ? -8.833  9.041   0.495   1.00 33.70 ? 5   MSE A CA  1 
HETATM 3    C  C   . MSE A 1 5  ? -8.869  7.910   -0.524  1.00 32.94 ? 5   MSE A C   1 
HETATM 4    O  O   . MSE A 1 5  ? -7.921  7.140   -0.647  1.00 34.22 ? 5   MSE A O   1 
HETATM 5    C  CB  . MSE A 1 5  ? -10.065 8.894   1.397   1.00 35.11 ? 5   MSE A CB  1 
HETATM 6    C  CG  . MSE A 1 5  ? -9.878  9.340   2.837   1.00 36.77 ? 5   MSE A CG  1 
HETATM 7    SE SE  . MSE A 1 5  ? -11.317 8.656   3.960   1.00 39.00 ? 5   MSE A SE  1 
HETATM 8    C  CE  . MSE A 1 5  ? -10.590 6.895   4.315   1.00 35.14 ? 5   MSE A CE  1 
ATOM   9    N  N   . GLN A 1 6  ? -9.990  7.799   -1.225  1.00 32.38 ? 6   GLN A N   1 
ATOM   10   C  CA  . GLN A 1 6  ? -10.201 6.747   -2.206  1.00 32.20 ? 6   GLN A CA  1 
ATOM   11   C  C   . GLN A 1 6  ? -9.177  6.651   -3.326  1.00 30.00 ? 6   GLN A C   1 
ATOM   12   O  O   . GLN A 1 6  ? -8.873  5.558   -3.797  1.00 30.21 ? 6   GLN A O   1 
ATOM   13   C  CB  . GLN A 1 6  ? -11.604 6.884   -2.805  1.00 35.99 ? 6   GLN A CB  1 
ATOM   14   C  CG  . GLN A 1 6  ? -12.015 8.304   -3.145  1.00 40.28 ? 6   GLN A CG  1 
ATOM   15   C  CD  . GLN A 1 6  ? -13.426 8.379   -3.697  1.00 44.20 ? 6   GLN A CD  1 
ATOM   16   O  OE1 . GLN A 1 6  ? -14.367 7.836   -3.112  1.00 45.86 ? 6   GLN A OE1 1 
ATOM   17   N  NE2 . GLN A 1 6  ? -13.586 9.062   -4.826  1.00 45.30 ? 6   GLN A NE2 1 
ATOM   18   N  N   . ASP A 1 7  ? -8.644  7.786   -3.757  1.00 27.71 ? 7   ASP A N   1 
ATOM   19   C  CA  . ASP A 1 7  ? -7.673  7.781   -4.842  1.00 27.46 ? 7   ASP A CA  1 
ATOM   20   C  C   . ASP A 1 7  ? -6.211  7.714   -4.399  1.00 24.68 ? 7   ASP A C   1 
ATOM   21   O  O   . ASP A 1 7  ? -5.310  7.801   -5.233  1.00 24.08 ? 7   ASP A O   1 
ATOM   22   C  CB  . ASP A 1 7  ? -7.895  8.999   -5.746  1.00 30.57 ? 7   ASP A CB  1 
ATOM   23   C  CG  . ASP A 1 7  ? -9.289  9.021   -6.351  1.00 32.12 ? 7   ASP A CG  1 
ATOM   24   O  OD1 . ASP A 1 7  ? -9.693  8.009   -6.962  1.00 33.98 ? 7   ASP A OD1 1 
ATOM   25   O  OD2 . ASP A 1 7  ? -9.984  10.047  -6.211  1.00 33.29 ? 7   ASP A OD2 1 
ATOM   26   N  N   . PHE A 1 8  ? -5.968  7.561   -3.099  1.00 21.25 ? 8   PHE A N   1 
ATOM   27   C  CA  . PHE A 1 8  ? -4.591  7.470   -2.622  1.00 18.16 ? 8   PHE A CA  1 
ATOM   28   C  C   . PHE A 1 8  ? -3.995  6.156   -3.105  1.00 16.47 ? 8   PHE A C   1 
ATOM   29   O  O   . PHE A 1 8  ? -4.663  5.122   -3.126  1.00 16.74 ? 8   PHE A O   1 
ATOM   30   C  CB  . PHE A 1 8  ? -4.516  7.506   -1.091  1.00 16.45 ? 8   PHE A CB  1 
ATOM   31   C  CG  . PHE A 1 8  ? -3.108  7.350   -0.548  1.00 14.65 ? 8   PHE A CG  1 
ATOM   32   C  CD1 . PHE A 1 8  ? -2.191  8.394   -0.636  1.00 14.81 ? 8   PHE A CD1 1 
ATOM   33   C  CD2 . PHE A 1 8  ? -2.681  6.141   -0.012  1.00 13.95 ? 8   PHE A CD2 1 
ATOM   34   C  CE1 . PHE A 1 8  ? -0.875  8.243   -0.193  1.00 14.02 ? 8   PHE A CE1 1 
ATOM   35   C  CE2 . PHE A 1 8  ? -1.367  5.977   0.435   1.00 12.54 ? 8   PHE A CE2 1 
ATOM   36   C  CZ  . PHE A 1 8  ? -0.464  7.023   0.340   1.00 12.67 ? 8   PHE A CZ  1 
ATOM   37   N  N   . ARG A 1 9  ? -2.730  6.188   -3.484  1.00 15.30 ? 9   ARG A N   1 
ATOM   38   C  CA  . ARG A 1 9  ? -2.086  4.982   -3.951  1.00 15.42 ? 9   ARG A CA  1 
ATOM   39   C  C   . ARG A 1 9  ? -0.827  4.672   -3.140  1.00 13.13 ? 9   ARG A C   1 
ATOM   40   O  O   . ARG A 1 9  ? 0.176   5.381   -3.243  1.00 11.35 ? 9   ARG A O   1 
ATOM   41   C  CB  . ARG A 1 9  ? -1.741  5.125   -5.437  1.00 19.38 ? 9   ARG A CB  1 
ATOM   42   C  CG  . ARG A 1 9  ? -1.606  3.798   -6.110  1.00 25.83 ? 9   ARG A CG  1 
ATOM   43   C  CD  . ARG A 1 9  ? -1.423  3.904   -7.601  1.00 28.55 ? 9   ARG A CD  1 
ATOM   44   N  NE  . ARG A 1 9  ? -1.183  2.568   -8.129  1.00 31.97 ? 9   ARG A NE  1 
ATOM   45   C  CZ  . ARG A 1 9  ? -0.958  2.286   -9.408  1.00 33.71 ? 9   ARG A CZ  1 
ATOM   46   N  NH1 . ARG A 1 9  ? -0.941  3.257   -10.319 1.00 31.70 ? 9   ARG A NH1 1 
ATOM   47   N  NH2 . ARG A 1 9  ? -0.739  1.030   -9.773  1.00 33.35 ? 9   ARG A NH2 1 
ATOM   48   N  N   . PRO A 1 10 ? -0.872  3.618   -2.305  1.00 11.31 ? 10  PRO A N   1 
ATOM   49   C  CA  . PRO A 1 10 ? 0.313   3.276   -1.514  1.00 11.00 ? 10  PRO A CA  1 
ATOM   50   C  C   . PRO A 1 10 ? 1.397   2.800   -2.483  1.00 11.84 ? 10  PRO A C   1 
ATOM   51   O  O   . PRO A 1 10 ? 1.087   2.346   -3.585  1.00 12.69 ? 10  PRO A O   1 
ATOM   52   C  CB  . PRO A 1 10 ? -0.189  2.156   -0.599  1.00 11.74 ? 10  PRO A CB  1 
ATOM   53   C  CG  . PRO A 1 10 ? -1.662  2.437   -0.480  1.00 11.08 ? 10  PRO A CG  1 
ATOM   54   C  CD  . PRO A 1 10 ? -2.028  2.799   -1.897  1.00 10.60 ? 10  PRO A CD  1 
ATOM   55   N  N   . GLY A 1 11 ? 2.655   2.912   -2.074  1.00 12.07 ? 11  GLY A N   1 
ATOM   56   C  CA  . GLY A 1 11 ? 3.765   2.501   -2.918  1.00 11.36 ? 11  GLY A CA  1 
ATOM   57   C  C   . GLY A 1 11 ? 4.980   3.380   -2.655  1.00 11.54 ? 11  GLY A C   1 
ATOM   58   O  O   . GLY A 1 11 ? 5.059   4.037   -1.610  1.00 10.50 ? 11  GLY A O   1 
ATOM   59   N  N   . VAL A 1 12 ? 5.916   3.414   -3.602  1.00 11.06 ? 12  VAL A N   1 
ATOM   60   C  CA  . VAL A 1 12 ? 7.127   4.224   -3.457  1.00 11.71 ? 12  VAL A CA  1 
ATOM   61   C  C   . VAL A 1 12 ? 6.880   5.665   -3.891  1.00 12.03 ? 12  VAL A C   1 
ATOM   62   O  O   . VAL A 1 12 ? 6.279   5.920   -4.950  1.00 12.55 ? 12  VAL A O   1 
ATOM   63   C  CB  . VAL A 1 12 ? 8.295   3.641   -4.299  1.00 10.47 ? 12  VAL A CB  1 
ATOM   64   C  CG1 . VAL A 1 12 ? 9.546   4.528   -4.174  1.00 9.92  ? 12  VAL A CG1 1 
ATOM   65   C  CG2 . VAL A 1 12 ? 8.615   2.221   -3.821  1.00 12.36 ? 12  VAL A CG2 1 
ATOM   66   N  N   . TYR A 1 13 ? 7.355   6.598   -3.069  1.00 11.34 ? 13  TYR A N   1 
ATOM   67   C  CA  . TYR A 1 13 ? 7.214   8.029   -3.330  1.00 11.42 ? 13  TYR A CA  1 
ATOM   68   C  C   . TYR A 1 13 ? 8.554   8.715   -3.166  1.00 11.87 ? 13  TYR A C   1 
ATOM   69   O  O   . TYR A 1 13 ? 9.396   8.280   -2.381  1.00 10.93 ? 13  TYR A O   1 
ATOM   70   C  CB  . TYR A 1 13 ? 6.251   8.691   -2.336  1.00 10.52 ? 13  TYR A CB  1 
ATOM   71   C  CG  . TYR A 1 13 ? 4.789   8.480   -2.626  1.00 10.77 ? 13  TYR A CG  1 
ATOM   72   C  CD1 . TYR A 1 13 ? 4.176   7.266   -2.371  1.00 9.97  ? 13  TYR A CD1 1 
ATOM   73   C  CD2 . TYR A 1 13 ? 4.022   9.494   -3.180  1.00 9.63  ? 13  TYR A CD2 1 
ATOM   74   C  CE1 . TYR A 1 13 ? 2.818   7.067   -2.660  1.00 8.55  ? 13  TYR A CE1 1 
ATOM   75   C  CE2 . TYR A 1 13 ? 2.677   9.304   -3.478  1.00 9.63  ? 13  TYR A CE2 1 
ATOM   76   C  CZ  . TYR A 1 13 ? 2.078   8.091   -3.221  1.00 9.56  ? 13  TYR A CZ  1 
ATOM   77   O  OH  . TYR A 1 13 ? 0.753   7.894   -3.538  1.00 11.76 ? 13  TYR A OH  1 
ATOM   78   N  N   . ARG A 1 14 ? 8.753   9.789   -3.915  1.00 13.04 ? 14  ARG A N   1 
ATOM   79   C  CA  . ARG A 1 14 ? 9.969   10.568  -3.774  1.00 13.93 ? 14  ARG A CA  1 
ATOM   80   C  C   . ARG A 1 14 ? 9.572   11.896  -3.137  1.00 12.86 ? 14  ARG A C   1 
ATOM   81   O  O   . ARG A 1 14 ? 8.693   12.593  -3.647  1.00 12.58 ? 14  ARG A O   1 
ATOM   82   C  CB  . ARG A 1 14 ? 10.650  10.853  -5.116  1.00 16.83 ? 14  ARG A CB  1 
ATOM   83   C  CG  . ARG A 1 14 ? 11.849  11.789  -4.911  1.00 18.48 ? 14  ARG A CG  1 
ATOM   84   C  CD  . ARG A 1 14 ? 12.539  12.210  -6.201  1.00 18.77 ? 14  ARG A CD  1 
ATOM   85   N  NE  . ARG A 1 14 ? 11.741  13.179  -6.937  1.00 18.28 ? 14  ARG A NE  1 
ATOM   86   C  CZ  . ARG A 1 14 ? 11.011  12.881  -8.002  1.00 18.09 ? 14  ARG A CZ  1 
ATOM   87   N  NH1 . ARG A 1 14 ? 10.997  11.631  -8.453  1.00 17.10 ? 14  ARG A NH1 1 
ATOM   88   N  NH2 . ARG A 1 14 ? 10.291  13.824  -8.596  1.00 18.56 ? 14  ARG A NH2 1 
ATOM   89   N  N   . HIS A 1 15 ? 10.196  12.221  -2.006  1.00 12.53 ? 15  HIS A N   1 
ATOM   90   C  CA  . HIS A 1 15 ? 9.933   13.477  -1.305  1.00 13.25 ? 15  HIS A CA  1 
ATOM   91   C  C   . HIS A 1 15 ? 10.630  14.547  -2.131  1.00 13.30 ? 15  HIS A C   1 
ATOM   92   O  O   . HIS A 1 15 ? 11.661  14.267  -2.750  1.00 13.12 ? 15  HIS A O   1 
ATOM   93   C  CB  . HIS A 1 15 ? 10.527  13.437  0.100   1.00 12.42 ? 15  HIS A CB  1 
ATOM   94   C  CG  . HIS A 1 15 ? 10.299  14.689  0.889   1.00 15.66 ? 15  HIS A CG  1 
ATOM   95   N  ND1 . HIS A 1 15 ? 11.301  15.603  1.145   1.00 15.73 ? 15  HIS A ND1 1 
ATOM   96   C  CD2 . HIS A 1 15 ? 9.185   15.176  1.480   1.00 16.22 ? 15  HIS A CD2 1 
ATOM   97   C  CE1 . HIS A 1 15 ? 10.809  16.595  1.863   1.00 17.85 ? 15  HIS A CE1 1 
ATOM   98   N  NE2 . HIS A 1 15 ? 9.528   16.364  2.082   1.00 17.53 ? 15  HIS A NE2 1 
ATOM   99   N  N   . TYR A 1 16 ? 10.103  15.767  -2.140  1.00 14.16 ? 16  TYR A N   1 
ATOM   100  C  CA  . TYR A 1 16 ? 10.718  16.805  -2.959  1.00 15.74 ? 16  TYR A CA  1 
ATOM   101  C  C   . TYR A 1 16 ? 12.193  17.078  -2.641  1.00 16.02 ? 16  TYR A C   1 
ATOM   102  O  O   . TYR A 1 16 ? 12.912  17.642  -3.464  1.00 16.25 ? 16  TYR A O   1 
ATOM   103  C  CB  . TYR A 1 16 ? 9.898   18.107  -2.915  1.00 16.12 ? 16  TYR A CB  1 
ATOM   104  C  CG  . TYR A 1 16 ? 10.031  18.935  -1.653  1.00 19.64 ? 16  TYR A CG  1 
ATOM   105  C  CD1 . TYR A 1 16 ? 9.257   18.670  -0.528  1.00 18.81 ? 16  TYR A CD1 1 
ATOM   106  C  CD2 . TYR A 1 16 ? 10.917  19.999  -1.592  1.00 20.32 ? 16  TYR A CD2 1 
ATOM   107  C  CE1 . TYR A 1 16 ? 9.369   19.458  0.630   1.00 21.52 ? 16  TYR A CE1 1 
ATOM   108  C  CE2 . TYR A 1 16 ? 11.030  20.789  -0.451  1.00 20.92 ? 16  TYR A CE2 1 
ATOM   109  C  CZ  . TYR A 1 16 ? 10.258  20.520  0.657   1.00 21.55 ? 16  TYR A CZ  1 
ATOM   110  O  OH  . TYR A 1 16 ? 10.369  21.325  1.771   1.00 23.39 ? 16  TYR A OH  1 
ATOM   111  N  N   . LYS A 1 17 ? 12.654  16.688  -1.453  1.00 16.90 ? 17  LYS A N   1 
ATOM   112  C  CA  . LYS A 1 17 ? 14.060  16.899  -1.115  1.00 17.75 ? 17  LYS A CA  1 
ATOM   113  C  C   . LYS A 1 17 ? 14.975  15.795  -1.662  1.00 16.11 ? 17  LYS A C   1 
ATOM   114  O  O   . LYS A 1 17 ? 16.190  15.845  -1.489  1.00 15.70 ? 17  LYS A O   1 
ATOM   115  C  CB  . LYS A 1 17 ? 14.241  17.055  0.404   1.00 20.50 ? 17  LYS A CB  1 
ATOM   116  C  CG  . LYS A 1 17 ? 13.840  18.443  0.908   1.00 24.26 ? 17  LYS A CG  1 
ATOM   117  C  CD  . LYS A 1 17 ? 14.001  18.564  2.419   1.00 27.67 ? 17  LYS A CD  1 
ATOM   118  C  CE  . LYS A 1 17 ? 13.623  19.952  2.907   1.00 30.09 ? 17  LYS A CE  1 
ATOM   119  N  NZ  . LYS A 1 17 ? 13.706  20.065  4.380   1.00 34.09 ? 17  LYS A NZ  1 
ATOM   120  N  N   . GLY A 1 18 ? 14.390  14.791  -2.311  1.00 15.29 ? 18  GLY A N   1 
ATOM   121  C  CA  . GLY A 1 18 ? 15.203  13.743  -2.918  1.00 15.31 ? 18  GLY A CA  1 
ATOM   122  C  C   . GLY A 1 18 ? 15.161  12.310  -2.424  1.00 13.73 ? 18  GLY A C   1 
ATOM   123  O  O   . GLY A 1 18 ? 15.466  11.393  -3.179  1.00 14.47 ? 18  GLY A O   1 
ATOM   124  N  N   . ASP A 1 19 ? 14.779  12.104  -1.171  1.00 14.30 ? 19  ASP A N   1 
ATOM   125  C  CA  . ASP A 1 19 ? 14.741  10.757  -0.611  1.00 13.68 ? 19  ASP A CA  1 
ATOM   126  C  C   . ASP A 1 19 ? 13.472  9.975   -0.909  1.00 14.07 ? 19  ASP A C   1 
ATOM   127  O  O   . ASP A 1 19 ? 12.391  10.551  -1.030  1.00 14.26 ? 19  ASP A O   1 
ATOM   128  C  CB  . ASP A 1 19 ? 14.961  10.828  0.898   1.00 14.01 ? 19  ASP A CB  1 
ATOM   129  C  CG  . ASP A 1 19 ? 16.345  11.328  1.252   1.00 17.19 ? 19  ASP A CG  1 
ATOM   130  O  OD1 . ASP A 1 19 ? 17.319  10.838  0.637   1.00 18.19 ? 19  ASP A OD1 1 
ATOM   131  O  OD2 . ASP A 1 19 ? 16.461  12.195  2.142   1.00 20.03 ? 19  ASP A OD2 1 
ATOM   132  N  N   . HIS A 1 20 ? 13.621  8.656   -1.017  1.00 12.28 ? 20  HIS A N   1 
ATOM   133  C  CA  . HIS A 1 20 ? 12.504  7.757   -1.294  1.00 12.37 ? 20  HIS A CA  1 
ATOM   134  C  C   . HIS A 1 20 ? 11.894  7.181   -0.016  1.00 12.03 ? 20  HIS A C   1 
ATOM   135  O  O   . HIS A 1 20 ? 12.594  6.951   0.976   1.00 9.96  ? 20  HIS A O   1 
ATOM   136  C  CB  . HIS A 1 20 ? 12.966  6.635   -2.228  1.00 12.71 ? 20  HIS A CB  1 
ATOM   137  C  CG  . HIS A 1 20 ? 13.460  7.129   -3.553  1.00 16.77 ? 20  HIS A CG  1 
ATOM   138  N  ND1 . HIS A 1 20 ? 12.621  7.425   -4.607  1.00 16.06 ? 20  HIS A ND1 1 
ATOM   139  C  CD2 . HIS A 1 20 ? 14.708  7.472   -3.961  1.00 14.50 ? 20  HIS A CD2 1 
ATOM   140  C  CE1 . HIS A 1 20 ? 13.326  7.933   -5.603  1.00 13.47 ? 20  HIS A CE1 1 
ATOM   141  N  NE2 . HIS A 1 20 ? 14.595  7.972   -5.234  1.00 17.91 ? 20  HIS A NE2 1 
ATOM   142  N  N   . TYR A 1 21 ? 10.581  6.966   -0.057  1.00 11.70 ? 21  TYR A N   1 
ATOM   143  C  CA  . TYR A 1 21 ? 9.825   6.435   1.067   1.00 11.16 ? 21  TYR A CA  1 
ATOM   144  C  C   . TYR A 1 21 ? 8.812   5.428   0.540   1.00 11.39 ? 21  TYR A C   1 
ATOM   145  O  O   . TYR A 1 21 ? 8.357   5.524   -0.605  1.00 10.38 ? 21  TYR A O   1 
ATOM   146  C  CB  . TYR A 1 21 ? 9.058   7.564   1.778   1.00 11.18 ? 21  TYR A CB  1 
ATOM   147  C  CG  . TYR A 1 21 ? 9.924   8.588   2.476   1.00 12.02 ? 21  TYR A CG  1 
ATOM   148  C  CD1 . TYR A 1 21 ? 10.278  8.440   3.808   1.00 11.83 ? 21  TYR A CD1 1 
ATOM   149  C  CD2 . TYR A 1 21 ? 10.398  9.702   1.803   1.00 11.98 ? 21  TYR A CD2 1 
ATOM   150  C  CE1 . TYR A 1 21 ? 11.091  9.387   4.460   1.00 13.12 ? 21  TYR A CE1 1 
ATOM   151  C  CE2 . TYR A 1 21 ? 11.205  10.653  2.445   1.00 13.26 ? 21  TYR A CE2 1 
ATOM   152  C  CZ  . TYR A 1 21 ? 11.550  10.487  3.769   1.00 13.89 ? 21  TYR A CZ  1 
ATOM   153  O  OH  . TYR A 1 21 ? 12.346  11.416  4.394   1.00 15.16 ? 21  TYR A OH  1 
ATOM   154  N  N   . LEU A 1 22 ? 8.454   4.473   1.389   1.00 9.78  ? 22  LEU A N   1 
ATOM   155  C  CA  . LEU A 1 22 ? 7.470   3.471   1.025   1.00 10.29 ? 22  LEU A CA  1 
ATOM   156  C  C   . LEU A 1 22 ? 6.203   3.725   1.830   1.00 11.91 ? 22  LEU A C   1 
ATOM   157  O  O   . LEU A 1 22 ? 6.189   3.577   3.058   1.00 10.62 ? 22  LEU A O   1 
ATOM   158  C  CB  . LEU A 1 22 ? 7.993   2.061   1.320   1.00 10.59 ? 22  LEU A CB  1 
ATOM   159  C  CG  . LEU A 1 22 ? 6.983   0.900   1.336   1.00 11.08 ? 22  LEU A CG  1 
ATOM   160  C  CD1 . LEU A 1 22 ? 6.346   0.696   -0.042  1.00 10.85 ? 22  LEU A CD1 1 
ATOM   161  C  CD2 . LEU A 1 22 ? 7.699   -0.367  1.814   1.00 9.76  ? 22  LEU A CD2 1 
ATOM   162  N  N   . ALA A 1 23 ? 5.149   4.139   1.136   1.00 11.24 ? 23  ALA A N   1 
ATOM   163  C  CA  . ALA A 1 23 ? 3.872   4.379   1.782   1.00 11.79 ? 23  ALA A CA  1 
ATOM   164  C  C   . ALA A 1 23 ? 3.166   3.035   1.860   1.00 12.75 ? 23  ALA A C   1 
ATOM   165  O  O   . ALA A 1 23 ? 2.852   2.431   0.835   1.00 13.04 ? 23  ALA A O   1 
ATOM   166  C  CB  . ALA A 1 23 ? 3.044   5.368   0.967   1.00 11.56 ? 23  ALA A CB  1 
ATOM   167  N  N   . LEU A 1 24 ? 2.922   2.565   3.080   1.00 12.28 ? 24  LEU A N   1 
ATOM   168  C  CA  . LEU A 1 24 ? 2.266   1.279   3.299   1.00 12.77 ? 24  LEU A CA  1 
ATOM   169  C  C   . LEU A 1 24 ? 0.752   1.361   3.173   1.00 12.82 ? 24  LEU A C   1 
ATOM   170  O  O   . LEU A 1 24 ? 0.094   0.371   2.874   1.00 13.10 ? 24  LEU A O   1 
ATOM   171  C  CB  . LEU A 1 24 ? 2.625   0.742   4.686   1.00 13.52 ? 24  LEU A CB  1 
ATOM   172  C  CG  . LEU A 1 24 ? 4.109   0.481   4.955   1.00 15.53 ? 24  LEU A CG  1 
ATOM   173  C  CD1 . LEU A 1 24 ? 4.303   0.206   6.439   1.00 16.55 ? 24  LEU A CD1 1 
ATOM   174  C  CD2 . LEU A 1 24 ? 4.592   -0.693  4.108   1.00 13.99 ? 24  LEU A CD2 1 
ATOM   175  N  N   . GLY A 1 25 ? 0.202   2.543   3.417   1.00 11.58 ? 25  GLY A N   1 
ATOM   176  C  CA  . GLY A 1 25 ? -1.236  2.722   3.326   1.00 12.38 ? 25  GLY A CA  1 
ATOM   177  C  C   . GLY A 1 25 ? -1.723  3.868   4.186   1.00 10.84 ? 25  GLY A C   1 
ATOM   178  O  O   . GLY A 1 25 ? -0.920  4.636   4.720   1.00 10.58 ? 25  GLY A O   1 
ATOM   179  N  N   . LEU A 1 26 ? -3.041  3.992   4.313   1.00 10.29 ? 26  LEU A N   1 
ATOM   180  C  CA  . LEU A 1 26 ? -3.642  5.044   5.115   1.00 10.88 ? 26  LEU A CA  1 
ATOM   181  C  C   . LEU A 1 26 ? -4.011  4.479   6.481   1.00 10.95 ? 26  LEU A C   1 
ATOM   182  O  O   . LEU A 1 26 ? -4.173  3.268   6.642   1.00 10.33 ? 26  LEU A O   1 
ATOM   183  C  CB  . LEU A 1 26 ? -4.899  5.582   4.422   1.00 10.40 ? 26  LEU A CB  1 
ATOM   184  C  CG  . LEU A 1 26 ? -4.676  6.263   3.071   1.00 11.68 ? 26  LEU A CG  1 
ATOM   185  C  CD1 . LEU A 1 26 ? -6.008  6.735   2.489   1.00 13.26 ? 26  LEU A CD1 1 
ATOM   186  C  CD2 . LEU A 1 26 ? -3.726  7.440   3.253   1.00 10.71 ? 26  LEU A CD2 1 
ATOM   187  N  N   . ALA A 1 27 ? -4.128  5.368   7.463   1.00 12.11 ? 27  ALA A N   1 
ATOM   188  C  CA  . ALA A 1 27 ? -4.493  4.973   8.823   1.00 10.85 ? 27  ALA A CA  1 
ATOM   189  C  C   . ALA A 1 27 ? -5.270  6.090   9.503   1.00 12.05 ? 27  ALA A C   1 
ATOM   190  O  O   . ALA A 1 27 ? -5.240  7.242   9.066   1.00 9.91  ? 27  ALA A O   1 
ATOM   191  C  CB  . ALA A 1 27 ? -3.234  4.644   9.640   1.00 9.69  ? 27  ALA A CB  1 
ATOM   192  N  N   . ARG A 1 28 ? -5.974  5.733   10.572  1.00 11.37 ? 28  ARG A N   1 
ATOM   193  C  CA  . ARG A 1 28 ? -6.750  6.687   11.346  1.00 12.68 ? 28  ARG A CA  1 
ATOM   194  C  C   . ARG A 1 28 ? -5.968  7.033   12.614  1.00 12.50 ? 28  ARG A C   1 
ATOM   195  O  O   . ARG A 1 28 ? -5.644  6.155   13.412  1.00 11.56 ? 28  ARG A O   1 
ATOM   196  C  CB  . ARG A 1 28 ? -8.108  6.079   11.716  1.00 13.67 ? 28  ARG A CB  1 
ATOM   197  C  CG  . ARG A 1 28 ? -8.925  6.881   12.732  1.00 19.85 ? 28  ARG A CG  1 
ATOM   198  C  CD  . ARG A 1 28 ? -10.205 6.140   13.150  1.00 24.25 ? 28  ARG A CD  1 
ATOM   199  N  NE  . ARG A 1 28 ? -10.521 6.369   14.562  1.00 31.13 ? 28  ARG A NE  1 
ATOM   200  C  CZ  . ARG A 1 28 ? -9.921  5.736   15.568  1.00 30.86 ? 28  ARG A CZ  1 
ATOM   201  N  NH1 . ARG A 1 28 ? -8.984  4.830   15.322  1.00 31.71 ? 28  ARG A NH1 1 
ATOM   202  N  NH2 . ARG A 1 28 ? -10.246 6.019   16.824  1.00 31.61 ? 28  ARG A NH2 1 
ATOM   203  N  N   . ALA A 1 29 ? -5.633  8.308   12.772  1.00 12.56 ? 29  ALA A N   1 
ATOM   204  C  CA  . ALA A 1 29 ? -4.920  8.762   13.963  1.00 13.42 ? 29  ALA A CA  1 
ATOM   205  C  C   . ALA A 1 29 ? -5.993  8.786   15.043  1.00 15.45 ? 29  ALA A C   1 
ATOM   206  O  O   . ALA A 1 29 ? -6.959  9.538   14.954  1.00 16.37 ? 29  ALA A O   1 
ATOM   207  C  CB  . ALA A 1 29 ? -4.355  10.158  13.738  1.00 15.28 ? 29  ALA A CB  1 
ATOM   208  N  N   . ASP A 1 30 ? -5.821  7.957   16.061  1.00 16.93 ? 30  ASP A N   1 
ATOM   209  C  CA  . ASP A 1 30 ? -6.797  7.839   17.126  1.00 19.27 ? 30  ASP A CA  1 
ATOM   210  C  C   . ASP A 1 30 ? -7.121  9.103   17.924  1.00 20.87 ? 30  ASP A C   1 
ATOM   211  O  O   . ASP A 1 30 ? -8.289  9.358   18.227  1.00 21.66 ? 30  ASP A O   1 
ATOM   212  C  CB  . ASP A 1 30 ? -6.362  6.721   18.072  1.00 22.79 ? 30  ASP A CB  1 
ATOM   213  C  CG  . ASP A 1 30 ? -7.495  6.218   18.934  1.00 27.57 ? 30  ASP A CG  1 
ATOM   214  O  OD1 . ASP A 1 30 ? -7.703  6.781   20.032  1.00 30.75 ? 30  ASP A OD1 1 
ATOM   215  O  OD2 . ASP A 1 30 ? -8.187  5.266   18.504  1.00 29.86 ? 30  ASP A OD2 1 
ATOM   216  N  N   . GLU A 1 31 ? -6.103  9.894   18.255  1.00 20.32 ? 31  GLU A N   1 
ATOM   217  C  CA  . GLU A 1 31 ? -6.306  11.110  19.052  1.00 22.05 ? 31  GLU A CA  1 
ATOM   218  C  C   . GLU A 1 31 ? -7.138  12.215  18.394  1.00 22.76 ? 31  GLU A C   1 
ATOM   219  O  O   . GLU A 1 31 ? -7.854  12.950  19.079  1.00 20.69 ? 31  GLU A O   1 
ATOM   220  C  CB  . GLU A 1 31 ? -4.957  11.720  19.457  1.00 22.54 ? 31  GLU A CB  1 
ATOM   221  C  CG  . GLU A 1 31 ? -4.110  10.900  20.431  1.00 21.41 ? 31  GLU A CG  1 
ATOM   222  C  CD  . GLU A 1 31 ? -3.502  9.664   19.788  1.00 21.47 ? 31  GLU A CD  1 
ATOM   223  O  OE1 . GLU A 1 31 ? -3.302  9.675   18.555  1.00 20.63 ? 31  GLU A OE1 1 
ATOM   224  O  OE2 . GLU A 1 31 ? -3.209  8.694   20.520  1.00 18.58 ? 31  GLU A OE2 1 
ATOM   225  N  N   . THR A 1 32 ? -7.039  12.341  17.073  1.00 22.00 ? 32  THR A N   1 
ATOM   226  C  CA  . THR A 1 32 ? -7.745  13.391  16.347  1.00 21.83 ? 32  THR A CA  1 
ATOM   227  C  C   . THR A 1 32 ? -8.749  12.896  15.305  1.00 22.85 ? 32  THR A C   1 
ATOM   228  O  O   . THR A 1 32 ? -9.511  13.691  14.748  1.00 22.64 ? 32  THR A O   1 
ATOM   229  C  CB  . THR A 1 32 ? -6.733  14.309  15.632  1.00 21.57 ? 32  THR A CB  1 
ATOM   230  O  OG1 . THR A 1 32 ? -5.975  13.532  14.702  1.00 20.33 ? 32  THR A OG1 1 
ATOM   231  C  CG2 . THR A 1 32 ? -5.780  14.952  16.636  1.00 20.87 ? 32  THR A CG2 1 
ATOM   232  N  N   . ASP A 1 33 ? -8.741  11.591  15.049  1.00 22.69 ? 33  ASP A N   1 
ATOM   233  C  CA  . ASP A 1 33 ? -9.627  10.971  14.068  1.00 24.21 ? 33  ASP A CA  1 
ATOM   234  C  C   . ASP A 1 33 ? -9.344  11.471  12.652  1.00 22.66 ? 33  ASP A C   1 
ATOM   235  O  O   . ASP A 1 33 ? -10.263 11.659  11.853  1.00 24.02 ? 33  ASP A O   1 
ATOM   236  C  CB  . ASP A 1 33 ? -11.091 11.239  14.431  1.00 28.06 ? 33  ASP A CB  1 
ATOM   237  C  CG  . ASP A 1 33 ? -11.965 10.013  14.250  1.00 30.74 ? 33  ASP A CG  1 
ATOM   238  O  OD1 . ASP A 1 33 ? -11.593 8.941   14.778  1.00 33.95 ? 33  ASP A OD1 1 
ATOM   239  O  OD2 . ASP A 1 33 ? -13.023 10.114  13.593  1.00 37.19 ? 33  ASP A OD2 1 
ATOM   240  N  N   . GLU A 1 34 ? -8.068  11.685  12.338  1.00 19.80 ? 34  GLU A N   1 
ATOM   241  C  CA  . GLU A 1 34 ? -7.685  12.173  11.019  1.00 17.90 ? 34  GLU A CA  1 
ATOM   242  C  C   . GLU A 1 34 ? -6.961  11.116  10.184  1.00 14.26 ? 34  GLU A C   1 
ATOM   243  O  O   . GLU A 1 34 ? -6.368  10.184  10.724  1.00 13.58 ? 34  GLU A O   1 
ATOM   244  C  CB  . GLU A 1 34 ? -6.818  13.430  11.177  1.00 19.71 ? 34  GLU A CB  1 
ATOM   245  C  CG  . GLU A 1 34 ? -7.520  14.551  11.940  1.00 22.69 ? 34  GLU A CG  1 
ATOM   246  C  CD  . GLU A 1 34 ? -6.599  15.721  12.228  1.00 23.38 ? 34  GLU A CD  1 
ATOM   247  O  OE1 . GLU A 1 34 ? -5.533  15.494  12.842  1.00 24.31 ? 34  GLU A OE1 1 
ATOM   248  O  OE2 . GLU A 1 34 ? -6.934  16.866  11.849  1.00 25.01 ? 34  GLU A OE2 1 
ATOM   249  N  N   . VAL A 1 35 ? -7.019  11.266  8.863   1.00 12.08 ? 35  VAL A N   1 
ATOM   250  C  CA  . VAL A 1 35 ? -6.391  10.315  7.950   1.00 11.19 ? 35  VAL A CA  1 
ATOM   251  C  C   . VAL A 1 35 ? -4.907  10.644  7.742   1.00 9.73  ? 35  VAL A C   1 
ATOM   252  O  O   . VAL A 1 35 ? -4.557  11.750  7.326   1.00 11.24 ? 35  VAL A O   1 
ATOM   253  C  CB  . VAL A 1 35 ? -7.127  10.306  6.577   1.00 11.39 ? 35  VAL A CB  1 
ATOM   254  C  CG1 . VAL A 1 35 ? -6.528  9.259   5.663   1.00 7.92  ? 35  VAL A CG1 1 
ATOM   255  C  CG2 . VAL A 1 35 ? -8.607  10.036  6.789   1.00 10.59 ? 35  VAL A CG2 1 
ATOM   256  N  N   . VAL A 1 36 ? -4.043  9.686   8.068   1.00 8.40  ? 36  VAL A N   1 
ATOM   257  C  CA  . VAL A 1 36 ? -2.605  9.858   7.915   1.00 7.88  ? 36  VAL A CA  1 
ATOM   258  C  C   . VAL A 1 36 ? -2.051  8.797   6.978   1.00 9.73  ? 36  VAL A C   1 
ATOM   259  O  O   . VAL A 1 36 ? -2.702  7.789   6.712   1.00 7.12  ? 36  VAL A O   1 
ATOM   260  C  CB  . VAL A 1 36 ? -1.860  9.713   9.268   1.00 8.62  ? 36  VAL A CB  1 
ATOM   261  C  CG1 . VAL A 1 36 ? -2.345  10.781  10.250  1.00 6.02  ? 36  VAL A CG1 1 
ATOM   262  C  CG2 . VAL A 1 36 ? -2.084  8.315   9.841   1.00 7.28  ? 36  VAL A CG2 1 
ATOM   263  N  N   . VAL A 1 37 ? -0.851  9.041   6.468   1.00 9.07  ? 37  VAL A N   1 
ATOM   264  C  CA  . VAL A 1 37 ? -0.187  8.089   5.602   1.00 10.73 ? 37  VAL A CA  1 
ATOM   265  C  C   . VAL A 1 37 ? 0.895   7.463   6.466   1.00 11.29 ? 37  VAL A C   1 
ATOM   266  O  O   . VAL A 1 37 ? 1.598   8.164   7.192   1.00 12.07 ? 37  VAL A O   1 
ATOM   267  C  CB  . VAL A 1 37 ? 0.476   8.784   4.386   1.00 12.17 ? 37  VAL A CB  1 
ATOM   268  C  CG1 . VAL A 1 37 ? 1.264   7.768   3.557   1.00 10.86 ? 37  VAL A CG1 1 
ATOM   269  C  CG2 . VAL A 1 37 ? -0.584  9.451   3.536   1.00 10.24 ? 37  VAL A CG2 1 
ATOM   270  N  N   . VAL A 1 38 ? 1.003   6.140   6.411   1.00 10.34 ? 38  VAL A N   1 
ATOM   271  C  CA  . VAL A 1 38 ? 2.008   5.414   7.165   1.00 9.21  ? 38  VAL A CA  1 
ATOM   272  C  C   . VAL A 1 38 ? 3.101   5.088   6.145   1.00 9.59  ? 38  VAL A C   1 
ATOM   273  O  O   . VAL A 1 38 ? 2.837   4.502   5.098   1.00 9.77  ? 38  VAL A O   1 
ATOM   274  C  CB  . VAL A 1 38 ? 1.398   4.116   7.784   1.00 11.16 ? 38  VAL A CB  1 
ATOM   275  C  CG1 . VAL A 1 38 ? 2.463   3.337   8.543   1.00 11.29 ? 38  VAL A CG1 1 
ATOM   276  C  CG2 . VAL A 1 38 ? 0.255   4.484   8.729   1.00 9.07  ? 38  VAL A CG2 1 
ATOM   277  N  N   . TYR A 1 39 ? 4.330   5.496   6.433   1.00 9.15  ? 39  TYR A N   1 
ATOM   278  C  CA  . TYR A 1 39 ? 5.431   5.258   5.509   1.00 11.77 ? 39  TYR A CA  1 
ATOM   279  C  C   . TYR A 1 39 ? 6.778   5.027   6.187   1.00 12.33 ? 39  TYR A C   1 
ATOM   280  O  O   . TYR A 1 39 ? 7.002   5.472   7.315   1.00 13.09 ? 39  TYR A O   1 
ATOM   281  C  CB  . TYR A 1 39 ? 5.540   6.446   4.538   1.00 11.14 ? 39  TYR A CB  1 
ATOM   282  C  CG  . TYR A 1 39 ? 5.785   7.806   5.174   1.00 10.17 ? 39  TYR A CG  1 
ATOM   283  C  CD1 . TYR A 1 39 ? 7.019   8.440   5.063   1.00 8.80  ? 39  TYR A CD1 1 
ATOM   284  C  CD2 . TYR A 1 39 ? 4.765   8.485   5.835   1.00 9.61  ? 39  TYR A CD2 1 
ATOM   285  C  CE1 . TYR A 1 39 ? 7.236   9.725   5.583   1.00 9.52  ? 39  TYR A CE1 1 
ATOM   286  C  CE2 . TYR A 1 39 ? 4.969   9.775   6.361   1.00 9.06  ? 39  TYR A CE2 1 
ATOM   287  C  CZ  . TYR A 1 39 ? 6.207   10.392  6.226   1.00 10.55 ? 39  TYR A CZ  1 
ATOM   288  O  OH  . TYR A 1 39 ? 6.408   11.686  6.667   1.00 12.53 ? 39  TYR A OH  1 
ATOM   289  N  N   . THR A 1 40 ? 7.670   4.336   5.479   1.00 11.21 ? 40  THR A N   1 
ATOM   290  C  CA  . THR A 1 40 ? 9.008   4.046   5.982   1.00 13.43 ? 40  THR A CA  1 
ATOM   291  C  C   . THR A 1 40 ? 10.036  4.641   5.026   1.00 13.43 ? 40  THR A C   1 
ATOM   292  O  O   . THR A 1 40 ? 9.814   4.696   3.821   1.00 14.38 ? 40  THR A O   1 
ATOM   293  C  CB  . THR A 1 40 ? 9.254   2.521   6.087   1.00 13.74 ? 40  THR A CB  1 
ATOM   294  O  OG1 . THR A 1 40 ? 9.218   1.933   4.781   1.00 14.65 ? 40  THR A OG1 1 
ATOM   295  C  CG2 . THR A 1 40 ? 8.172   1.871   6.929   1.00 17.49 ? 40  THR A CG2 1 
ATOM   296  N  N   . ARG A 1 41 ? 11.170  5.080   5.556   1.00 12.61 ? 41  ARG A N   1 
ATOM   297  C  CA  . ARG A 1 41 ? 12.188  5.675   4.700   1.00 12.12 ? 41  ARG A CA  1 
ATOM   298  C  C   . ARG A 1 41 ? 13.024  4.623   3.988   1.00 13.06 ? 41  ARG A C   1 
ATOM   299  O  O   . ARG A 1 41 ? 13.286  3.545   4.529   1.00 11.22 ? 41  ARG A O   1 
ATOM   300  C  CB  . ARG A 1 41 ? 13.100  6.611   5.504   1.00 11.92 ? 41  ARG A CB  1 
ATOM   301  C  CG  . ARG A 1 41 ? 13.876  5.955   6.631   1.00 14.07 ? 41  ARG A CG  1 
ATOM   302  C  CD  . ARG A 1 41 ? 14.790  6.971   7.312   1.00 14.04 ? 41  ARG A CD  1 
ATOM   303  N  NE  . ARG A 1 41 ? 15.001  6.633   8.720   1.00 14.39 ? 41  ARG A NE  1 
ATOM   304  C  CZ  . ARG A 1 41 ? 15.864  5.720   9.164   1.00 14.65 ? 41  ARG A CZ  1 
ATOM   305  N  NH1 . ARG A 1 41 ? 16.637  5.038   8.320   1.00 12.11 ? 41  ARG A NH1 1 
ATOM   306  N  NH2 . ARG A 1 41 ? 15.927  5.465   10.465  1.00 13.50 ? 41  ARG A NH2 1 
ATOM   307  N  N   . LEU A 1 42 ? 13.432  4.944   2.763   1.00 13.01 ? 42  LEU A N   1 
ATOM   308  C  CA  . LEU A 1 42 ? 14.250  4.038   1.965   1.00 12.35 ? 42  LEU A CA  1 
ATOM   309  C  C   . LEU A 1 42 ? 15.647  4.628   1.758   1.00 13.95 ? 42  LEU A C   1 
ATOM   310  O  O   . LEU A 1 42 ? 16.122  4.779   0.632   1.00 14.20 ? 42  LEU A O   1 
ATOM   311  C  CB  . LEU A 1 42 ? 13.556  3.771   0.621   1.00 11.99 ? 42  LEU A CB  1 
ATOM   312  C  CG  . LEU A 1 42 ? 12.108  3.265   0.735   1.00 12.98 ? 42  LEU A CG  1 
ATOM   313  C  CD1 . LEU A 1 42 ? 11.492  3.107   -0.650  1.00 11.67 ? 42  LEU A CD1 1 
ATOM   314  C  CD2 . LEU A 1 42 ? 12.084  1.937   1.497   1.00 12.61 ? 42  LEU A CD2 1 
ATOM   315  N  N   . TYR A 1 43 ? 16.286  4.989   2.865   1.00 13.68 ? 43  TYR A N   1 
ATOM   316  C  CA  . TYR A 1 43 ? 17.634  5.560   2.854   1.00 16.02 ? 43  TYR A CA  1 
ATOM   317  C  C   . TYR A 1 43 ? 18.139  5.506   4.291   1.00 15.40 ? 43  TYR A C   1 
ATOM   318  O  O   . TYR A 1 43 ? 17.341  5.439   5.223   1.00 15.12 ? 43  TYR A O   1 
ATOM   319  C  CB  . TYR A 1 43 ? 17.610  7.010   2.340   1.00 15.39 ? 43  TYR A CB  1 
ATOM   320  C  CG  . TYR A 1 43 ? 16.897  8.008   3.231   1.00 16.53 ? 43  TYR A CG  1 
ATOM   321  C  CD1 . TYR A 1 43 ? 17.590  8.728   4.196   1.00 16.33 ? 43  TYR A CD1 1 
ATOM   322  C  CD2 . TYR A 1 43 ? 15.533  8.226   3.118   1.00 17.53 ? 43  TYR A CD2 1 
ATOM   323  C  CE1 . TYR A 1 43 ? 16.940  9.642   5.034   1.00 19.73 ? 43  TYR A CE1 1 
ATOM   324  C  CE2 . TYR A 1 43 ? 14.867  9.141   3.952   1.00 18.50 ? 43  TYR A CE2 1 
ATOM   325  C  CZ  . TYR A 1 43 ? 15.577  9.847   4.909   1.00 19.02 ? 43  TYR A CZ  1 
ATOM   326  O  OH  . TYR A 1 43 ? 14.925  10.735  5.740   1.00 22.82 ? 43  TYR A OH  1 
ATOM   327  N  N   . ALA A 1 44 ? 19.453  5.542   4.471   1.00 16.06 ? 44  ALA A N   1 
ATOM   328  C  CA  . ALA A 1 44 ? 20.025  5.456   5.809   1.00 17.20 ? 44  ALA A CA  1 
ATOM   329  C  C   . ALA A 1 44 ? 20.242  6.786   6.522   1.00 17.86 ? 44  ALA A C   1 
ATOM   330  O  O   . ALA A 1 44 ? 20.733  7.754   5.942   1.00 17.43 ? 44  ALA A O   1 
ATOM   331  C  CB  . ALA A 1 44 ? 21.342  4.680   5.749   1.00 17.66 ? 44  ALA A CB  1 
ATOM   332  N  N   . ARG A 1 45 ? 19.860  6.813   7.797   1.00 18.05 ? 45  ARG A N   1 
ATOM   333  C  CA  . ARG A 1 45 ? 20.018  7.969   8.675   1.00 20.70 ? 45  ARG A CA  1 
ATOM   334  C  C   . ARG A 1 45 ? 19.732  7.411   10.062  1.00 20.75 ? 45  ARG A C   1 
ATOM   335  O  O   . ARG A 1 45 ? 19.358  6.245   10.184  1.00 18.24 ? 45  ARG A O   1 
ATOM   336  C  CB  . ARG A 1 45 ? 19.008  9.075   8.335   1.00 24.03 ? 45  ARG A CB  1 
ATOM   337  C  CG  . ARG A 1 45 ? 17.557  8.702   8.559   1.00 26.04 ? 45  ARG A CG  1 
ATOM   338  C  CD  . ARG A 1 45 ? 16.694  9.955   8.697   1.00 31.17 ? 45  ARG A CD  1 
ATOM   339  N  NE  . ARG A 1 45 ? 17.088  10.716  9.878   1.00 35.25 ? 45  ARG A NE  1 
ATOM   340  C  CZ  . ARG A 1 45 ? 16.507  11.838  10.293  1.00 38.67 ? 45  ARG A CZ  1 
ATOM   341  N  NH1 . ARG A 1 45 ? 15.485  12.361  9.627   1.00 39.76 ? 45  ARG A NH1 1 
ATOM   342  N  NH2 . ARG A 1 45 ? 16.950  12.436  11.391  1.00 40.11 ? 45  ARG A NH2 1 
ATOM   343  N  N   . ALA A 1 46 ? 19.892  8.217   11.106  1.00 20.67 ? 46  ALA A N   1 
ATOM   344  C  CA  . ALA A 1 46 ? 19.634  7.738   12.461  1.00 21.16 ? 46  ALA A CA  1 
ATOM   345  C  C   . ALA A 1 46 ? 18.182  7.991   12.877  1.00 21.45 ? 46  ALA A C   1 
ATOM   346  O  O   . ALA A 1 46 ? 17.510  8.866   12.323  1.00 20.66 ? 46  ALA A O   1 
ATOM   347  C  CB  . ALA A 1 46 ? 20.587  8.413   13.455  1.00 21.69 ? 46  ALA A CB  1 
ATOM   348  N  N   . GLY A 1 47 ? 17.699  7.204   13.838  1.00 20.38 ? 47  GLY A N   1 
ATOM   349  C  CA  . GLY A 1 47 ? 16.343  7.377   14.335  1.00 18.55 ? 47  GLY A CA  1 
ATOM   350  C  C   . GLY A 1 47 ? 15.325  6.321   13.928  1.00 17.45 ? 47  GLY A C   1 
ATOM   351  O  O   . GLY A 1 47 ? 15.675  5.274   13.392  1.00 16.84 ? 47  GLY A O   1 
ATOM   352  N  N   . LEU A 1 48 ? 14.057  6.614   14.202  1.00 16.76 ? 48  LEU A N   1 
ATOM   353  C  CA  . LEU A 1 48 ? 12.927  5.731   13.878  1.00 17.00 ? 48  LEU A CA  1 
ATOM   354  C  C   . LEU A 1 48 ? 12.696  5.668   12.368  1.00 16.98 ? 48  LEU A C   1 
ATOM   355  O  O   . LEU A 1 48 ? 12.499  6.691   11.724  1.00 17.36 ? 48  LEU A O   1 
ATOM   356  C  CB  . LEU A 1 48 ? 11.651  6.246   14.563  1.00 16.93 ? 48  LEU A CB  1 
ATOM   357  C  CG  . LEU A 1 48 ? 11.457  5.952   16.057  1.00 16.97 ? 48  LEU A CG  1 
ATOM   358  C  CD1 . LEU A 1 48 ? 10.280  6.766   16.603  1.00 17.13 ? 48  LEU A CD1 1 
ATOM   359  C  CD2 . LEU A 1 48 ? 11.202  4.455   16.252  1.00 15.19 ? 48  LEU A CD2 1 
ATOM   360  N  N   . PRO A 1 49 ? 12.711  4.461   11.780  1.00 17.29 ? 49  PRO A N   1 
ATOM   361  C  CA  . PRO A 1 49 ? 12.496  4.392   10.328  1.00 18.16 ? 49  PRO A CA  1 
ATOM   362  C  C   . PRO A 1 49 ? 11.074  4.595   9.796   1.00 18.16 ? 49  PRO A C   1 
ATOM   363  O  O   . PRO A 1 49 ? 10.894  4.917   8.616   1.00 18.99 ? 49  PRO A O   1 
ATOM   364  C  CB  . PRO A 1 49 ? 13.041  3.018   9.967   1.00 17.56 ? 49  PRO A CB  1 
ATOM   365  C  CG  . PRO A 1 49 ? 12.710  2.204   11.192  1.00 17.65 ? 49  PRO A CG  1 
ATOM   366  C  CD  . PRO A 1 49 ? 13.115  3.148   12.316  1.00 16.10 ? 49  PRO A CD  1 
HETATM 367  N  N   . MSE A 1 50 ? 10.069  4.425   10.644  1.00 15.31 ? 50  MSE A N   1 
HETATM 368  C  CA  . MSE A 1 50 ? 8.690   4.591   10.188  1.00 15.45 ? 50  MSE A CA  1 
HETATM 369  C  C   . MSE A 1 50 ? 8.154   5.953   10.616  1.00 15.56 ? 50  MSE A C   1 
HETATM 370  O  O   . MSE A 1 50 ? 8.529   6.474   11.665  1.00 14.11 ? 50  MSE A O   1 
HETATM 371  C  CB  . MSE A 1 50 ? 7.813   3.454   10.743  1.00 17.09 ? 50  MSE A CB  1 
HETATM 372  C  CG  . MSE A 1 50 ? 6.422   3.323   10.116  1.00 21.83 ? 50  MSE A CG  1 
HETATM 373  SE SE  . MSE A 1 50 ? 5.762   1.467   10.110  1.00 30.97 ? 50  MSE A SE  1 
HETATM 374  C  CE  . MSE A 1 50 ? 6.035   1.017   11.964  1.00 23.02 ? 50  MSE A CE  1 
ATOM   375  N  N   . SER A 1 51 ? 7.281   6.525   9.792   1.00 14.05 ? 51  SER A N   1 
ATOM   376  C  CA  . SER A 1 51 ? 6.688   7.828   10.073  1.00 13.46 ? 51  SER A CA  1 
ATOM   377  C  C   . SER A 1 51 ? 5.234   7.859   9.634   1.00 12.76 ? 51  SER A C   1 
ATOM   378  O  O   . SER A 1 51 ? 4.786   6.994   8.886   1.00 11.82 ? 51  SER A O   1 
ATOM   379  C  CB  . SER A 1 51 ? 7.439   8.927   9.312   1.00 14.89 ? 51  SER A CB  1 
ATOM   380  O  OG  . SER A 1 51 ? 8.827   8.910   9.585   1.00 17.78 ? 51  SER A OG  1 
ATOM   381  N  N   . THR A 1 52 ? 4.494   8.849   10.118  1.00 11.96 ? 52  THR A N   1 
ATOM   382  C  CA  . THR A 1 52 ? 3.108   9.032   9.709   1.00 12.15 ? 52  THR A CA  1 
ATOM   383  C  C   . THR A 1 52 ? 2.999   10.511  9.389   1.00 12.88 ? 52  THR A C   1 
ATOM   384  O  O   . THR A 1 52 ? 3.790   11.329  9.869   1.00 13.43 ? 52  THR A O   1 
ATOM   385  C  CB  . THR A 1 52 ? 2.070   8.678   10.803  1.00 11.96 ? 52  THR A CB  1 
ATOM   386  O  OG1 . THR A 1 52 ? 2.085   9.681   11.827  1.00 15.52 ? 52  THR A OG1 1 
ATOM   387  C  CG2 . THR A 1 52 ? 2.374   7.317   11.401  1.00 10.38 ? 52  THR A CG2 1 
ATOM   388  N  N   . ARG A 1 53 ? 2.014   10.851  8.573   1.00 12.04 ? 53  ARG A N   1 
ATOM   389  C  CA  . ARG A 1 53 ? 1.821   12.224  8.165   1.00 12.29 ? 53  ARG A CA  1 
ATOM   390  C  C   . ARG A 1 53 ? 0.398   12.394  7.643   1.00 11.19 ? 53  ARG A C   1 
ATOM   391  O  O   . ARG A 1 53 ? -0.130  11.506  6.973   1.00 9.92  ? 53  ARG A O   1 
ATOM   392  C  CB  . ARG A 1 53 ? 2.849   12.563  7.073   1.00 13.27 ? 53  ARG A CB  1 
ATOM   393  C  CG  . ARG A 1 53 ? 2.906   14.023  6.693   1.00 19.13 ? 53  ARG A CG  1 
ATOM   394  C  CD  . ARG A 1 53 ? 4.263   14.388  6.074   1.00 21.48 ? 53  ARG A CD  1 
ATOM   395  N  NE  . ARG A 1 53 ? 4.432   15.837  6.078   1.00 26.03 ? 53  ARG A NE  1 
ATOM   396  C  CZ  . ARG A 1 53 ? 5.571   16.470  5.821   1.00 25.38 ? 53  ARG A CZ  1 
ATOM   397  N  NH1 . ARG A 1 53 ? 6.677   15.794  5.533   1.00 24.42 ? 53  ARG A NH1 1 
ATOM   398  N  NH2 . ARG A 1 53 ? 5.603   17.794  5.863   1.00 26.99 ? 53  ARG A NH2 1 
ATOM   399  N  N   . LEU A 1 54 ? -0.220  13.527  7.963   1.00 9.97  ? 54  LEU A N   1 
ATOM   400  C  CA  . LEU A 1 54 ? -1.579  13.817  7.511   1.00 11.63 ? 54  LEU A CA  1 
ATOM   401  C  C   . LEU A 1 54 ? -1.668  13.708  5.993   1.00 12.34 ? 54  LEU A C   1 
ATOM   402  O  O   . LEU A 1 54 ? -0.850  14.292  5.279   1.00 11.77 ? 54  LEU A O   1 
ATOM   403  C  CB  . LEU A 1 54 ? -1.979  15.232  7.926   1.00 13.33 ? 54  LEU A CB  1 
ATOM   404  C  CG  . LEU A 1 54 ? -2.149  15.458  9.421   1.00 15.22 ? 54  LEU A CG  1 
ATOM   405  C  CD1 . LEU A 1 54 ? -2.086  16.956  9.745   1.00 18.47 ? 54  LEU A CD1 1 
ATOM   406  C  CD2 . LEU A 1 54 ? -3.466  14.844  9.843   1.00 19.42 ? 54  LEU A CD2 1 
ATOM   407  N  N   . LEU A 1 55 ? -2.668  12.973  5.508   1.00 11.67 ? 55  LEU A N   1 
ATOM   408  C  CA  . LEU A 1 55 ? -2.862  12.799  4.066   1.00 14.06 ? 55  LEU A CA  1 
ATOM   409  C  C   . LEU A 1 55 ? -2.974  14.151  3.357   1.00 15.01 ? 55  LEU A C   1 
ATOM   410  O  O   . LEU A 1 55 ? -2.368  14.358  2.303   1.00 14.80 ? 55  LEU A O   1 
ATOM   411  C  CB  . LEU A 1 55 ? -4.134  11.980  3.798   1.00 14.69 ? 55  LEU A CB  1 
ATOM   412  C  CG  . LEU A 1 55 ? -4.501  11.604  2.355   1.00 16.59 ? 55  LEU A CG  1 
ATOM   413  C  CD1 . LEU A 1 55 ? -3.499  10.621  1.781   1.00 20.17 ? 55  LEU A CD1 1 
ATOM   414  C  CD2 . LEU A 1 55 ? -5.872  10.972  2.345   1.00 17.05 ? 55  LEU A CD2 1 
ATOM   415  N  N   . ARG A 1 56 ? -3.729  15.077  3.947   1.00 15.91 ? 56  ARG A N   1 
ATOM   416  C  CA  . ARG A 1 56 ? -3.906  16.397  3.347   1.00 16.81 ? 56  ARG A CA  1 
ATOM   417  C  C   . ARG A 1 56 ? -2.591  17.174  3.196   1.00 16.43 ? 56  ARG A C   1 
ATOM   418  O  O   . ARG A 1 56 ? -2.443  17.969  2.266   1.00 17.20 ? 56  ARG A O   1 
ATOM   419  C  CB  . ARG A 1 56 ? -4.942  17.222  4.141   1.00 20.21 ? 56  ARG A CB  1 
ATOM   420  C  CG  . ARG A 1 56 ? -4.506  17.723  5.524   1.00 24.80 ? 56  ARG A CG  1 
ATOM   421  C  CD  . ARG A 1 56 ? -5.610  18.578  6.187   1.00 28.69 ? 56  ARG A CD  1 
ATOM   422  N  NE  . ARG A 1 56 ? -5.242  19.057  7.522   1.00 31.98 ? 56  ARG A NE  1 
ATOM   423  C  CZ  . ARG A 1 56 ? -4.303  19.974  7.762   1.00 33.66 ? 56  ARG A CZ  1 
ATOM   424  N  NH1 . ARG A 1 56 ? -3.634  20.519  6.755   1.00 34.14 ? 56  ARG A NH1 1 
ATOM   425  N  NH2 . ARG A 1 56 ? -4.029  20.334  9.010   1.00 33.97 ? 56  ARG A NH2 1 
ATOM   426  N  N   . ILE A 1 57 ? -1.630  16.948  4.088   1.00 14.61 ? 57  ILE A N   1 
ATOM   427  C  CA  . ILE A 1 57 ? -0.344  17.636  3.984   1.00 13.58 ? 57  ILE A CA  1 
ATOM   428  C  C   . ILE A 1 57 ? 0.542   16.891  2.963   1.00 14.58 ? 57  ILE A C   1 
ATOM   429  O  O   . ILE A 1 57 ? 1.232   17.507  2.146   1.00 13.26 ? 57  ILE A O   1 
ATOM   430  C  CB  . ILE A 1 57 ? 0.376   17.722  5.368   1.00 14.24 ? 57  ILE A CB  1 
ATOM   431  C  CG1 . ILE A 1 57 ? -0.388  18.664  6.307   1.00 14.58 ? 57  ILE A CG1 1 
ATOM   432  C  CG2 . ILE A 1 57 ? 1.801   18.237  5.191   1.00 14.67 ? 57  ILE A CG2 1 
ATOM   433  C  CD1 . ILE A 1 57 ? 0.250   18.803  7.696   1.00 16.83 ? 57  ILE A CD1 1 
ATOM   434  N  N   . TRP A 1 58 ? 0.505   15.561  3.016   1.00 14.22 ? 58  TRP A N   1 
ATOM   435  C  CA  . TRP A 1 58 ? 1.277   14.718  2.097   1.00 14.76 ? 58  TRP A CA  1 
ATOM   436  C  C   . TRP A 1 58 ? 0.949   15.068  0.635   1.00 14.30 ? 58  TRP A C   1 
ATOM   437  O  O   . TRP A 1 58 ? 1.833   15.089  -0.221  1.00 13.12 ? 58  TRP A O   1 
ATOM   438  C  CB  . TRP A 1 58 ? 0.946   13.236  2.390   1.00 12.70 ? 58  TRP A CB  1 
ATOM   439  C  CG  . TRP A 1 58 ? 1.536   12.177  1.457   1.00 13.41 ? 58  TRP A CG  1 
ATOM   440  C  CD1 . TRP A 1 58 ? 1.108   11.857  0.200   1.00 14.28 ? 58  TRP A CD1 1 
ATOM   441  C  CD2 . TRP A 1 58 ? 2.611   11.262  1.752   1.00 13.23 ? 58  TRP A CD2 1 
ATOM   442  N  NE1 . TRP A 1 58 ? 1.840   10.799  -0.297  1.00 15.49 ? 58  TRP A NE1 1 
ATOM   443  C  CE2 . TRP A 1 58 ? 2.771   10.418  0.638   1.00 15.42 ? 58  TRP A CE2 1 
ATOM   444  C  CE3 . TRP A 1 58 ? 3.454   11.070  2.855   1.00 13.41 ? 58  TRP A CE3 1 
ATOM   445  C  CZ2 . TRP A 1 58 ? 3.738   9.409   0.589   1.00 14.50 ? 58  TRP A CZ2 1 
ATOM   446  C  CZ3 . TRP A 1 58 ? 4.411   10.066  2.802   1.00 13.67 ? 58  TRP A CZ3 1 
ATOM   447  C  CH2 . TRP A 1 58 ? 4.543   9.251   1.682   1.00 14.43 ? 58  TRP A CH2 1 
ATOM   448  N  N   . ASN A 1 59 ? -0.326  15.350  0.371   1.00 14.18 ? 59  ASN A N   1 
ATOM   449  C  CA  . ASN A 1 59 ? -0.823  15.677  -0.968  1.00 15.92 ? 59  ASN A CA  1 
ATOM   450  C  C   . ASN A 1 59 ? -0.576  17.104  -1.458  1.00 17.35 ? 59  ASN A C   1 
ATOM   451  O  O   . ASN A 1 59 ? -0.924  17.436  -2.596  1.00 16.81 ? 59  ASN A O   1 
ATOM   452  C  CB  . ASN A 1 59 ? -2.330  15.404  -1.039  1.00 17.66 ? 59  ASN A CB  1 
ATOM   453  C  CG  . ASN A 1 59 ? -2.660  13.938  -1.295  1.00 17.93 ? 59  ASN A CG  1 
ATOM   454  O  OD1 . ASN A 1 59 ? -3.800  13.510  -1.102  1.00 18.65 ? 59  ASN A OD1 1 
ATOM   455  N  ND2 . ASN A 1 59 ? -1.675  13.169  -1.745  1.00 17.56 ? 59  ASN A ND2 1 
ATOM   456  N  N   . GLU A 1 60 ? 0.013   17.946  -0.616  1.00 17.52 ? 60  GLU A N   1 
ATOM   457  C  CA  . GLU A 1 60 ? 0.259   19.335  -0.987  1.00 19.12 ? 60  GLU A CA  1 
ATOM   458  C  C   . GLU A 1 60 ? 1.363   19.554  -2.008  1.00 19.98 ? 60  GLU A C   1 
ATOM   459  O  O   . GLU A 1 60 ? 2.283   18.751  -2.161  1.00 17.41 ? 60  GLU A O   1 
ATOM   460  C  CB  . GLU A 1 60 ? 0.572   20.180  0.254   1.00 19.24 ? 60  GLU A CB  1 
ATOM   461  C  CG  . GLU A 1 60 ? -0.595  20.318  1.224   1.00 21.25 ? 60  GLU A CG  1 
ATOM   462  C  CD  . GLU A 1 60 ? -0.275  21.223  2.402   1.00 23.22 ? 60  GLU A CD  1 
ATOM   463  O  OE1 . GLU A 1 60 ? 0.895   21.241  2.841   1.00 23.32 ? 60  GLU A OE1 1 
ATOM   464  O  OE2 . GLU A 1 60 ? -1.198  21.906  2.900   1.00 26.27 ? 60  GLU A OE2 1 
ATOM   465  N  N   . THR A 1 61 ? 1.232   20.670  -2.705  1.00 20.33 ? 61  THR A N   1 
ATOM   466  C  CA  . THR A 1 61 ? 2.179   21.101  -3.710  1.00 22.09 ? 61  THR A CA  1 
ATOM   467  C  C   . THR A 1 61 ? 3.015   22.099  -2.907  1.00 22.49 ? 61  THR A C   1 
ATOM   468  O  O   . THR A 1 61 ? 2.456   22.940  -2.204  1.00 23.78 ? 61  THR A O   1 
ATOM   469  C  CB  . THR A 1 61 ? 1.422   21.806  -4.850  1.00 23.05 ? 61  THR A CB  1 
ATOM   470  O  OG1 . THR A 1 61 ? 0.402   20.936  -5.352  1.00 25.82 ? 61  THR A OG1 1 
ATOM   471  C  CG2 . THR A 1 61 ? 2.344   22.151  -5.972  1.00 24.92 ? 61  THR A CG2 1 
ATOM   472  N  N   . VAL A 1 62 ? 4.337   22.010  -2.982  1.00 22.60 ? 62  VAL A N   1 
ATOM   473  C  CA  . VAL A 1 62 ? 5.179   22.918  -2.207  1.00 23.06 ? 62  VAL A CA  1 
ATOM   474  C  C   . VAL A 1 62 ? 6.084   23.831  -3.048  1.00 24.40 ? 62  VAL A C   1 
ATOM   475  O  O   . VAL A 1 62 ? 6.622   23.419  -4.071  1.00 22.42 ? 62  VAL A O   1 
ATOM   476  C  CB  . VAL A 1 62 ? 6.044   22.113  -1.198  1.00 23.73 ? 62  VAL A CB  1 
ATOM   477  C  CG1 . VAL A 1 62 ? 5.132   21.354  -0.230  1.00 23.23 ? 62  VAL A CG1 1 
ATOM   478  C  CG2 . VAL A 1 62 ? 6.939   21.125  -1.941  1.00 23.19 ? 62  VAL A CG2 1 
ATOM   479  N  N   . ASP A 1 63 ? 6.230   25.083  -2.621  1.00 25.82 ? 63  ASP A N   1 
ATOM   480  C  CA  . ASP A 1 63 ? 7.084   26.035  -3.325  1.00 28.00 ? 63  ASP A CA  1 
ATOM   481  C  C   . ASP A 1 63 ? 8.525   25.718  -2.947  1.00 27.37 ? 63  ASP A C   1 
ATOM   482  O  O   . ASP A 1 63 ? 8.830   25.521  -1.775  1.00 28.94 ? 63  ASP A O   1 
ATOM   483  C  CB  . ASP A 1 63 ? 6.761   27.480  -2.917  1.00 32.71 ? 63  ASP A CB  1 
ATOM   484  C  CG  . ASP A 1 63 ? 7.665   28.494  -3.608  1.00 38.39 ? 63  ASP A CG  1 
ATOM   485  O  OD1 . ASP A 1 63 ? 7.786   28.423  -4.854  1.00 42.35 ? 63  ASP A OD1 1 
ATOM   486  O  OD2 . ASP A 1 63 ? 8.252   29.356  -2.917  1.00 41.93 ? 63  ASP A OD2 1 
ATOM   487  N  N   . THR A 1 64 ? 9.403   25.661  -3.941  1.00 25.70 ? 64  THR A N   1 
ATOM   488  C  CA  . THR A 1 64 ? 10.813  25.358  -3.705  1.00 23.66 ? 64  THR A CA  1 
ATOM   489  C  C   . THR A 1 64 ? 11.678  26.252  -4.578  1.00 24.14 ? 64  THR A C   1 
ATOM   490  O  O   . THR A 1 64 ? 11.168  27.016  -5.393  1.00 22.68 ? 64  THR A O   1 
ATOM   491  C  CB  . THR A 1 64 ? 11.160  23.894  -4.074  1.00 23.20 ? 64  THR A CB  1 
ATOM   492  O  OG1 . THR A 1 64 ? 11.180  23.755  -5.501  1.00 18.01 ? 64  THR A OG1 1 
ATOM   493  C  CG2 . THR A 1 64 ? 10.133  22.928  -3.500  1.00 22.56 ? 64  THR A CG2 1 
ATOM   494  N  N   . GLY A 1 65 ? 12.992  26.153  -4.398  1.00 26.65 ? 65  GLY A N   1 
ATOM   495  C  CA  . GLY A 1 65 ? 13.915  26.936  -5.200  1.00 27.54 ? 65  GLY A CA  1 
ATOM   496  C  C   . GLY A 1 65 ? 13.860  26.426  -6.628  1.00 28.06 ? 65  GLY A C   1 
ATOM   497  O  O   . GLY A 1 65 ? 14.245  27.113  -7.572  1.00 29.64 ? 65  GLY A O   1 
ATOM   498  N  N   . ALA A 1 66 ? 13.363  25.203  -6.775  1.00 27.40 ? 66  ALA A N   1 
ATOM   499  C  CA  . ALA A 1 66 ? 13.222  24.570  -8.079  1.00 26.28 ? 66  ALA A CA  1 
ATOM   500  C  C   . ALA A 1 66 ? 11.814  24.761  -8.649  1.00 24.82 ? 66  ALA A C   1 
ATOM   501  O  O   . ALA A 1 66 ? 11.454  24.126  -9.630  1.00 25.85 ? 66  ALA A O   1 
ATOM   502  C  CB  . ALA A 1 66 ? 13.551  23.079  -7.974  1.00 27.19 ? 66  ALA A CB  1 
ATOM   503  N  N   . GLY A 1 67 ? 11.025  25.643  -8.038  1.00 23.33 ? 67  GLY A N   1 
ATOM   504  C  CA  . GLY A 1 67 ? 9.670   25.884  -8.518  1.00 20.96 ? 67  GLY A CA  1 
ATOM   505  C  C   . GLY A 1 67 ? 8.630   25.031  -7.800  1.00 19.71 ? 67  GLY A C   1 
ATOM   506  O  O   . GLY A 1 67 ? 8.966   24.370  -6.817  1.00 18.64 ? 67  GLY A O   1 
ATOM   507  N  N   . PRO A 1 68 ? 7.362   25.012  -8.253  1.00 19.49 ? 68  PRO A N   1 
ATOM   508  C  CA  . PRO A 1 68 ? 6.326   24.203  -7.589  1.00 18.97 ? 68  PRO A CA  1 
ATOM   509  C  C   . PRO A 1 68 ? 6.551   22.702  -7.778  1.00 17.70 ? 68  PRO A C   1 
ATOM   510  O  O   . PRO A 1 68 ? 6.816   22.247  -8.890  1.00 18.13 ? 68  PRO A O   1 
ATOM   511  C  CB  . PRO A 1 68 ? 5.031   24.662  -8.273  1.00 20.04 ? 68  PRO A CB  1 
ATOM   512  C  CG  . PRO A 1 68 ? 5.360   26.027  -8.785  1.00 21.33 ? 68  PRO A CG  1 
ATOM   513  C  CD  . PRO A 1 68 ? 6.763   25.845  -9.307  1.00 20.49 ? 68  PRO A CD  1 
ATOM   514  N  N   . GLN A 1 69 ? 6.441   21.931  -6.696  1.00 17.29 ? 69  GLN A N   1 
ATOM   515  C  CA  . GLN A 1 69 ? 6.626   20.480  -6.761  1.00 15.83 ? 69  GLN A CA  1 
ATOM   516  C  C   . GLN A 1 69 ? 5.688   19.768  -5.782  1.00 14.34 ? 69  GLN A C   1 
ATOM   517  O  O   . GLN A 1 69 ? 5.280   20.349  -4.772  1.00 13.59 ? 69  GLN A O   1 
ATOM   518  C  CB  . GLN A 1 69 ? 8.041   20.087  -6.346  1.00 16.95 ? 69  GLN A CB  1 
ATOM   519  C  CG  . GLN A 1 69 ? 9.188   20.835  -6.957  1.00 18.11 ? 69  GLN A CG  1 
ATOM   520  C  CD  . GLN A 1 69 ? 10.488  20.112  -6.667  1.00 19.26 ? 69  GLN A CD  1 
ATOM   521  O  OE1 . GLN A 1 69 ? 10.627  18.932  -6.995  1.00 18.12 ? 69  GLN A OE1 1 
ATOM   522  N  NE2 . GLN A 1 69 ? 11.440  20.802  -6.039  1.00 19.81 ? 69  GLN A NE2 1 
ATOM   523  N  N   . PRO A 1 70 ? 5.330   18.503  -6.067  1.00 14.65 ? 70  PRO A N   1 
ATOM   524  C  CA  . PRO A 1 70 ? 4.450   17.807  -5.118  1.00 14.97 ? 70  PRO A CA  1 
ATOM   525  C  C   . PRO A 1 70 ? 5.332   17.541  -3.901  1.00 13.58 ? 70  PRO A C   1 
ATOM   526  O  O   . PRO A 1 70 ? 6.537   17.347  -4.050  1.00 12.52 ? 70  PRO A O   1 
ATOM   527  C  CB  . PRO A 1 70 ? 4.099   16.509  -5.843  1.00 16.17 ? 70  PRO A CB  1 
ATOM   528  C  CG  . PRO A 1 70 ? 4.224   16.876  -7.296  1.00 19.05 ? 70  PRO A CG  1 
ATOM   529  C  CD  . PRO A 1 70 ? 5.480   17.726  -7.308  1.00 16.39 ? 70  PRO A CD  1 
ATOM   530  N  N   . ARG A 1 71 ? 4.764   17.544  -2.701  1.00 12.94 ? 71  ARG A N   1 
ATOM   531  C  CA  . ARG A 1 71 ? 5.580   17.284  -1.515  1.00 12.77 ? 71  ARG A CA  1 
ATOM   532  C  C   . ARG A 1 71 ? 6.146   15.865  -1.621  1.00 13.21 ? 71  ARG A C   1 
ATOM   533  O  O   . ARG A 1 71 ? 7.324   15.626  -1.344  1.00 14.93 ? 71  ARG A O   1 
ATOM   534  C  CB  . ARG A 1 71 ? 4.746   17.438  -0.237  1.00 12.18 ? 71  ARG A CB  1 
ATOM   535  C  CG  . ARG A 1 71 ? 5.560   17.358  1.046   1.00 13.37 ? 71  ARG A CG  1 
ATOM   536  C  CD  . ARG A 1 71 ? 4.670   17.380  2.284   1.00 16.73 ? 71  ARG A CD  1 
ATOM   537  N  NE  . ARG A 1 71 ? 3.910   18.622  2.416   1.00 16.01 ? 71  ARG A NE  1 
ATOM   538  C  CZ  . ARG A 1 71 ? 4.442   19.798  2.731   1.00 18.95 ? 71  ARG A CZ  1 
ATOM   539  N  NH1 . ARG A 1 71 ? 5.744   19.903  2.948   1.00 18.28 ? 71  ARG A NH1 1 
ATOM   540  N  NH2 . ARG A 1 71 ? 3.663   20.866  2.840   1.00 16.80 ? 71  ARG A NH2 1 
ATOM   541  N  N   . PHE A 1 72 ? 5.290   14.929  -2.029  1.00 13.13 ? 72  PHE A N   1 
ATOM   542  C  CA  . PHE A 1 72 ? 5.677   13.532  -2.225  1.00 12.92 ? 72  PHE A CA  1 
ATOM   543  C  C   . PHE A 1 72 ? 5.112   13.109  -3.574  1.00 12.15 ? 72  PHE A C   1 
ATOM   544  O  O   . PHE A 1 72 ? 3.908   13.199  -3.806  1.00 11.15 ? 72  PHE A O   1 
ATOM   545  C  CB  . PHE A 1 72 ? 5.093   12.608  -1.144  1.00 12.59 ? 72  PHE A CB  1 
ATOM   546  C  CG  . PHE A 1 72 ? 5.701   12.776  0.236   1.00 14.15 ? 72  PHE A CG  1 
ATOM   547  C  CD1 . PHE A 1 72 ? 5.179   13.702  1.135   1.00 13.40 ? 72  PHE A CD1 1 
ATOM   548  C  CD2 . PHE A 1 72 ? 6.754   11.964  0.665   1.00 14.42 ? 72  PHE A CD2 1 
ATOM   549  C  CE1 . PHE A 1 72 ? 5.690   13.819  2.429   1.00 14.86 ? 72  PHE A CE1 1 
ATOM   550  C  CE2 . PHE A 1 72 ? 7.272   12.073  1.954   1.00 13.74 ? 72  PHE A CE2 1 
ATOM   551  C  CZ  . PHE A 1 72 ? 6.734   12.999  2.840   1.00 13.77 ? 72  PHE A CZ  1 
ATOM   552  N  N   . ALA A 1 73 ? 5.972   12.642  -4.465  1.00 12.36 ? 73  ALA A N   1 
ATOM   553  C  CA  . ALA A 1 73 ? 5.528   12.217  -5.786  1.00 12.55 ? 73  ALA A CA  1 
ATOM   554  C  C   . ALA A 1 73 ? 5.574   10.708  -5.955  1.00 12.73 ? 73  ALA A C   1 
ATOM   555  O  O   . ALA A 1 73 ? 6.592   10.059  -5.684  1.00 10.27 ? 73  ALA A O   1 
ATOM   556  C  CB  . ALA A 1 73 ? 6.368   12.891  -6.865  1.00 12.96 ? 73  ALA A CB  1 
ATOM   557  N  N   . TYR A 1 74 ? 4.459   10.150  -6.419  1.00 12.29 ? 74  TYR A N   1 
ATOM   558  C  CA  . TYR A 1 74 ? 4.351   8.712   -6.626  1.00 14.59 ? 74  TYR A CA  1 
ATOM   559  C  C   . TYR A 1 74 ? 5.205   8.294   -7.821  1.00 15.49 ? 74  TYR A C   1 
ATOM   560  O  O   . TYR A 1 74 ? 5.161   8.928   -8.874  1.00 14.28 ? 74  TYR A O   1 
ATOM   561  C  CB  . TYR A 1 74 ? 2.893   8.315   -6.887  1.00 13.90 ? 74  TYR A CB  1 
ATOM   562  C  CG  . TYR A 1 74 ? 2.700   6.837   -7.170  1.00 15.54 ? 74  TYR A CG  1 
ATOM   563  C  CD1 . TYR A 1 74 ? 2.705   5.907   -6.144  1.00 13.68 ? 74  TYR A CD1 1 
ATOM   564  C  CD2 . TYR A 1 74 ? 2.511   6.373   -8.468  1.00 15.36 ? 74  TYR A CD2 1 
ATOM   565  C  CE1 . TYR A 1 74 ? 2.520   4.549   -6.396  1.00 13.73 ? 74  TYR A CE1 1 
ATOM   566  C  CE2 . TYR A 1 74 ? 2.329   5.006   -8.730  1.00 14.14 ? 74  TYR A CE2 1 
ATOM   567  C  CZ  . TYR A 1 74 ? 2.332   4.099   -7.688  1.00 13.51 ? 74  TYR A CZ  1 
ATOM   568  O  OH  . TYR A 1 74 ? 2.138   2.749   -7.921  1.00 13.67 ? 74  TYR A OH  1 
ATOM   569  N  N   . VAL A 1 75 ? 5.969   7.217   -7.663  1.00 16.14 ? 75  VAL A N   1 
ATOM   570  C  CA  . VAL A 1 75 ? 6.808   6.744   -8.756  1.00 17.16 ? 75  VAL A CA  1 
ATOM   571  C  C   . VAL A 1 75 ? 6.726   5.257   -9.046  1.00 17.35 ? 75  VAL A C   1 
ATOM   572  O  O   . VAL A 1 75 ? 7.530   4.736   -9.810  1.00 19.52 ? 75  VAL A O   1 
ATOM   573  C  CB  . VAL A 1 75 ? 8.271   7.089   -8.517  1.00 17.68 ? 75  VAL A CB  1 
ATOM   574  C  CG1 . VAL A 1 75 ? 8.446   8.598   -8.544  1.00 16.63 ? 75  VAL A CG1 1 
ATOM   575  C  CG2 . VAL A 1 75 ? 8.742   6.507   -7.187  1.00 16.22 ? 75  VAL A CG2 1 
ATOM   576  N  N   . GLY A 1 76 ? 5.766   4.566   -8.446  1.00 19.00 ? 76  GLY A N   1 
ATOM   577  C  CA  . GLY A 1 76 ? 5.640   3.140   -8.701  1.00 16.84 ? 76  GLY A CA  1 
ATOM   578  C  C   . GLY A 1 76 ? 5.907   2.274   -7.484  1.00 17.54 ? 76  GLY A C   1 
ATOM   579  O  O   . GLY A 1 76 ? 5.731   2.714   -6.347  1.00 15.65 ? 76  GLY A O   1 
ATOM   580  N  N   . HIS A 1 77 ? 6.327   1.036   -7.722  1.00 16.83 ? 77  HIS A N   1 
ATOM   581  C  CA  . HIS A 1 77 ? 6.610   0.100   -6.643  1.00 17.78 ? 77  HIS A CA  1 
ATOM   582  C  C   . HIS A 1 77 ? 8.086   -0.173  -6.437  1.00 16.61 ? 77  HIS A C   1 
ATOM   583  O  O   . HIS A 1 77 ? 8.465   -0.922  -5.542  1.00 15.73 ? 77  HIS A O   1 
ATOM   584  C  CB  . HIS A 1 77 ? 5.858   -1.215  -6.871  1.00 19.78 ? 77  HIS A CB  1 
ATOM   585  C  CG  . HIS A 1 77 ? 4.391   -1.114  -6.580  1.00 22.33 ? 77  HIS A CG  1 
ATOM   586  N  ND1 . HIS A 1 77 ? 3.905   -0.801  -5.325  1.00 21.44 ? 77  HIS A ND1 1 
ATOM   587  C  CD2 . HIS A 1 77 ? 3.311   -1.229  -7.384  1.00 21.68 ? 77  HIS A CD2 1 
ATOM   588  C  CE1 . HIS A 1 77 ? 2.588   -0.728  -5.374  1.00 23.71 ? 77  HIS A CE1 1 
ATOM   589  N  NE2 . HIS A 1 77 ? 2.200   -0.983  -6.611  1.00 24.58 ? 77  HIS A NE2 1 
ATOM   590  N  N   . VAL A 1 78 ? 8.918   0.449   -7.263  1.00 15.39 ? 78  VAL A N   1 
ATOM   591  C  CA  . VAL A 1 78 ? 10.363  0.301   -7.140  1.00 15.98 ? 78  VAL A CA  1 
ATOM   592  C  C   . VAL A 1 78 ? 10.991  1.683   -7.084  1.00 16.67 ? 78  VAL A C   1 
ATOM   593  O  O   . VAL A 1 78 ? 10.386  2.676   -7.471  1.00 15.46 ? 78  VAL A O   1 
ATOM   594  C  CB  . VAL A 1 78 ? 10.997  -0.479  -8.325  1.00 16.43 ? 78  VAL A CB  1 
ATOM   595  C  CG1 . VAL A 1 78 ? 10.482  -1.903  -8.343  1.00 16.39 ? 78  VAL A CG1 1 
ATOM   596  C  CG2 . VAL A 1 78 ? 10.702  0.229   -9.642  1.00 17.87 ? 78  VAL A CG2 1 
ATOM   597  N  N   . THR A 1 79 ? 12.214  1.731   -6.586  1.00 17.02 ? 79  THR A N   1 
ATOM   598  C  CA  . THR A 1 79 ? 12.956  2.972   -6.474  1.00 19.81 ? 79  THR A CA  1 
ATOM   599  C  C   . THR A 1 79 ? 14.121  2.893   -7.472  1.00 20.33 ? 79  THR A C   1 
ATOM   600  O  O   . THR A 1 79 ? 14.492  1.803   -7.916  1.00 17.13 ? 79  THR A O   1 
ATOM   601  C  CB  . THR A 1 79 ? 13.491  3.114   -5.047  1.00 21.99 ? 79  THR A CB  1 
ATOM   602  O  OG1 . THR A 1 79 ? 14.342  4.260   -4.963  1.00 32.21 ? 79  THR A OG1 1 
ATOM   603  C  CG2 . THR A 1 79 ? 14.269  1.874   -4.656  1.00 18.99 ? 79  THR A CG2 1 
ATOM   604  N  N   . PRO A 1 80 ? 14.685  4.045   -7.867  1.00 20.86 ? 80  PRO A N   1 
ATOM   605  C  CA  . PRO A 1 80 ? 15.806  4.005   -8.813  1.00 22.68 ? 80  PRO A CA  1 
ATOM   606  C  C   . PRO A 1 80 ? 17.134  3.711   -8.112  1.00 23.17 ? 80  PRO A C   1 
ATOM   607  O  O   . PRO A 1 80 ? 17.187  3.599   -6.887  1.00 22.21 ? 80  PRO A O   1 
ATOM   608  C  CB  . PRO A 1 80 ? 15.781  5.397   -9.435  1.00 22.29 ? 80  PRO A CB  1 
ATOM   609  C  CG  . PRO A 1 80 ? 15.342  6.249   -8.288  1.00 23.32 ? 80  PRO A CG  1 
ATOM   610  C  CD  . PRO A 1 80 ? 14.205  5.426   -7.681  1.00 22.01 ? 80  PRO A CD  1 
ATOM   611  N  N   . GLU A 1 81 ? 18.201  3.581   -8.896  1.00 25.68 ? 81  GLU A N   1 
ATOM   612  C  CA  . GLU A 1 81 ? 19.536  3.314   -8.360  1.00 28.66 ? 81  GLU A CA  1 
ATOM   613  C  C   . GLU A 1 81 ? 19.946  4.466   -7.448  1.00 29.31 ? 81  GLU A C   1 
ATOM   614  O  O   . GLU A 1 81 ? 19.549  5.612   -7.673  1.00 29.60 ? 81  GLU A O   1 
ATOM   615  C  CB  . GLU A 1 81 ? 20.552  3.194   -9.497  1.00 31.90 ? 81  GLU A CB  1 
ATOM   616  C  CG  . GLU A 1 81 ? 20.380  1.959   -10.376 1.00 37.73 ? 81  GLU A CG  1 
ATOM   617  C  CD  . GLU A 1 81 ? 21.292  0.820   -9.963  1.00 40.92 ? 81  GLU A CD  1 
ATOM   618  O  OE1 . GLU A 1 81 ? 22.522  1.040   -9.898  1.00 44.09 ? 81  GLU A OE1 1 
ATOM   619  O  OE2 . GLU A 1 81 ? 20.786  -0.293  -9.713  1.00 42.49 ? 81  GLU A OE2 1 
ATOM   620  N  N   . ALA B 1 4  ? 2.566   -6.422  -14.430 1.00 41.36 ? 4   ALA B N   1 
ATOM   621  C  CA  . ALA B 1 4  ? 1.477   -6.492  -13.412 1.00 41.82 ? 4   ALA B CA  1 
ATOM   622  C  C   . ALA B 1 4  ? 1.802   -5.618  -12.204 1.00 42.31 ? 4   ALA B C   1 
ATOM   623  O  O   . ALA B 1 4  ? 0.932   -4.923  -11.682 1.00 43.20 ? 4   ALA B O   1 
ATOM   624  C  CB  . ALA B 1 4  ? 1.268   -7.937  -12.968 1.00 41.28 ? 4   ALA B CB  1 
HETATM 625  N  N   . MSE B 1 5  ? 3.060   -5.658  -11.776 1.00 42.39 ? 5   MSE B N   1 
HETATM 626  C  CA  . MSE B 1 5  ? 3.521   -4.875  -10.630 1.00 43.19 ? 5   MSE B CA  1 
HETATM 627  C  C   . MSE B 1 5  ? 3.059   -3.419  -10.699 1.00 41.04 ? 5   MSE B C   1 
HETATM 628  O  O   . MSE B 1 5  ? 2.469   -2.891  -9.750  1.00 39.70 ? 5   MSE B O   1 
HETATM 629  C  CB  . MSE B 1 5  ? 5.050   -4.897  -10.554 1.00 48.39 ? 5   MSE B CB  1 
HETATM 630  C  CG  . MSE B 1 5  ? 5.644   -6.161  -9.968  1.00 54.83 ? 5   MSE B CG  1 
HETATM 631  SE SE  . MSE B 1 5  ? 7.581   -6.121  -10.031 1.00 66.17 ? 5   MSE B SE  1 
HETATM 632  C  CE  . MSE B 1 5  ? 7.903   -4.590  -8.898  1.00 61.53 ? 5   MSE B CE  1 
ATOM   633  N  N   . GLN B 1 6  ? 3.332   -2.777  -11.829 1.00 38.58 ? 6   GLN B N   1 
ATOM   634  C  CA  . GLN B 1 6  ? 2.968   -1.382  -12.022 1.00 37.00 ? 6   GLN B CA  1 
ATOM   635  C  C   . GLN B 1 6  ? 1.479   -1.101  -11.828 1.00 33.59 ? 6   GLN B C   1 
ATOM   636  O  O   . GLN B 1 6  ? 1.109   -0.006  -11.404 1.00 33.33 ? 6   GLN B O   1 
ATOM   637  C  CB  . GLN B 1 6  ? 3.410   -0.912  -13.412 1.00 40.00 ? 6   GLN B CB  1 
ATOM   638  C  CG  . GLN B 1 6  ? 3.228   0.584   -13.623 1.00 44.48 ? 6   GLN B CG  1 
ATOM   639  C  CD  . GLN B 1 6  ? 3.933   1.119   -14.860 1.00 47.35 ? 6   GLN B CD  1 
ATOM   640  O  OE1 . GLN B 1 6  ? 3.876   2.318   -15.147 1.00 49.55 ? 6   GLN B OE1 1 
ATOM   641  N  NE2 . GLN B 1 6  ? 4.605   0.237   -15.595 1.00 48.61 ? 6   GLN B NE2 1 
ATOM   642  N  N   . ASP B 1 7  ? 0.625   -2.076  -12.134 1.00 30.44 ? 7   ASP B N   1 
ATOM   643  C  CA  . ASP B 1 7  ? -0.814  -1.876  -11.984 1.00 28.73 ? 7   ASP B CA  1 
ATOM   644  C  C   . ASP B 1 7  ? -1.345  -2.285  -10.613 1.00 24.66 ? 7   ASP B C   1 
ATOM   645  O  O   . ASP B 1 7  ? -2.505  -2.040  -10.293 1.00 24.19 ? 7   ASP B O   1 
ATOM   646  C  CB  . ASP B 1 7  ? -1.582  -2.630  -13.080 1.00 31.49 ? 7   ASP B CB  1 
ATOM   647  C  CG  . ASP B 1 7  ? -1.291  -2.090  -14.479 1.00 35.39 ? 7   ASP B CG  1 
ATOM   648  O  OD1 . ASP B 1 7  ? -1.308  -0.850  -14.661 1.00 37.03 ? 7   ASP B OD1 1 
ATOM   649  O  OD2 . ASP B 1 7  ? -1.054  -2.904  -15.398 1.00 37.33 ? 7   ASP B OD2 1 
ATOM   650  N  N   . PHE B 1 8  ? -0.506  -2.903  -9.793  1.00 21.98 ? 8   PHE B N   1 
ATOM   651  C  CA  . PHE B 1 8  ? -0.968  -3.309  -8.470  1.00 18.33 ? 8   PHE B CA  1 
ATOM   652  C  C   . PHE B 1 8  ? -1.224  -2.099  -7.584  1.00 16.44 ? 8   PHE B C   1 
ATOM   653  O  O   . PHE B 1 8  ? -0.431  -1.157  -7.547  1.00 15.87 ? 8   PHE B O   1 
ATOM   654  C  CB  . PHE B 1 8  ? 0.051   -4.206  -7.760  1.00 14.55 ? 8   PHE B CB  1 
ATOM   655  C  CG  . PHE B 1 8  ? -0.414  -4.690  -6.400  1.00 12.66 ? 8   PHE B CG  1 
ATOM   656  C  CD1 . PHE B 1 8  ? -1.391  -5.675  -6.298  1.00 12.31 ? 8   PHE B CD1 1 
ATOM   657  C  CD2 . PHE B 1 8  ? 0.081   -4.123  -5.225  1.00 12.43 ? 8   PHE B CD2 1 
ATOM   658  C  CE1 . PHE B 1 8  ? -1.882  -6.085  -5.056  1.00 11.12 ? 8   PHE B CE1 1 
ATOM   659  C  CE2 . PHE B 1 8  ? -0.406  -4.527  -3.974  1.00 12.20 ? 8   PHE B CE2 1 
ATOM   660  C  CZ  . PHE B 1 8  ? -1.389  -5.510  -3.890  1.00 11.04 ? 8   PHE B CZ  1 
ATOM   661  N  N   . ARG B 1 9  ? -2.341  -2.129  -6.870  1.00 15.00 ? 9   ARG B N   1 
ATOM   662  C  CA  . ARG B 1 9  ? -2.677  -1.048  -5.957  1.00 16.42 ? 9   ARG B CA  1 
ATOM   663  C  C   . ARG B 1 9  ? -2.856  -1.611  -4.556  1.00 14.22 ? 9   ARG B C   1 
ATOM   664  O  O   . ARG B 1 9  ? -3.770  -2.393  -4.308  1.00 13.29 ? 9   ARG B O   1 
ATOM   665  C  CB  . ARG B 1 9  ? -3.969  -0.345  -6.385  1.00 19.03 ? 9   ARG B CB  1 
ATOM   666  C  CG  . ARG B 1 9  ? -3.822  0.574   -7.583  1.00 25.08 ? 9   ARG B CG  1 
ATOM   667  C  CD  . ARG B 1 9  ? -5.010  1.530   -7.722  1.00 28.13 ? 9   ARG B CD  1 
ATOM   668  N  NE  . ARG B 1 9  ? -5.146  2.427   -6.576  1.00 31.98 ? 9   ARG B NE  1 
ATOM   669  C  CZ  . ARG B 1 9  ? -6.052  3.401   -6.486  1.00 35.23 ? 9   ARG B CZ  1 
ATOM   670  N  NH1 . ARG B 1 9  ? -6.911  3.614   -7.473  1.00 34.58 ? 9   ARG B NH1 1 
ATOM   671  N  NH2 . ARG B 1 9  ? -6.102  4.164   -5.404  1.00 35.36 ? 9   ARG B NH2 1 
ATOM   672  N  N   . PRO B 1 10 ? -1.971  -1.232  -3.618  1.00 13.72 ? 10  PRO B N   1 
ATOM   673  C  CA  . PRO B 1 10 ? -2.123  -1.751  -2.256  1.00 12.40 ? 10  PRO B CA  1 
ATOM   674  C  C   . PRO B 1 10 ? -3.373  -1.126  -1.655  1.00 11.26 ? 10  PRO B C   1 
ATOM   675  O  O   . PRO B 1 10 ? -3.775  -0.032  -2.052  1.00 11.22 ? 10  PRO B O   1 
ATOM   676  C  CB  . PRO B 1 10 ? -0.857  -1.279  -1.546  1.00 10.51 ? 10  PRO B CB  1 
ATOM   677  C  CG  . PRO B 1 10 ? 0.136   -1.153  -2.649  1.00 13.45 ? 10  PRO B CG  1 
ATOM   678  C  CD  . PRO B 1 10 ? -0.699  -0.509  -3.759  1.00 13.81 ? 10  PRO B CD  1 
ATOM   679  N  N   . GLY B 1 11 ? -3.981  -1.824  -0.706  1.00 10.65 ? 11  GLY B N   1 
ATOM   680  C  CA  . GLY B 1 11 ? -5.195  -1.322  -0.083  1.00 11.56 ? 11  GLY B CA  1 
ATOM   681  C  C   . GLY B 1 11 ? -6.079  -2.472  0.351   1.00 11.48 ? 11  GLY B C   1 
ATOM   682  O  O   . GLY B 1 11 ? -5.610  -3.596  0.498   1.00 12.08 ? 11  GLY B O   1 
ATOM   683  N  N   . VAL B 1 12 ? -7.363  -2.199  0.538   1.00 10.95 ? 12  VAL B N   1 
ATOM   684  C  CA  . VAL B 1 12 ? -8.302  -3.225  0.969   1.00 10.95 ? 12  VAL B CA  1 
ATOM   685  C  C   . VAL B 1 12 ? -8.876  -4.014  -0.200  1.00 12.24 ? 12  VAL B C   1 
ATOM   686  O  O   . VAL B 1 12 ? -9.308  -3.446  -1.205  1.00 10.87 ? 12  VAL B O   1 
ATOM   687  C  CB  . VAL B 1 12 ? -9.447  -2.596  1.808   1.00 9.60  ? 12  VAL B CB  1 
ATOM   688  C  CG1 . VAL B 1 12 ? -10.450 -3.670  2.247   1.00 11.08 ? 12  VAL B CG1 1 
ATOM   689  C  CG2 . VAL B 1 12 ? -8.847  -1.911  3.046   1.00 9.84  ? 12  VAL B CG2 1 
ATOM   690  N  N   . TYR B 1 13 ? -8.842  -5.334  -0.061  1.00 11.98 ? 13  TYR B N   1 
ATOM   691  C  CA  . TYR B 1 13 ? -9.346  -6.240  -1.081  1.00 12.31 ? 13  TYR B CA  1 
ATOM   692  C  C   . TYR B 1 13 ? -10.373 -7.200  -0.509  1.00 13.58 ? 13  TYR B C   1 
ATOM   693  O  O   . TYR B 1 13 ? -10.264 -7.627  0.643   1.00 13.01 ? 13  TYR B O   1 
ATOM   694  C  CB  . TYR B 1 13 ? -8.205  -7.072  -1.678  1.00 11.47 ? 13  TYR B CB  1 
ATOM   695  C  CG  . TYR B 1 13 ? -7.339  -6.348  -2.683  1.00 10.99 ? 13  TYR B CG  1 
ATOM   696  C  CD1 . TYR B 1 13 ? -6.373  -5.442  -2.282  1.00 9.76  ? 13  TYR B CD1 1 
ATOM   697  C  CD2 . TYR B 1 13 ? -7.490  -6.578  -4.044  1.00 11.25 ? 13  TYR B CD2 1 
ATOM   698  C  CE1 . TYR B 1 13 ? -5.572  -4.774  -3.214  1.00 10.30 ? 13  TYR B CE1 1 
ATOM   699  C  CE2 . TYR B 1 13 ? -6.698  -5.924  -4.977  1.00 13.20 ? 13  TYR B CE2 1 
ATOM   700  C  CZ  . TYR B 1 13 ? -5.741  -5.026  -4.565  1.00 11.95 ? 13  TYR B CZ  1 
ATOM   701  O  OH  . TYR B 1 13 ? -4.962  -4.395  -5.499  1.00 13.27 ? 13  TYR B OH  1 
ATOM   702  N  N   . ARG B 1 14 ? -11.366 -7.544  -1.320  1.00 14.08 ? 14  ARG B N   1 
ATOM   703  C  CA  . ARG B 1 14 ? -12.372 -8.510  -0.902  1.00 16.07 ? 14  ARG B CA  1 
ATOM   704  C  C   . ARG B 1 14 ? -12.046 -9.793  -1.667  1.00 17.64 ? 14  ARG B C   1 
ATOM   705  O  O   . ARG B 1 14 ? -12.069 -9.807  -2.898  1.00 17.38 ? 14  ARG B O   1 
ATOM   706  C  CB  . ARG B 1 14 ? -13.784 -8.041  -1.268  1.00 17.49 ? 14  ARG B CB  1 
ATOM   707  C  CG  . ARG B 1 14 ? -14.886 -9.015  -0.821  1.00 16.20 ? 14  ARG B CG  1 
ATOM   708  C  CD  . ARG B 1 14 ? -16.247 -8.596  -1.359  1.00 19.71 ? 14  ARG B CD  1 
ATOM   709  N  NE  . ARG B 1 14 ? -16.283 -8.583  -2.819  1.00 20.45 ? 14  ARG B NE  1 
ATOM   710  C  CZ  . ARG B 1 14 ? -16.618 -7.526  -3.555  1.00 21.43 ? 14  ARG B CZ  1 
ATOM   711  N  NH1 . ARG B 1 14 ? -16.951 -6.380  -2.978  1.00 19.16 ? 14  ARG B NH1 1 
ATOM   712  N  NH2 . ARG B 1 14 ? -16.617 -7.612  -4.874  1.00 23.80 ? 14  ARG B NH2 1 
ATOM   713  N  N   . HIS B 1 15 ? -11.700 -10.848 -0.928  1.00 18.42 ? 15  HIS B N   1 
ATOM   714  C  CA  . HIS B 1 15 ? -11.380 -12.154 -1.506  1.00 19.23 ? 15  HIS B CA  1 
ATOM   715  C  C   . HIS B 1 15 ? -12.711 -12.688 -2.050  1.00 19.52 ? 15  HIS B C   1 
ATOM   716  O  O   . HIS B 1 15 ? -13.772 -12.369 -1.510  1.00 18.82 ? 15  HIS B O   1 
ATOM   717  C  CB  . HIS B 1 15 ? -10.801 -13.067 -0.410  1.00 19.45 ? 15  HIS B CB  1 
ATOM   718  C  CG  . HIS B 1 15 ? -10.474 -14.454 -0.870  1.00 19.25 ? 15  HIS B CG  1 
ATOM   719  N  ND1 . HIS B 1 15 ? -11.281 -15.536 -0.597  1.00 20.07 ? 15  HIS B ND1 1 
ATOM   720  C  CD2 . HIS B 1 15 ? -9.424  -14.939 -1.580  1.00 19.94 ? 15  HIS B CD2 1 
ATOM   721  C  CE1 . HIS B 1 15 ? -10.744 -16.627 -1.113  1.00 20.69 ? 15  HIS B CE1 1 
ATOM   722  N  NE2 . HIS B 1 15 ? -9.617  -16.290 -1.716  1.00 19.66 ? 15  HIS B NE2 1 
ATOM   723  N  N   . TYR B 1 16 ? -12.676 -13.492 -3.110  1.00 20.48 ? 16  TYR B N   1 
ATOM   724  C  CA  . TYR B 1 16 ? -13.922 -13.987 -3.701  1.00 22.53 ? 16  TYR B CA  1 
ATOM   725  C  C   . TYR B 1 16 ? -14.837 -14.770 -2.755  1.00 24.82 ? 16  TYR B C   1 
ATOM   726  O  O   . TYR B 1 16 ? -16.018 -14.972 -3.058  1.00 25.14 ? 16  TYR B O   1 
ATOM   727  C  CB  . TYR B 1 16 ? -13.626 -14.817 -4.961  1.00 24.04 ? 16  TYR B CB  1 
ATOM   728  C  CG  . TYR B 1 16 ? -13.051 -16.198 -4.730  1.00 26.10 ? 16  TYR B CG  1 
ATOM   729  C  CD1 . TYR B 1 16 ? -13.875 -17.300 -4.569  1.00 28.43 ? 16  TYR B CD1 1 
ATOM   730  C  CD2 . TYR B 1 16 ? -11.679 -16.407 -4.717  1.00 26.78 ? 16  TYR B CD2 1 
ATOM   731  C  CE1 . TYR B 1 16 ? -13.345 -18.588 -4.405  1.00 28.25 ? 16  TYR B CE1 1 
ATOM   732  C  CE2 . TYR B 1 16 ? -11.140 -17.689 -4.552  1.00 27.48 ? 16  TYR B CE2 1 
ATOM   733  C  CZ  . TYR B 1 16 ? -11.976 -18.778 -4.401  1.00 30.23 ? 16  TYR B CZ  1 
ATOM   734  O  OH  . TYR B 1 16 ? -11.452 -20.051 -4.281  1.00 31.02 ? 16  TYR B OH  1 
ATOM   735  N  N   . LYS B 1 17 ? -14.311 -15.213 -1.619  1.00 24.71 ? 17  LYS B N   1 
ATOM   736  C  CA  . LYS B 1 17 ? -15.133 -15.954 -0.672  1.00 25.53 ? 17  LYS B CA  1 
ATOM   737  C  C   . LYS B 1 17 ? -15.842 -15.069 0.351   1.00 24.42 ? 17  LYS B C   1 
ATOM   738  O  O   . LYS B 1 17 ? -16.537 -15.573 1.235   1.00 22.94 ? 17  LYS B O   1 
ATOM   739  C  CB  . LYS B 1 17 ? -14.313 -17.029 0.049   1.00 28.65 ? 17  LYS B CB  1 
ATOM   740  C  CG  . LYS B 1 17 ? -14.124 -18.295 -0.778  1.00 32.24 ? 17  LYS B CG  1 
ATOM   741  C  CD  . LYS B 1 17 ? -13.544 -19.451 0.045   1.00 37.80 ? 17  LYS B CD  1 
ATOM   742  C  CE  . LYS B 1 17 ? -14.585 -20.098 0.969   1.00 41.18 ? 17  LYS B CE  1 
ATOM   743  N  NZ  . LYS B 1 17 ? -15.058 -19.221 2.083   1.00 43.92 ? 17  LYS B NZ  1 
ATOM   744  N  N   . GLY B 1 18 ? -15.663 -13.752 0.235   1.00 21.69 ? 18  GLY B N   1 
ATOM   745  C  CA  . GLY B 1 18 ? -16.343 -12.846 1.146   1.00 19.86 ? 18  GLY B CA  1 
ATOM   746  C  C   . GLY B 1 18 ? -15.543 -12.046 2.168   1.00 20.33 ? 18  GLY B C   1 
ATOM   747  O  O   . GLY B 1 18 ? -15.967 -10.959 2.558   1.00 19.95 ? 18  GLY B O   1 
ATOM   748  N  N   . ASP B 1 19 ? -14.403 -12.569 2.614   1.00 18.82 ? 19  ASP B N   1 
ATOM   749  C  CA  . ASP B 1 19 ? -13.597 -11.858 3.606   1.00 20.06 ? 19  ASP B CA  1 
ATOM   750  C  C   . ASP B 1 19 ? -12.720 -10.760 3.018   1.00 18.17 ? 19  ASP B C   1 
ATOM   751  O  O   . ASP B 1 19 ? -12.337 -10.817 1.847   1.00 16.72 ? 19  ASP B O   1 
ATOM   752  C  CB  . ASP B 1 19 ? -12.719 -12.844 4.392   1.00 20.57 ? 19  ASP B CB  1 
ATOM   753  C  CG  . ASP B 1 19 ? -13.534 -13.816 5.234   1.00 24.68 ? 19  ASP B CG  1 
ATOM   754  O  OD1 . ASP B 1 19 ? -14.465 -13.367 5.941   1.00 26.11 ? 19  ASP B OD1 1 
ATOM   755  O  OD2 . ASP B 1 19 ? -13.235 -15.028 5.200   1.00 27.65 ? 19  ASP B OD2 1 
ATOM   756  N  N   . HIS B 1 20 ? -12.396 -9.768  3.847   1.00 16.74 ? 20  HIS B N   1 
ATOM   757  C  CA  . HIS B 1 20 ? -11.564 -8.634  3.436   1.00 16.30 ? 20  HIS B CA  1 
ATOM   758  C  C   . HIS B 1 20 ? -10.140 -8.716  3.978   1.00 15.22 ? 20  HIS B C   1 
ATOM   759  O  O   . HIS B 1 20 ? -9.899  -9.271  5.056   1.00 13.52 ? 20  HIS B O   1 
ATOM   760  C  CB  . HIS B 1 20 ? -12.218 -7.316  3.875   1.00 15.63 ? 20  HIS B CB  1 
ATOM   761  C  CG  . HIS B 1 20 ? -13.516 -7.039  3.185   1.00 18.07 ? 20  HIS B CG  1 
ATOM   762  N  ND1 . HIS B 1 20 ? -13.603 -6.271  2.042   1.00 19.10 ? 20  HIS B ND1 1 
ATOM   763  C  CD2 . HIS B 1 20 ? -14.769 -7.498  3.427   1.00 14.60 ? 20  HIS B CD2 1 
ATOM   764  C  CE1 . HIS B 1 20 ? -14.852 -6.270  1.607   1.00 17.44 ? 20  HIS B CE1 1 
ATOM   765  N  NE2 . HIS B 1 20 ? -15.578 -7.009  2.430   1.00 19.70 ? 20  HIS B NE2 1 
ATOM   766  N  N   . TYR B 1 21 ? -9.202  -8.160  3.216   1.00 14.76 ? 21  TYR B N   1 
ATOM   767  C  CA  . TYR B 1 21 ? -7.793  -8.168  3.591   1.00 14.30 ? 21  TYR B CA  1 
ATOM   768  C  C   . TYR B 1 21 ? -7.151  -6.819  3.273   1.00 13.70 ? 21  TYR B C   1 
ATOM   769  O  O   . TYR B 1 21 ? -7.634  -6.080  2.407   1.00 13.92 ? 21  TYR B O   1 
ATOM   770  C  CB  . TYR B 1 21 ? -7.036  -9.270  2.823   1.00 13.68 ? 21  TYR B CB  1 
ATOM   771  C  CG  . TYR B 1 21 ? -7.502  -10.687 3.091   1.00 16.27 ? 21  TYR B CG  1 
ATOM   772  C  CD1 . TYR B 1 21 ? -8.583  -11.238 2.410   1.00 15.79 ? 21  TYR B CD1 1 
ATOM   773  C  CD2 . TYR B 1 21 ? -6.859  -11.487 4.030   1.00 16.09 ? 21  TYR B CD2 1 
ATOM   774  C  CE1 . TYR B 1 21 ? -9.012  -12.552 2.662   1.00 16.85 ? 21  TYR B CE1 1 
ATOM   775  C  CE2 . TYR B 1 21 ? -7.282  -12.800 4.288   1.00 16.71 ? 21  TYR B CE2 1 
ATOM   776  C  CZ  . TYR B 1 21 ? -8.353  -13.327 3.602   1.00 18.20 ? 21  TYR B CZ  1 
ATOM   777  O  OH  . TYR B 1 21 ? -8.747  -14.626 3.849   1.00 20.06 ? 21  TYR B OH  1 
ATOM   778  N  N   . LEU B 1 22 ? -6.070  -6.503  3.982   1.00 12.72 ? 22  LEU B N   1 
ATOM   779  C  CA  . LEU B 1 22 ? -5.341  -5.259  3.754   1.00 12.05 ? 22  LEU B CA  1 
ATOM   780  C  C   . LEU B 1 22 ? -4.007  -5.595  3.112   1.00 13.10 ? 22  LEU B C   1 
ATOM   781  O  O   . LEU B 1 22 ? -3.133  -6.167  3.763   1.00 11.38 ? 22  LEU B O   1 
ATOM   782  C  CB  . LEU B 1 22 ? -5.088  -4.512  5.073   1.00 10.37 ? 22  LEU B CB  1 
ATOM   783  C  CG  . LEU B 1 22 ? -4.145  -3.290  5.000   1.00 11.92 ? 22  LEU B CG  1 
ATOM   784  C  CD1 . LEU B 1 22 ? -4.713  -2.215  4.097   1.00 9.91  ? 22  LEU B CD1 1 
ATOM   785  C  CD2 . LEU B 1 22 ? -3.911  -2.741  6.410   1.00 9.60  ? 22  LEU B CD2 1 
ATOM   786  N  N   . ALA B 1 23 ? -3.855  -5.255  1.835   1.00 11.84 ? 23  ALA B N   1 
ATOM   787  C  CA  . ALA B 1 23 ? -2.598  -5.496  1.143   1.00 11.92 ? 23  ALA B CA  1 
ATOM   788  C  C   . ALA B 1 23 ? -1.720  -4.286  1.458   1.00 12.67 ? 23  ALA B C   1 
ATOM   789  O  O   . ALA B 1 23 ? -2.080  -3.152  1.137   1.00 11.85 ? 23  ALA B O   1 
ATOM   790  C  CB  . ALA B 1 23 ? -2.830  -5.621  -0.375  1.00 10.46 ? 23  ALA B CB  1 
ATOM   791  N  N   . LEU B 1 24 ? -0.582  -4.533  2.105   1.00 12.39 ? 24  LEU B N   1 
ATOM   792  C  CA  . LEU B 1 24 ? 0.345   -3.471  2.489   1.00 12.35 ? 24  LEU B CA  1 
ATOM   793  C  C   . LEU B 1 24 ? 1.279   -3.055  1.358   1.00 13.01 ? 24  LEU B C   1 
ATOM   794  O  O   . LEU B 1 24 ? 1.783   -1.932  1.334   1.00 11.87 ? 24  LEU B O   1 
ATOM   795  C  CB  . LEU B 1 24 ? 1.184   -3.921  3.691   1.00 12.46 ? 24  LEU B CB  1 
ATOM   796  C  CG  . LEU B 1 24 ? 0.461   -4.097  5.031   1.00 14.48 ? 24  LEU B CG  1 
ATOM   797  C  CD1 . LEU B 1 24 ? 1.418   -4.726  6.034   1.00 15.22 ? 24  LEU B CD1 1 
ATOM   798  C  CD2 . LEU B 1 24 ? -0.068  -2.753  5.526   1.00 13.49 ? 24  LEU B CD2 1 
ATOM   799  N  N   . GLY B 1 25 ? 1.525   -3.973  0.432   1.00 12.80 ? 25  GLY B N   1 
ATOM   800  C  CA  . GLY B 1 25 ? 2.395   -3.665  -0.691  1.00 13.83 ? 25  GLY B CA  1 
ATOM   801  C  C   . GLY B 1 25 ? 3.013   -4.909  -1.299  1.00 14.19 ? 25  GLY B C   1 
ATOM   802  O  O   . GLY B 1 25 ? 2.695   -6.034  -0.903  1.00 15.64 ? 25  GLY B O   1 
ATOM   803  N  N   . LEU B 1 26 ? 3.897   -4.714  -2.272  1.00 13.59 ? 26  LEU B N   1 
ATOM   804  C  CA  . LEU B 1 26 ? 4.573   -5.823  -2.931  1.00 13.49 ? 26  LEU B CA  1 
ATOM   805  C  C   . LEU B 1 26 ? 5.904   -6.077  -2.227  1.00 13.68 ? 26  LEU B C   1 
ATOM   806  O  O   . LEU B 1 26 ? 6.491   -5.172  -1.632  1.00 13.78 ? 26  LEU B O   1 
ATOM   807  C  CB  . LEU B 1 26 ? 4.842   -5.499  -4.404  1.00 14.08 ? 26  LEU B CB  1 
ATOM   808  C  CG  . LEU B 1 26 ? 3.642   -5.302  -5.328  1.00 15.46 ? 26  LEU B CG  1 
ATOM   809  C  CD1 . LEU B 1 26 ? 4.133   -4.918  -6.714  1.00 15.23 ? 26  LEU B CD1 1 
ATOM   810  C  CD2 . LEU B 1 26 ? 2.820   -6.599  -5.381  1.00 17.51 ? 26  LEU B CD2 1 
ATOM   811  N  N   . ALA B 1 27 ? 6.370   -7.314  -2.297  1.00 12.00 ? 27  ALA B N   1 
ATOM   812  C  CA  . ALA B 1 27 ? 7.634   -7.683  -1.689  1.00 13.99 ? 27  ALA B CA  1 
ATOM   813  C  C   . ALA B 1 27 ? 8.318   -8.767  -2.507  1.00 13.24 ? 27  ALA B C   1 
ATOM   814  O  O   . ALA B 1 27 ? 7.681   -9.493  -3.266  1.00 13.83 ? 27  ALA B O   1 
ATOM   815  C  CB  . ALA B 1 27 ? 7.410   -8.166  -0.261  1.00 13.44 ? 27  ALA B CB  1 
ATOM   816  N  N   . ARG B 1 28 ? 9.632   -8.855  -2.353  1.00 13.43 ? 28  ARG B N   1 
ATOM   817  C  CA  . ARG B 1 28 ? 10.433  -9.853  -3.049  1.00 14.48 ? 28  ARG B CA  1 
ATOM   818  C  C   . ARG B 1 28 ? 10.799  -10.949 -2.049  1.00 13.15 ? 28  ARG B C   1 
ATOM   819  O  O   . ARG B 1 28 ? 11.439  -10.680 -1.037  1.00 13.33 ? 28  ARG B O   1 
ATOM   820  C  CB  . ARG B 1 28 ? 11.714  -9.203  -3.595  1.00 17.27 ? 28  ARG B CB  1 
ATOM   821  C  CG  . ARG B 1 28 ? 12.647  -10.129 -4.368  1.00 21.96 ? 28  ARG B CG  1 
ATOM   822  C  CD  . ARG B 1 28 ? 12.202  -10.309 -5.812  1.00 25.73 ? 28  ARG B CD  1 
ATOM   823  N  NE  . ARG B 1 28 ? 12.216  -9.041  -6.541  1.00 27.66 ? 28  ARG B NE  1 
ATOM   824  C  CZ  . ARG B 1 28 ? 11.950  -8.919  -7.837  1.00 29.46 ? 28  ARG B CZ  1 
ATOM   825  N  NH1 . ARG B 1 28 ? 11.650  -9.990  -8.559  1.00 27.99 ? 28  ARG B NH1 1 
ATOM   826  N  NH2 . ARG B 1 28 ? 11.978  -7.720  -8.410  1.00 30.47 ? 28  ARG B NH2 1 
ATOM   827  N  N   . ALA B 1 29 ? 10.369  -12.178 -2.313  1.00 13.45 ? 29  ALA B N   1 
ATOM   828  C  CA  . ALA B 1 29 ? 10.708  -13.291 -1.429  1.00 14.44 ? 29  ALA B CA  1 
ATOM   829  C  C   . ALA B 1 29 ? 12.207  -13.499 -1.641  1.00 15.92 ? 29  ALA B C   1 
ATOM   830  O  O   . ALA B 1 29 ? 12.650  -13.751 -2.764  1.00 15.54 ? 29  ALA B O   1 
ATOM   831  C  CB  . ALA B 1 29 ? 9.937   -14.540 -1.829  1.00 12.73 ? 29  ALA B CB  1 
ATOM   832  N  N   . ASP B 1 30 ? 12.988  -13.395 -0.570  1.00 15.91 ? 30  ASP B N   1 
ATOM   833  C  CA  . ASP B 1 30 ? 14.441  -13.522 -0.675  1.00 18.51 ? 30  ASP B CA  1 
ATOM   834  C  C   . ASP B 1 30 ? 14.992  -14.831 -1.251  1.00 19.19 ? 30  ASP B C   1 
ATOM   835  O  O   . ASP B 1 30 ? 15.936  -14.805 -2.040  1.00 18.84 ? 30  ASP B O   1 
ATOM   836  C  CB  . ASP B 1 30 ? 15.091  -13.283 0.687   1.00 21.24 ? 30  ASP B CB  1 
ATOM   837  C  CG  . ASP B 1 30 ? 16.605  -13.254 0.607   1.00 24.48 ? 30  ASP B CG  1 
ATOM   838  O  OD1 . ASP B 1 30 ? 17.164  -12.215 0.198   1.00 26.00 ? 30  ASP B OD1 1 
ATOM   839  O  OD2 . ASP B 1 30 ? 17.235  -14.278 0.934   1.00 27.30 ? 30  ASP B OD2 1 
ATOM   840  N  N   . GLU B 1 31 ? 14.423  -15.961 -0.846  1.00 19.78 ? 31  GLU B N   1 
ATOM   841  C  CA  . GLU B 1 31 ? 14.878  -17.280 -1.302  1.00 21.43 ? 31  GLU B CA  1 
ATOM   842  C  C   . GLU B 1 31 ? 14.657  -17.550 -2.789  1.00 22.09 ? 31  GLU B C   1 
ATOM   843  O  O   . GLU B 1 31 ? 15.522  -18.092 -3.479  1.00 22.12 ? 31  GLU B O   1 
ATOM   844  C  CB  . GLU B 1 31 ? 14.151  -18.402 -0.544  1.00 21.11 ? 31  GLU B CB  1 
ATOM   845  C  CG  . GLU B 1 31 ? 14.383  -18.500 0.958   1.00 23.06 ? 31  GLU B CG  1 
ATOM   846  C  CD  . GLU B 1 31 ? 13.583  -17.488 1.767   1.00 22.29 ? 31  GLU B CD  1 
ATOM   847  O  OE1 . GLU B 1 31 ? 12.621  -16.897 1.232   1.00 22.98 ? 31  GLU B OE1 1 
ATOM   848  O  OE2 . GLU B 1 31 ? 13.918  -17.299 2.951   1.00 22.37 ? 31  GLU B OE2 1 
ATOM   849  N  N   . THR B 1 32 ? 13.482  -17.166 -3.267  1.00 21.05 ? 32  THR B N   1 
ATOM   850  C  CA  . THR B 1 32 ? 13.078  -17.428 -4.644  1.00 20.57 ? 32  THR B CA  1 
ATOM   851  C  C   . THR B 1 32 ? 13.088  -16.255 -5.619  1.00 20.21 ? 32  THR B C   1 
ATOM   852  O  O   . THR B 1 32 ? 12.963  -16.455 -6.829  1.00 17.32 ? 32  THR B O   1 
ATOM   853  C  CB  . THR B 1 32 ? 11.662  -17.981 -4.645  1.00 21.83 ? 32  THR B CB  1 
ATOM   854  O  OG1 . THR B 1 32 ? 10.767  -16.946 -4.216  1.00 21.72 ? 32  THR B OG1 1 
ATOM   855  C  CG2 . THR B 1 32 ? 11.551  -19.171 -3.680  1.00 21.29 ? 32  THR B CG2 1 
ATOM   856  N  N   . ASP B 1 33 ? 13.203  -15.043 -5.090  1.00 19.62 ? 33  ASP B N   1 
ATOM   857  C  CA  . ASP B 1 33 ? 13.181  -13.825 -5.894  1.00 20.77 ? 33  ASP B CA  1 
ATOM   858  C  C   . ASP B 1 33 ? 11.843  -13.659 -6.595  1.00 19.35 ? 33  ASP B C   1 
ATOM   859  O  O   . ASP B 1 33 ? 11.739  -12.996 -7.628  1.00 18.40 ? 33  ASP B O   1 
ATOM   860  C  CB  . ASP B 1 33 ? 14.319  -13.816 -6.921  1.00 26.88 ? 33  ASP B CB  1 
ATOM   861  C  CG  . ASP B 1 33 ? 15.687  -13.671 -6.266  1.00 32.11 ? 33  ASP B CG  1 
ATOM   862  O  OD1 . ASP B 1 33 ? 16.185  -14.666 -5.685  1.00 37.12 ? 33  ASP B OD1 1 
ATOM   863  O  OD2 . ASP B 1 33 ? 16.254  -12.554 -6.315  1.00 36.05 ? 33  ASP B OD2 1 
ATOM   864  N  N   . GLU B 1 34 ? 10.808  -14.273 -6.035  1.00 16.93 ? 34  GLU B N   1 
ATOM   865  C  CA  . GLU B 1 34 ? 9.487   -14.145 -6.626  1.00 18.25 ? 34  GLU B CA  1 
ATOM   866  C  C   . GLU B 1 34 ? 8.799   -12.938 -5.997  1.00 16.49 ? 34  GLU B C   1 
ATOM   867  O  O   . GLU B 1 34 ? 9.097   -12.551 -4.868  1.00 14.82 ? 34  GLU B O   1 
ATOM   868  C  CB  . GLU B 1 34 ? 8.662   -15.427 -6.429  1.00 21.41 ? 34  GLU B CB  1 
ATOM   869  C  CG  . GLU B 1 34 ? 9.187   -16.603 -7.262  1.00 28.88 ? 34  GLU B CG  1 
ATOM   870  C  CD  . GLU B 1 34 ? 8.096   -17.586 -7.674  1.00 33.23 ? 34  GLU B CD  1 
ATOM   871  O  OE1 . GLU B 1 34 ? 7.455   -18.185 -6.784  1.00 36.99 ? 34  GLU B OE1 1 
ATOM   872  O  OE2 . GLU B 1 34 ? 7.879   -17.763 -8.893  1.00 35.79 ? 34  GLU B OE2 1 
ATOM   873  N  N   . VAL B 1 35 ? 7.902   -12.335 -6.759  1.00 14.65 ? 35  VAL B N   1 
ATOM   874  C  CA  . VAL B 1 35 ? 7.155   -11.161 -6.339  1.00 14.71 ? 35  VAL B CA  1 
ATOM   875  C  C   . VAL B 1 35 ? 5.897   -11.606 -5.590  1.00 13.97 ? 35  VAL B C   1 
ATOM   876  O  O   . VAL B 1 35 ? 5.094   -12.375 -6.123  1.00 14.08 ? 35  VAL B O   1 
ATOM   877  C  CB  . VAL B 1 35 ? 6.797   -10.330 -7.582  1.00 15.25 ? 35  VAL B CB  1 
ATOM   878  C  CG1 . VAL B 1 35 ? 5.926   -9.154  -7.199  1.00 16.32 ? 35  VAL B CG1 1 
ATOM   879  C  CG2 . VAL B 1 35 ? 8.076   -9.804  -8.223  1.00 14.67 ? 35  VAL B CG2 1 
ATOM   880  N  N   . VAL B 1 36 ? 5.735   -11.142 -4.353  1.00 12.17 ? 36  VAL B N   1 
ATOM   881  C  CA  . VAL B 1 36 ? 4.583   -11.539 -3.543  1.00 11.59 ? 36  VAL B CA  1 
ATOM   882  C  C   . VAL B 1 36 ? 3.796   -10.357 -2.961  1.00 10.96 ? 36  VAL B C   1 
ATOM   883  O  O   . VAL B 1 36 ? 4.320   -9.249  -2.835  1.00 9.79  ? 36  VAL B O   1 
ATOM   884  C  CB  . VAL B 1 36 ? 5.037   -12.427 -2.353  1.00 12.87 ? 36  VAL B CB  1 
ATOM   885  C  CG1 . VAL B 1 36 ? 5.804   -13.638 -2.853  1.00 12.28 ? 36  VAL B CG1 1 
ATOM   886  C  CG2 . VAL B 1 36 ? 5.913   -11.606 -1.403  1.00 12.06 ? 36  VAL B CG2 1 
ATOM   887  N  N   . VAL B 1 37 ? 2.537   -10.606 -2.603  1.00 9.75  ? 37  VAL B N   1 
ATOM   888  C  CA  . VAL B 1 37 ? 1.693   -9.583  -1.985  1.00 10.35 ? 37  VAL B CA  1 
ATOM   889  C  C   . VAL B 1 37 ? 1.732   -9.840  -0.477  1.00 10.95 ? 37  VAL B C   1 
ATOM   890  O  O   . VAL B 1 37 ? 1.591   -10.982 -0.033  1.00 11.54 ? 37  VAL B O   1 
ATOM   891  C  CB  . VAL B 1 37 ? 0.204   -9.672  -2.460  1.00 10.02 ? 37  VAL B CB  1 
ATOM   892  C  CG1 . VAL B 1 37 ? -0.673  -8.672  -1.687  1.00 7.75  ? 37  VAL B CG1 1 
ATOM   893  C  CG2 . VAL B 1 37 ? 0.115   -9.415  -3.961  1.00 10.08 ? 37  VAL B CG2 1 
ATOM   894  N  N   . VAL B 1 38 ? 1.953   -8.779  0.296   1.00 12.45 ? 38  VAL B N   1 
ATOM   895  C  CA  . VAL B 1 38 ? 1.985   -8.854  1.757   1.00 11.45 ? 38  VAL B CA  1 
ATOM   896  C  C   . VAL B 1 38 ? 0.628   -8.316  2.198   1.00 11.01 ? 38  VAL B C   1 
ATOM   897  O  O   . VAL B 1 38 ? 0.282   -7.181  1.874   1.00 10.54 ? 38  VAL B O   1 
ATOM   898  C  CB  . VAL B 1 38 ? 3.105   -7.958  2.347   1.00 12.47 ? 38  VAL B CB  1 
ATOM   899  C  CG1 . VAL B 1 38 ? 3.058   -7.990  3.874   1.00 11.07 ? 38  VAL B CG1 1 
ATOM   900  C  CG2 . VAL B 1 38 ? 4.458   -8.447  1.853   1.00 11.29 ? 38  VAL B CG2 1 
ATOM   901  N  N   . TYR B 1 39 ? -0.141  -9.126  2.921   1.00 10.64 ? 39  TYR B N   1 
ATOM   902  C  CA  . TYR B 1 39 ? -1.473  -8.702  3.350   1.00 12.39 ? 39  TYR B CA  1 
ATOM   903  C  C   . TYR B 1 39 ? -1.895  -9.215  4.731   1.00 13.34 ? 39  TYR B C   1 
ATOM   904  O  O   . TYR B 1 39 ? -1.391  -10.230 5.214   1.00 12.50 ? 39  TYR B O   1 
ATOM   905  C  CB  . TYR B 1 39 ? -2.501  -9.131  2.293   1.00 13.45 ? 39  TYR B CB  1 
ATOM   906  C  CG  . TYR B 1 39 ? -2.636  -10.632 2.058   1.00 15.36 ? 39  TYR B CG  1 
ATOM   907  C  CD1 . TYR B 1 39 ? -3.756  -11.333 2.504   1.00 14.40 ? 39  TYR B CD1 1 
ATOM   908  C  CD2 . TYR B 1 39 ? -1.671  -11.344 1.353   1.00 15.40 ? 39  TYR B CD2 1 
ATOM   909  C  CE1 . TYR B 1 39 ? -3.911  -12.704 2.252   1.00 16.05 ? 39  TYR B CE1 1 
ATOM   910  C  CE2 . TYR B 1 39 ? -1.820  -12.715 1.097   1.00 15.78 ? 39  TYR B CE2 1 
ATOM   911  C  CZ  . TYR B 1 39 ? -2.940  -13.390 1.544   1.00 15.93 ? 39  TYR B CZ  1 
ATOM   912  O  OH  . TYR B 1 39 ? -3.093  -14.732 1.255   1.00 20.69 ? 39  TYR B OH  1 
ATOM   913  N  N   . THR B 1 40 ? -2.838  -8.514  5.353   1.00 13.90 ? 40  THR B N   1 
ATOM   914  C  CA  . THR B 1 40 ? -3.323  -8.880  6.677   1.00 14.51 ? 40  THR B CA  1 
ATOM   915  C  C   . THR B 1 40 ? -4.812  -9.159  6.582   1.00 16.25 ? 40  THR B C   1 
ATOM   916  O  O   . THR B 1 40 ? -5.514  -8.503  5.819   1.00 14.70 ? 40  THR B O   1 
ATOM   917  C  CB  . THR B 1 40 ? -3.112  -7.716  7.671   1.00 15.20 ? 40  THR B CB  1 
ATOM   918  O  OG1 . THR B 1 40 ? -1.754  -7.267  7.597   1.00 20.54 ? 40  THR B OG1 1 
ATOM   919  C  CG2 . THR B 1 40 ? -3.430  -8.159  9.101   1.00 15.25 ? 40  THR B CG2 1 
ATOM   920  N  N   . ARG B 1 41 ? -5.303  -10.128 7.348   1.00 16.94 ? 41  ARG B N   1 
ATOM   921  C  CA  . ARG B 1 41 ? -6.735  -10.403 7.308   1.00 16.67 ? 41  ARG B CA  1 
ATOM   922  C  C   . ARG B 1 41 ? -7.453  -9.391  8.185   1.00 15.66 ? 41  ARG B C   1 
ATOM   923  O  O   . ARG B 1 41 ? -6.923  -8.944  9.210   1.00 13.05 ? 41  ARG B O   1 
ATOM   924  C  CB  . ARG B 1 41 ? -7.048  -11.831 7.768   1.00 19.58 ? 41  ARG B CB  1 
ATOM   925  C  CG  . ARG B 1 41 ? -6.482  -12.211 9.105   1.00 19.99 ? 41  ARG B CG  1 
ATOM   926  C  CD  . ARG B 1 41 ? -6.817  -13.661 9.452   1.00 23.26 ? 41  ARG B CD  1 
ATOM   927  N  NE  . ARG B 1 41 ? -5.945  -14.138 10.518  1.00 19.88 ? 41  ARG B NE  1 
ATOM   928  C  CZ  . ARG B 1 41 ? -6.007  -13.728 11.778  1.00 20.86 ? 41  ARG B CZ  1 
ATOM   929  N  NH1 . ARG B 1 41 ? -6.919  -12.839 12.154  1.00 21.47 ? 41  ARG B NH1 1 
ATOM   930  N  NH2 . ARG B 1 41 ? -5.118  -14.168 12.653  1.00 20.41 ? 41  ARG B NH2 1 
ATOM   931  N  N   . LEU B 1 42 ? -8.663  -9.032  7.771   1.00 13.95 ? 42  LEU B N   1 
ATOM   932  C  CA  . LEU B 1 42 ? -9.460  -8.062  8.500   1.00 13.26 ? 42  LEU B CA  1 
ATOM   933  C  C   . LEU B 1 42 ? -10.728 -8.709  9.052   1.00 13.89 ? 42  LEU B C   1 
ATOM   934  O  O   . LEU B 1 42 ? -11.840 -8.210  8.862   1.00 13.28 ? 42  LEU B O   1 
ATOM   935  C  CB  . LEU B 1 42 ? -9.793  -6.882  7.580   1.00 12.74 ? 42  LEU B CB  1 
ATOM   936  C  CG  . LEU B 1 42 ? -8.552  -6.241  6.933   1.00 12.35 ? 42  LEU B CG  1 
ATOM   937  C  CD1 . LEU B 1 42 ? -8.984  -5.170  5.940   1.00 11.50 ? 42  LEU B CD1 1 
ATOM   938  C  CD2 . LEU B 1 42 ? -7.631  -5.651  8.007   1.00 10.52 ? 42  LEU B CD2 1 
ATOM   939  N  N   . TYR B 1 43 ? -10.540 -9.833  9.738   1.00 14.71 ? 43  TYR B N   1 
ATOM   940  C  CA  . TYR B 1 43 ? -11.625 -10.574 10.377  1.00 15.46 ? 43  TYR B CA  1 
ATOM   941  C  C   . TYR B 1 43 ? -10.999 -11.492 11.424  1.00 15.50 ? 43  TYR B C   1 
ATOM   942  O  O   . TYR B 1 43 ? -9.804  -11.817 11.343  1.00 16.18 ? 43  TYR B O   1 
ATOM   943  C  CB  . TYR B 1 43 ? -12.416 -11.394 9.345   1.00 15.00 ? 43  TYR B CB  1 
ATOM   944  C  CG  . TYR B 1 43 ? -11.611 -12.439 8.603   1.00 19.46 ? 43  TYR B CG  1 
ATOM   945  C  CD1 . TYR B 1 43 ? -11.547 -13.755 9.049   1.00 18.94 ? 43  TYR B CD1 1 
ATOM   946  C  CD2 . TYR B 1 43 ? -10.899 -12.108 7.461   1.00 18.95 ? 43  TYR B CD2 1 
ATOM   947  C  CE1 . TYR B 1 43 ? -10.789 -14.716 8.364   1.00 21.69 ? 43  TYR B CE1 1 
ATOM   948  C  CE2 . TYR B 1 43 ? -10.143 -13.057 6.775   1.00 20.99 ? 43  TYR B CE2 1 
ATOM   949  C  CZ  . TYR B 1 43 ? -10.088 -14.361 7.229   1.00 21.22 ? 43  TYR B CZ  1 
ATOM   950  O  OH  . TYR B 1 43 ? -9.337  -15.294 6.549   1.00 23.95 ? 43  TYR B OH  1 
ATOM   951  N  N   . ALA B 1 44 ? -11.806 -11.911 12.397  1.00 15.72 ? 44  ALA B N   1 
ATOM   952  C  CA  . ALA B 1 44 ? -11.346 -12.769 13.480  1.00 16.04 ? 44  ALA B CA  1 
ATOM   953  C  C   . ALA B 1 44 ? -11.085 -14.208 13.051  1.00 16.14 ? 44  ALA B C   1 
ATOM   954  O  O   . ALA B 1 44 ? -11.928 -14.851 12.429  1.00 13.56 ? 44  ALA B O   1 
ATOM   955  C  CB  . ALA B 1 44 ? -12.359 -12.744 14.628  1.00 17.48 ? 44  ALA B CB  1 
ATOM   956  N  N   . ARG B 1 45 ? -9.903  -14.703 13.398  1.00 15.38 ? 45  ARG B N   1 
ATOM   957  C  CA  . ARG B 1 45 ? -9.509  -16.068 13.082  1.00 17.78 ? 45  ARG B CA  1 
ATOM   958  C  C   . ARG B 1 45 ? -8.253  -16.381 13.884  1.00 18.31 ? 45  ARG B C   1 
ATOM   959  O  O   . ARG B 1 45 ? -7.542  -15.473 14.323  1.00 18.58 ? 45  ARG B O   1 
ATOM   960  C  CB  . ARG B 1 45 ? -9.202  -16.218 11.589  1.00 20.63 ? 45  ARG B CB  1 
ATOM   961  C  CG  . ARG B 1 45 ? -9.031  -17.666 11.142  1.00 23.77 ? 45  ARG B CG  1 
ATOM   962  C  CD  . ARG B 1 45 ? -8.642  -17.778 9.678   1.00 26.94 ? 45  ARG B CD  1 
ATOM   963  N  NE  . ARG B 1 45 ? -8.453  -19.173 9.286   1.00 31.62 ? 45  ARG B NE  1 
ATOM   964  C  CZ  . ARG B 1 45 ? -7.933  -19.566 8.125   1.00 33.05 ? 45  ARG B CZ  1 
ATOM   965  N  NH1 . ARG B 1 45 ? -7.543  -18.666 7.227   1.00 35.48 ? 45  ARG B NH1 1 
ATOM   966  N  NH2 . ARG B 1 45 ? -7.803  -20.859 7.857   1.00 33.42 ? 45  ARG B NH2 1 
ATOM   967  N  N   . ALA B 1 46 ? -7.985  -17.662 14.094  1.00 15.61 ? 46  ALA B N   1 
ATOM   968  C  CA  . ALA B 1 46 ? -6.799  -18.056 14.839  1.00 16.41 ? 46  ALA B CA  1 
ATOM   969  C  C   . ALA B 1 46 ? -5.602  -17.961 13.900  1.00 16.74 ? 46  ALA B C   1 
ATOM   970  O  O   . ALA B 1 46 ? -5.771  -17.950 12.681  1.00 15.02 ? 46  ALA B O   1 
ATOM   971  C  CB  . ALA B 1 46 ? -6.948  -19.488 15.349  1.00 15.16 ? 46  ALA B CB  1 
ATOM   972  N  N   . GLY B 1 47 ? -4.400  -17.853 14.464  1.00 15.61 ? 47  GLY B N   1 
ATOM   973  C  CA  . GLY B 1 47 ? -3.201  -17.809 13.648  1.00 13.70 ? 47  GLY B CA  1 
ATOM   974  C  C   . GLY B 1 47 ? -2.487  -16.507 13.331  1.00 14.13 ? 47  GLY B C   1 
ATOM   975  O  O   . GLY B 1 47 ? -2.811  -15.438 13.840  1.00 13.00 ? 47  GLY B O   1 
ATOM   976  N  N   . LEU B 1 48 ? -1.482  -16.620 12.468  1.00 13.02 ? 48  LEU B N   1 
ATOM   977  C  CA  . LEU B 1 48 ? -0.704  -15.467 12.042  1.00 12.07 ? 48  LEU B CA  1 
ATOM   978  C  C   . LEU B 1 48 ? -1.637  -14.557 11.244  1.00 11.95 ? 48  LEU B C   1 
ATOM   979  O  O   . LEU B 1 48 ? -2.260  -14.999 10.283  1.00 11.31 ? 48  LEU B O   1 
ATOM   980  C  CB  . LEU B 1 48 ? 0.466   -15.928 11.163  1.00 12.89 ? 48  LEU B CB  1 
ATOM   981  C  CG  . LEU B 1 48 ? 1.619   -16.617 11.903  1.00 12.50 ? 48  LEU B CG  1 
ATOM   982  C  CD1 . LEU B 1 48 ? 2.508   -17.345 10.915  1.00 12.91 ? 48  LEU B CD1 1 
ATOM   983  C  CD2 . LEU B 1 48 ? 2.412   -15.589 12.686  1.00 14.44 ? 48  LEU B CD2 1 
ATOM   984  N  N   . PRO B 1 49 ? -1.766  -13.283 11.647  1.00 11.71 ? 49  PRO B N   1 
ATOM   985  C  CA  . PRO B 1 49 ? -2.656  -12.399 10.889  1.00 12.76 ? 49  PRO B CA  1 
ATOM   986  C  C   . PRO B 1 49 ? -2.123  -11.998 9.513   1.00 13.87 ? 49  PRO B C   1 
ATOM   987  O  O   . PRO B 1 49 ? -2.907  -11.769 8.590   1.00 14.67 ? 49  PRO B O   1 
ATOM   988  C  CB  . PRO B 1 49 ? -2.855  -11.204 11.832  1.00 11.49 ? 49  PRO B CB  1 
ATOM   989  C  CG  . PRO B 1 49 ? -1.616  -11.192 12.663  1.00 10.74 ? 49  PRO B CG  1 
ATOM   990  C  CD  . PRO B 1 49 ? -1.381  -12.670 12.930  1.00 10.21 ? 49  PRO B CD  1 
HETATM 991  N  N   . MSE B 1 50 ? -0.801  -11.921 9.362   1.00 13.77 ? 50  MSE B N   1 
HETATM 992  C  CA  . MSE B 1 50 ? -0.223  -11.552 8.070   1.00 15.90 ? 50  MSE B CA  1 
HETATM 993  C  C   . MSE B 1 50 ? 0.079   -12.768 7.212   1.00 15.86 ? 50  MSE B C   1 
HETATM 994  O  O   . MSE B 1 50 ? 0.408   -13.847 7.723   1.00 15.88 ? 50  MSE B O   1 
HETATM 995  C  CB  . MSE B 1 50 ? 1.060   -10.722 8.235   1.00 17.45 ? 50  MSE B CB  1 
HETATM 996  C  CG  . MSE B 1 50 ? 0.821   -9.265  8.562   1.00 24.78 ? 50  MSE B CG  1 
HETATM 997  SE SE  . MSE B 1 50 ? 2.317   -8.131  8.046   1.00 32.75 ? 50  MSE B SE  1 
HETATM 998  C  CE  . MSE B 1 50 ? 3.531   -8.638  9.468   1.00 24.44 ? 50  MSE B CE  1 
ATOM   999  N  N   . SER B 1 51 ? -0.025  -12.577 5.900   1.00 15.46 ? 51  SER B N   1 
ATOM   1000 C  CA  . SER B 1 51 ? 0.233   -13.647 4.946   1.00 14.73 ? 51  SER B CA  1 
ATOM   1001 C  C   . SER B 1 51 ? 0.931   -13.078 3.722   1.00 13.62 ? 51  SER B C   1 
ATOM   1002 O  O   . SER B 1 51 ? 0.954   -11.865 3.527   1.00 14.06 ? 51  SER B O   1 
ATOM   1003 C  CB  . SER B 1 51 ? -1.092  -14.285 4.502   1.00 14.66 ? 51  SER B CB  1 
ATOM   1004 O  OG  . SER B 1 51 ? -1.831  -14.787 5.600   1.00 19.00 ? 51  SER B OG  1 
ATOM   1005 N  N   . THR B 1 52 ? 1.513   -13.952 2.901   1.00 13.59 ? 52  THR B N   1 
ATOM   1006 C  CA  . THR B 1 52 ? 2.153   -13.512 1.665   1.00 12.44 ? 52  THR B CA  1 
ATOM   1007 C  C   . THR B 1 52 ? 1.679   -14.468 0.575   1.00 14.41 ? 52  THR B C   1 
ATOM   1008 O  O   . THR B 1 52 ? 1.481   -15.662 0.819   1.00 13.51 ? 52  THR B O   1 
ATOM   1009 C  CB  . THR B 1 52 ? 3.703   -13.555 1.722   1.00 14.30 ? 52  THR B CB  1 
ATOM   1010 O  OG1 . THR B 1 52 ? 4.148   -14.918 1.698   1.00 14.12 ? 52  THR B OG1 1 
ATOM   1011 C  CG2 . THR B 1 52 ? 4.218   -12.860 2.974   1.00 14.07 ? 52  THR B CG2 1 
ATOM   1012 N  N   . ARG B 1 53 ? 1.476   -13.941 -0.627  1.00 14.10 ? 53  ARG B N   1 
ATOM   1013 C  CA  . ARG B 1 53 ? 1.013   -14.765 -1.739  1.00 14.32 ? 53  ARG B CA  1 
ATOM   1014 C  C   . ARG B 1 53 ? 1.553   -14.213 -3.048  1.00 13.20 ? 53  ARG B C   1 
ATOM   1015 O  O   . ARG B 1 53 ? 1.578   -13.000 -3.250  1.00 12.00 ? 53  ARG B O   1 
ATOM   1016 C  CB  . ARG B 1 53 ? -0.514  -14.787 -1.776  1.00 15.76 ? 53  ARG B CB  1 
ATOM   1017 C  CG  . ARG B 1 53 ? -1.083  -15.839 -2.704  1.00 19.76 ? 53  ARG B CG  1 
ATOM   1018 C  CD  . ARG B 1 53 ? -2.555  -16.092 -2.410  1.00 19.46 ? 53  ARG B CD  1 
ATOM   1019 N  NE  . ARG B 1 53 ? -3.047  -17.281 -3.096  1.00 22.46 ? 53  ARG B NE  1 
ATOM   1020 C  CZ  . ARG B 1 53 ? -4.257  -17.800 -2.914  1.00 21.67 ? 53  ARG B CZ  1 
ATOM   1021 N  NH1 . ARG B 1 53 ? -5.100  -17.229 -2.064  1.00 21.07 ? 53  ARG B NH1 1 
ATOM   1022 N  NH2 . ARG B 1 53 ? -4.615  -18.886 -3.580  1.00 25.01 ? 53  ARG B NH2 1 
ATOM   1023 N  N   . LEU B 1 54 ? 1.979   -15.109 -3.936  1.00 11.82 ? 54  LEU B N   1 
ATOM   1024 C  CA  . LEU B 1 54 ? 2.515   -14.701 -5.228  1.00 12.62 ? 54  LEU B CA  1 
ATOM   1025 C  C   . LEU B 1 54 ? 1.565   -13.723 -5.913  1.00 12.54 ? 54  LEU B C   1 
ATOM   1026 O  O   . LEU B 1 54 ? 0.351   -13.921 -5.933  1.00 11.37 ? 54  LEU B O   1 
ATOM   1027 C  CB  . LEU B 1 54 ? 2.736   -15.931 -6.125  1.00 13.92 ? 54  LEU B CB  1 
ATOM   1028 C  CG  . LEU B 1 54 ? 3.789   -16.936 -5.647  1.00 14.89 ? 54  LEU B CG  1 
ATOM   1029 C  CD1 . LEU B 1 54 ? 3.710   -18.209 -6.473  1.00 16.63 ? 54  LEU B CD1 1 
ATOM   1030 C  CD2 . LEU B 1 54 ? 5.178   -16.305 -5.744  1.00 16.46 ? 54  LEU B CD2 1 
ATOM   1031 N  N   . LEU B 1 55 ? 2.126   -12.657 -6.469  1.00 12.53 ? 55  LEU B N   1 
ATOM   1032 C  CA  . LEU B 1 55 ? 1.327   -11.654 -7.153  1.00 12.93 ? 55  LEU B CA  1 
ATOM   1033 C  C   . LEU B 1 55 ? 0.532   -12.257 -8.313  1.00 14.40 ? 55  LEU B C   1 
ATOM   1034 O  O   . LEU B 1 55 ? -0.644  -11.943 -8.509  1.00 13.99 ? 55  LEU B O   1 
ATOM   1035 C  CB  . LEU B 1 55 ? 2.240   -10.538 -7.670  1.00 13.49 ? 55  LEU B CB  1 
ATOM   1036 C  CG  . LEU B 1 55 ? 1.597   -9.410  -8.479  1.00 13.41 ? 55  LEU B CG  1 
ATOM   1037 C  CD1 . LEU B 1 55 ? 0.640   -8.635  -7.605  1.00 13.11 ? 55  LEU B CD1 1 
ATOM   1038 C  CD2 . LEU B 1 55 ? 2.659   -8.489  -8.995  1.00 10.17 ? 55  LEU B CD2 1 
ATOM   1039 N  N   . ARG B 1 56 ? 1.175   -13.128 -9.084  1.00 15.22 ? 56  ARG B N   1 
ATOM   1040 C  CA  . ARG B 1 56 ? 0.506   -13.733 -10.227 1.00 17.36 ? 56  ARG B CA  1 
ATOM   1041 C  C   . ARG B 1 56 ? -0.658  -14.645 -9.834  1.00 17.56 ? 56  ARG B C   1 
ATOM   1042 O  O   . ARG B 1 56 ? -1.589  -14.820 -10.612 1.00 18.11 ? 56  ARG B O   1 
ATOM   1043 C  CB  . ARG B 1 56 ? 1.516   -14.480 -11.108 1.00 17.80 ? 56  ARG B CB  1 
ATOM   1044 C  CG  . ARG B 1 56 ? 2.245   -15.622 -10.443 1.00 19.82 ? 56  ARG B CG  1 
ATOM   1045 C  CD  . ARG B 1 56 ? 3.181   -16.278 -11.456 1.00 21.97 ? 56  ARG B CD  1 
ATOM   1046 N  NE  . ARG B 1 56 ? 3.721   -17.546 -10.971 1.00 23.19 ? 56  ARG B NE  1 
ATOM   1047 C  CZ  . ARG B 1 56 ? 4.849   -17.676 -10.276 1.00 22.79 ? 56  ARG B CZ  1 
ATOM   1048 N  NH1 . ARG B 1 56 ? 5.580   -16.605 -9.976  1.00 23.81 ? 56  ARG B NH1 1 
ATOM   1049 N  NH2 . ARG B 1 56 ? 5.237   -18.882 -9.877  1.00 18.17 ? 56  ARG B NH2 1 
ATOM   1050 N  N   . ILE B 1 57 ? -0.616  -15.214 -8.632  1.00 16.43 ? 57  ILE B N   1 
ATOM   1051 C  CA  . ILE B 1 57 ? -1.716  -16.060 -8.175  1.00 17.59 ? 57  ILE B CA  1 
ATOM   1052 C  C   . ILE B 1 57 ? -2.820  -15.141 -7.637  1.00 17.34 ? 57  ILE B C   1 
ATOM   1053 O  O   . ILE B 1 57 ? -4.008  -15.360 -7.881  1.00 18.00 ? 57  ILE B O   1 
ATOM   1054 C  CB  . ILE B 1 57 ? -1.277  -17.032 -7.051  1.00 19.04 ? 57  ILE B CB  1 
ATOM   1055 C  CG1 . ILE B 1 57 ? -0.162  -17.958 -7.555  1.00 20.30 ? 57  ILE B CG1 1 
ATOM   1056 C  CG2 . ILE B 1 57 ? -2.474  -17.840 -6.577  1.00 18.56 ? 57  ILE B CG2 1 
ATOM   1057 C  CD1 . ILE B 1 57 ? -0.539  -18.809 -8.750  1.00 24.73 ? 57  ILE B CD1 1 
ATOM   1058 N  N   . TRP B 1 58 ? -2.411  -14.109 -6.901  1.00 16.87 ? 58  TRP B N   1 
ATOM   1059 C  CA  . TRP B 1 58 ? -3.334  -13.119 -6.333  1.00 16.03 ? 58  TRP B CA  1 
ATOM   1060 C  C   . TRP B 1 58 ? -4.167  -12.502 -7.456  1.00 15.98 ? 58  TRP B C   1 
ATOM   1061 O  O   . TRP B 1 58 ? -5.369  -12.280 -7.298  1.00 16.72 ? 58  TRP B O   1 
ATOM   1062 C  CB  . TRP B 1 58 ? -2.534  -12.022 -5.607  1.00 14.20 ? 58  TRP B CB  1 
ATOM   1063 C  CG  . TRP B 1 58 ? -3.321  -10.836 -5.060  1.00 13.17 ? 58  TRP B CG  1 
ATOM   1064 C  CD1 . TRP B 1 58 ? -3.817  -9.787  -5.771  1.00 16.14 ? 58  TRP B CD1 1 
ATOM   1065 C  CD2 . TRP B 1 58 ? -3.626  -10.557 -3.679  1.00 14.10 ? 58  TRP B CD2 1 
ATOM   1066 N  NE1 . TRP B 1 58 ? -4.398  -8.866  -4.923  1.00 15.48 ? 58  TRP B NE1 1 
ATOM   1067 C  CE2 . TRP B 1 58 ? -4.287  -9.316  -3.635  1.00 15.71 ? 58  TRP B CE2 1 
ATOM   1068 C  CE3 . TRP B 1 58 ? -3.384  -11.228 -2.478  1.00 14.49 ? 58  TRP B CE3 1 
ATOM   1069 C  CZ2 . TRP B 1 58 ? -4.729  -8.746  -2.433  1.00 14.23 ? 58  TRP B CZ2 1 
ATOM   1070 C  CZ3 . TRP B 1 58 ? -3.824  -10.654 -1.286  1.00 15.49 ? 58  TRP B CZ3 1 
ATOM   1071 C  CH2 . TRP B 1 58 ? -4.476  -9.428  -1.275  1.00 15.11 ? 58  TRP B CH2 1 
ATOM   1072 N  N   . ASN B 1 59 ? -3.506  -12.239 -8.583  1.00 17.48 ? 59  ASN B N   1 
ATOM   1073 C  CA  . ASN B 1 59 ? -4.143  -11.637 -9.752  1.00 21.05 ? 59  ASN B CA  1 
ATOM   1074 C  C   . ASN B 1 59 ? -4.956  -12.586 -10.631 1.00 22.99 ? 59  ASN B C   1 
ATOM   1075 O  O   . ASN B 1 59 ? -5.573  -12.148 -11.602 1.00 22.91 ? 59  ASN B O   1 
ATOM   1076 C  CB  . ASN B 1 59 ? -3.090  -10.948 -10.625 1.00 22.31 ? 59  ASN B CB  1 
ATOM   1077 C  CG  . ASN B 1 59 ? -2.736  -9.571  -10.127 1.00 24.32 ? 59  ASN B CG  1 
ATOM   1078 O  OD1 . ASN B 1 59 ? -3.580  -8.880  -9.565  1.00 26.23 ? 59  ASN B OD1 1 
ATOM   1079 N  ND2 . ASN B 1 59 ? -1.495  -9.152  -10.348 1.00 24.04 ? 59  ASN B ND2 1 
ATOM   1080 N  N   . GLU B 1 60 ? -4.969  -13.873 -10.314 1.00 25.46 ? 60  GLU B N   1 
ATOM   1081 C  CA  . GLU B 1 60 ? -5.724  -14.809 -11.133 1.00 28.76 ? 60  GLU B CA  1 
ATOM   1082 C  C   . GLU B 1 60 ? -7.226  -14.639 -10.994 1.00 30.12 ? 60  GLU B C   1 
ATOM   1083 O  O   . GLU B 1 60 ? -7.731  -14.162 -9.978  1.00 28.83 ? 60  GLU B O   1 
ATOM   1084 C  CB  . GLU B 1 60 ? -5.358  -16.257 -10.788 1.00 27.90 ? 60  GLU B CB  1 
ATOM   1085 C  CG  . GLU B 1 60 ? -3.946  -16.651 -11.157 1.00 31.13 ? 60  GLU B CG  1 
ATOM   1086 C  CD  . GLU B 1 60 ? -3.668  -18.116 -10.888 1.00 32.27 ? 60  GLU B CD  1 
ATOM   1087 O  OE1 . GLU B 1 60 ? -4.152  -18.629 -9.861  1.00 34.99 ? 60  GLU B OE1 1 
ATOM   1088 O  OE2 . GLU B 1 60 ? -2.957  -18.752 -11.691 1.00 33.99 ? 60  GLU B OE2 1 
ATOM   1089 N  N   . THR B 1 61 ? -7.937  -15.031 -12.043 1.00 32.17 ? 61  THR B N   1 
ATOM   1090 C  CA  . THR B 1 61 ? -9.388  -14.971 -12.051 1.00 34.36 ? 61  THR B CA  1 
ATOM   1091 C  C   . THR B 1 61 ? -9.867  -16.366 -11.671 1.00 35.48 ? 61  THR B C   1 
ATOM   1092 O  O   . THR B 1 61 ? -9.191  -17.356 -11.947 1.00 34.36 ? 61  THR B O   1 
ATOM   1093 C  CB  . THR B 1 61 ? -9.933  -14.583 -13.448 1.00 36.33 ? 61  THR B CB  1 
ATOM   1094 O  OG1 . THR B 1 61 ? -9.586  -13.221 -13.732 1.00 36.90 ? 61  THR B OG1 1 
ATOM   1095 C  CG2 . THR B 1 61 ? -11.450 -14.734 -13.506 1.00 36.83 ? 61  THR B CG2 1 
ATOM   1096 N  N   . VAL B 1 62 ? -11.018 -16.436 -11.018 1.00 36.82 ? 62  VAL B N   1 
ATOM   1097 C  CA  . VAL B 1 62 ? -11.578 -17.705 -10.592 1.00 38.76 ? 62  VAL B CA  1 
ATOM   1098 C  C   . VAL B 1 62 ? -13.052 -17.788 -10.964 1.00 40.68 ? 62  VAL B C   1 
ATOM   1099 O  O   . VAL B 1 62 ? -13.723 -16.769 -11.118 1.00 39.23 ? 62  VAL B O   1 
ATOM   1100 C  CB  . VAL B 1 62 ? -11.433 -17.882 -9.065  1.00 38.30 ? 62  VAL B CB  1 
ATOM   1101 C  CG1 . VAL B 1 62 ? -9.963  -17.987 -8.693  1.00 38.35 ? 62  VAL B CG1 1 
ATOM   1102 C  CG2 . VAL B 1 62 ? -12.068 -16.706 -8.346  1.00 38.76 ? 62  VAL B CG2 1 
ATOM   1103 N  N   . ASP B 1 63 ? -13.553 -19.010 -11.111 1.00 43.47 ? 63  ASP B N   1 
ATOM   1104 C  CA  . ASP B 1 63 ? -14.951 -19.215 -11.466 1.00 47.06 ? 63  ASP B CA  1 
ATOM   1105 C  C   . ASP B 1 63 ? -15.616 -20.212 -10.526 1.00 48.85 ? 63  ASP B C   1 
ATOM   1106 O  O   . ASP B 1 63 ? -15.369 -21.419 -10.602 1.00 49.30 ? 63  ASP B O   1 
ATOM   1107 C  CB  . ASP B 1 63 ? -15.062 -19.710 -12.914 1.00 48.16 ? 63  ASP B CB  1 
ATOM   1108 C  CG  . ASP B 1 63 ? -16.494 -19.720 -13.422 1.00 49.61 ? 63  ASP B CG  1 
ATOM   1109 O  OD1 . ASP B 1 63 ? -17.330 -20.444 -12.845 1.00 50.66 ? 63  ASP B OD1 1 
ATOM   1110 O  OD2 . ASP B 1 63 ? -16.782 -18.997 -14.401 1.00 50.79 ? 63  ASP B OD2 1 
ATOM   1111 N  N   . THR B 1 64 ? -16.447 -19.684 -9.631  1.00 50.91 ? 64  THR B N   1 
ATOM   1112 C  CA  . THR B 1 64 ? -17.195 -20.487 -8.670  1.00 52.92 ? 64  THR B CA  1 
ATOM   1113 C  C   . THR B 1 64 ? -18.562 -20.736 -9.298  1.00 54.31 ? 64  THR B C   1 
ATOM   1114 O  O   . THR B 1 64 ? -18.677 -20.808 -10.523 1.00 54.13 ? 64  THR B O   1 
ATOM   1115 C  CB  . THR B 1 64 ? -17.394 -19.733 -7.333  1.00 53.38 ? 64  THR B CB  1 
ATOM   1116 O  OG1 . THR B 1 64 ? -18.190 -18.561 -7.557  1.00 53.37 ? 64  THR B OG1 1 
ATOM   1117 C  CG2 . THR B 1 64 ? -16.053 -19.310 -6.751  1.00 53.74 ? 64  THR B CG2 1 
ATOM   1118 N  N   . GLY B 1 65 ? -19.594 -20.857 -8.470  1.00 55.60 ? 65  GLY B N   1 
ATOM   1119 C  CA  . GLY B 1 65 ? -20.930 -21.095 -8.992  1.00 57.30 ? 65  GLY B CA  1 
ATOM   1120 C  C   . GLY B 1 65 ? -21.674 -19.840 -9.418  1.00 58.04 ? 65  GLY B C   1 
ATOM   1121 O  O   . GLY B 1 65 ? -22.905 -19.849 -9.489  1.00 58.97 ? 65  GLY B O   1 
ATOM   1122 N  N   . ALA B 1 66 ? -20.936 -18.770 -9.709  1.00 57.92 ? 66  ALA B N   1 
ATOM   1123 C  CA  . ALA B 1 66 ? -21.549 -17.504 -10.113 1.00 57.27 ? 66  ALA B CA  1 
ATOM   1124 C  C   . ALA B 1 66 ? -20.830 -16.762 -11.253 1.00 56.46 ? 66  ALA B C   1 
ATOM   1125 O  O   . ALA B 1 66 ? -21.120 -15.589 -11.508 1.00 56.68 ? 66  ALA B O   1 
ATOM   1126 C  CB  . ALA B 1 66 ? -21.681 -16.585 -8.899  1.00 57.94 ? 66  ALA B CB  1 
ATOM   1127 N  N   . GLY B 1 67 ? -19.907 -17.438 -11.937 1.00 54.55 ? 67  GLY B N   1 
ATOM   1128 C  CA  . GLY B 1 67 ? -19.196 -16.811 -13.046 1.00 52.56 ? 67  GLY B CA  1 
ATOM   1129 C  C   . GLY B 1 67 ? -17.771 -16.356 -12.766 1.00 50.50 ? 67  GLY B C   1 
ATOM   1130 O  O   . GLY B 1 67 ? -17.307 -16.450 -11.630 1.00 50.56 ? 67  GLY B O   1 
ATOM   1131 N  N   . PRO B 1 68 ? -17.041 -15.867 -13.784 1.00 48.43 ? 68  PRO B N   1 
ATOM   1132 C  CA  . PRO B 1 68 ? -15.657 -15.410 -13.589 1.00 46.35 ? 68  PRO B CA  1 
ATOM   1133 C  C   . PRO B 1 68 ? -15.563 -14.167 -12.695 1.00 43.76 ? 68  PRO B C   1 
ATOM   1134 O  O   . PRO B 1 68 ? -16.382 -13.252 -12.808 1.00 43.46 ? 68  PRO B O   1 
ATOM   1135 C  CB  . PRO B 1 68 ? -15.179 -15.119 -15.016 1.00 47.26 ? 68  PRO B CB  1 
ATOM   1136 C  CG  . PRO B 1 68 ? -16.034 -16.016 -15.861 1.00 48.27 ? 68  PRO B CG  1 
ATOM   1137 C  CD  . PRO B 1 68 ? -17.391 -15.853 -15.214 1.00 48.96 ? 68  PRO B CD  1 
ATOM   1138 N  N   . GLN B 1 69 ? -14.569 -14.138 -11.810 1.00 40.02 ? 69  GLN B N   1 
ATOM   1139 C  CA  . GLN B 1 69 ? -14.378 -12.993 -10.921 1.00 36.21 ? 69  GLN B CA  1 
ATOM   1140 C  C   . GLN B 1 69 ? -12.961 -12.958 -10.354 1.00 32.75 ? 69  GLN B C   1 
ATOM   1141 O  O   . GLN B 1 69 ? -12.284 -13.983 -10.285 1.00 31.38 ? 69  GLN B O   1 
ATOM   1142 C  CB  . GLN B 1 69 ? -15.402 -13.026 -9.782  1.00 37.14 ? 69  GLN B CB  1 
ATOM   1143 C  CG  . GLN B 1 69 ? -15.281 -14.205 -8.834  1.00 38.12 ? 69  GLN B CG  1 
ATOM   1144 C  CD  . GLN B 1 69 ? -16.282 -14.127 -7.692  1.00 39.09 ? 69  GLN B CD  1 
ATOM   1145 O  OE1 . GLN B 1 69 ? -16.386 -13.105 -7.011  1.00 39.52 ? 69  GLN B OE1 1 
ATOM   1146 N  NE2 . GLN B 1 69 ? -17.022 -15.210 -7.477  1.00 39.52 ? 69  GLN B NE2 1 
ATOM   1147 N  N   . PRO B 1 70 ? -12.484 -11.770 -9.953  1.00 29.71 ? 70  PRO B N   1 
ATOM   1148 C  CA  . PRO B 1 70 ? -11.128 -11.678 -9.402  1.00 26.53 ? 70  PRO B CA  1 
ATOM   1149 C  C   . PRO B 1 70 ? -10.984 -12.516 -8.140  1.00 22.99 ? 70  PRO B C   1 
ATOM   1150 O  O   . PRO B 1 70 ? -11.928 -12.644 -7.370  1.00 22.20 ? 70  PRO B O   1 
ATOM   1151 C  CB  . PRO B 1 70 ? -10.979 -10.187 -9.089  1.00 27.38 ? 70  PRO B CB  1 
ATOM   1152 C  CG  . PRO B 1 70 ? -11.935 -9.522  -10.021 1.00 28.09 ? 70  PRO B CG  1 
ATOM   1153 C  CD  . PRO B 1 70 ? -13.129 -10.446 -9.978  1.00 28.65 ? 70  PRO B CD  1 
ATOM   1154 N  N   . ARG B 1 71 ? -9.806  -13.099 -7.939  1.00 21.29 ? 71  ARG B N   1 
ATOM   1155 C  CA  . ARG B 1 71 ? -9.563  -13.873 -6.725  1.00 18.38 ? 71  ARG B CA  1 
ATOM   1156 C  C   . ARG B 1 71 ? -9.640  -12.857 -5.586  1.00 17.33 ? 71  ARG B C   1 
ATOM   1157 O  O   . ARG B 1 71 ? -10.216 -13.123 -4.536  1.00 15.59 ? 71  ARG B O   1 
ATOM   1158 C  CB  . ARG B 1 71 ? -8.173  -14.521 -6.757  1.00 16.93 ? 71  ARG B CB  1 
ATOM   1159 C  CG  . ARG B 1 71 ? -7.904  -15.433 -5.558  1.00 17.58 ? 71  ARG B CG  1 
ATOM   1160 C  CD  . ARG B 1 71 ? -6.463  -15.927 -5.509  1.00 16.72 ? 71  ARG B CD  1 
ATOM   1161 N  NE  . ARG B 1 71 ? -6.098  -16.794 -6.629  1.00 17.04 ? 71  ARG B NE  1 
ATOM   1162 C  CZ  . ARG B 1 71 ? -6.569  -18.025 -6.821  1.00 17.88 ? 71  ARG B CZ  1 
ATOM   1163 N  NH1 . ARG B 1 71 ? -7.439  -18.557 -5.969  1.00 19.21 ? 71  ARG B NH1 1 
ATOM   1164 N  NH2 . ARG B 1 71 ? -6.155  -18.734 -7.865  1.00 18.00 ? 71  ARG B NH2 1 
ATOM   1165 N  N   . PHE B 1 72 ? -9.055  -11.684 -5.830  1.00 16.75 ? 72  PHE B N   1 
ATOM   1166 C  CA  . PHE B 1 72 ? -9.044  -10.577 -4.871  1.00 17.99 ? 72  PHE B CA  1 
ATOM   1167 C  C   . PHE B 1 72 ? -9.503  -9.297  -5.571  1.00 17.30 ? 72  PHE B C   1 
ATOM   1168 O  O   . PHE B 1 72 ? -8.855  -8.848  -6.512  1.00 18.09 ? 72  PHE B O   1 
ATOM   1169 C  CB  . PHE B 1 72 ? -7.634  -10.352 -4.309  1.00 17.45 ? 72  PHE B CB  1 
ATOM   1170 C  CG  . PHE B 1 72 ? -7.181  -11.406 -3.323  1.00 19.30 ? 72  PHE B CG  1 
ATOM   1171 C  CD1 . PHE B 1 72 ? -6.466  -12.525 -3.742  1.00 17.32 ? 72  PHE B CD1 1 
ATOM   1172 C  CD2 . PHE B 1 72 ? -7.459  -11.267 -1.960  1.00 19.23 ? 72  PHE B CD2 1 
ATOM   1173 C  CE1 . PHE B 1 72 ? -6.034  -13.487 -2.822  1.00 18.71 ? 72  PHE B CE1 1 
ATOM   1174 C  CE2 . PHE B 1 72 ? -7.034  -12.216 -1.043  1.00 18.80 ? 72  PHE B CE2 1 
ATOM   1175 C  CZ  . PHE B 1 72 ? -6.320  -13.331 -1.473  1.00 18.10 ? 72  PHE B CZ  1 
ATOM   1176 N  N   . ALA B 1 73 ? -10.612 -8.715  -5.120  1.00 16.89 ? 73  ALA B N   1 
ATOM   1177 C  CA  . ALA B 1 73 ? -11.149 -7.483  -5.717  1.00 17.63 ? 73  ALA B CA  1 
ATOM   1178 C  C   . ALA B 1 73 ? -10.853 -6.232  -4.894  1.00 16.86 ? 73  ALA B C   1 
ATOM   1179 O  O   . ALA B 1 73 ? -11.267 -6.128  -3.739  1.00 15.96 ? 73  ALA B O   1 
ATOM   1180 C  CB  . ALA B 1 73 ? -12.655 -7.606  -5.918  1.00 19.06 ? 73  ALA B CB  1 
ATOM   1181 N  N   . TYR B 1 74 ? -10.146 -5.279  -5.496  1.00 17.32 ? 74  TYR B N   1 
ATOM   1182 C  CA  . TYR B 1 74 ? -9.787  -4.025  -4.825  1.00 16.73 ? 74  TYR B CA  1 
ATOM   1183 C  C   . TYR B 1 74 ? -11.033 -3.186  -4.550  1.00 16.87 ? 74  TYR B C   1 
ATOM   1184 O  O   . TYR B 1 74 ? -11.850 -2.974  -5.445  1.00 14.73 ? 74  TYR B O   1 
ATOM   1185 C  CB  . TYR B 1 74 ? -8.815  -3.222  -5.712  1.00 16.08 ? 74  TYR B CB  1 
ATOM   1186 C  CG  . TYR B 1 74 ? -8.353  -1.883  -5.148  1.00 17.54 ? 74  TYR B CG  1 
ATOM   1187 C  CD1 . TYR B 1 74 ? -7.483  -1.816  -4.070  1.00 15.39 ? 74  TYR B CD1 1 
ATOM   1188 C  CD2 . TYR B 1 74 ? -8.788  -0.685  -5.706  1.00 17.54 ? 74  TYR B CD2 1 
ATOM   1189 C  CE1 . TYR B 1 74 ? -7.051  -0.585  -3.559  1.00 16.81 ? 74  TYR B CE1 1 
ATOM   1190 C  CE2 . TYR B 1 74 ? -8.366  0.550   -5.198  1.00 17.91 ? 74  TYR B CE2 1 
ATOM   1191 C  CZ  . TYR B 1 74 ? -7.497  0.599   -4.122  1.00 17.66 ? 74  TYR B CZ  1 
ATOM   1192 O  OH  . TYR B 1 74 ? -7.087  1.823   -3.617  1.00 18.23 ? 74  TYR B OH  1 
ATOM   1193 N  N   . VAL B 1 75 ? -11.187 -2.705  -3.316  1.00 14.56 ? 75  VAL B N   1 
ATOM   1194 C  CA  . VAL B 1 75 ? -12.346 -1.872  -2.993  1.00 15.63 ? 75  VAL B CA  1 
ATOM   1195 C  C   . VAL B 1 75 ? -11.981 -0.554  -2.313  1.00 15.71 ? 75  VAL B C   1 
ATOM   1196 O  O   . VAL B 1 75 ? -12.832 0.103   -1.718  1.00 16.41 ? 75  VAL B O   1 
ATOM   1197 C  CB  . VAL B 1 75 ? -13.363 -2.604  -2.098  1.00 17.79 ? 75  VAL B CB  1 
ATOM   1198 C  CG1 . VAL B 1 75 ? -13.745 -3.944  -2.719  1.00 19.01 ? 75  VAL B CG1 1 
ATOM   1199 C  CG2 . VAL B 1 75 ? -12.793 -2.785  -0.696  1.00 20.44 ? 75  VAL B CG2 1 
ATOM   1200 N  N   . GLY B 1 76 ? -10.719 -0.161  -2.404  1.00 15.44 ? 76  GLY B N   1 
ATOM   1201 C  CA  . GLY B 1 76 ? -10.314 1.093   -1.802  1.00 15.59 ? 76  GLY B CA  1 
ATOM   1202 C  C   . GLY B 1 76 ? -9.480  0.940   -0.547  1.00 15.28 ? 76  GLY B C   1 
ATOM   1203 O  O   . GLY B 1 76 ? -8.682  0.009   -0.430  1.00 15.09 ? 76  GLY B O   1 
ATOM   1204 N  N   . HIS B 1 77 ? -9.674  1.851   0.398   1.00 13.70 ? 77  HIS B N   1 
ATOM   1205 C  CA  . HIS B 1 77 ? -8.908  1.839   1.638   1.00 13.57 ? 77  HIS B CA  1 
ATOM   1206 C  C   . HIS B 1 77 ? -9.712  1.561   2.899   1.00 13.47 ? 77  HIS B C   1 
ATOM   1207 O  O   . HIS B 1 77 ? -9.161  1.551   4.000   1.00 12.85 ? 77  HIS B O   1 
ATOM   1208 C  CB  . HIS B 1 77 ? -8.158  3.166   1.773   1.00 13.70 ? 77  HIS B CB  1 
ATOM   1209 C  CG  . HIS B 1 77 ? -7.116  3.363   0.719   1.00 15.69 ? 77  HIS B CG  1 
ATOM   1210 N  ND1 . HIS B 1 77 ? -5.973  2.596   0.659   1.00 15.07 ? 77  HIS B ND1 1 
ATOM   1211 C  CD2 . HIS B 1 77 ? -7.081  4.174   -0.368  1.00 17.72 ? 77  HIS B CD2 1 
ATOM   1212 C  CE1 . HIS B 1 77 ? -5.281  2.920   -0.419  1.00 15.78 ? 77  HIS B CE1 1 
ATOM   1213 N  NE2 . HIS B 1 77 ? -5.933  3.876   -1.060  1.00 16.86 ? 77  HIS B NE2 1 
ATOM   1214 N  N   . VAL B 1 78 ? -11.005 1.309   2.739   1.00 12.35 ? 78  VAL B N   1 
ATOM   1215 C  CA  . VAL B 1 78 ? -11.852 1.018   3.886   1.00 12.00 ? 78  VAL B CA  1 
ATOM   1216 C  C   . VAL B 1 78 ? -12.613 -0.283  3.682   1.00 12.11 ? 78  VAL B C   1 
ATOM   1217 O  O   . VAL B 1 78 ? -12.771 -0.747  2.558   1.00 11.02 ? 78  VAL B O   1 
ATOM   1218 C  CB  . VAL B 1 78 ? -12.866 2.161   4.132   1.00 13.07 ? 78  VAL B CB  1 
ATOM   1219 C  CG1 . VAL B 1 78 ? -12.126 3.460   4.365   1.00 12.11 ? 78  VAL B CG1 1 
ATOM   1220 C  CG2 . VAL B 1 78 ? -13.814 2.306   2.943   1.00 12.47 ? 78  VAL B CG2 1 
ATOM   1221 N  N   . THR B 1 79 ? -13.070 -0.883  4.777   1.00 12.78 ? 79  THR B N   1 
ATOM   1222 C  CA  . THR B 1 79 ? -13.854 -2.117  4.708   1.00 13.11 ? 79  THR B CA  1 
ATOM   1223 C  C   . THR B 1 79 ? -15.330 -1.753  4.881   1.00 13.83 ? 79  THR B C   1 
ATOM   1224 O  O   . THR B 1 79 ? -15.650 -0.696  5.422   1.00 12.45 ? 79  THR B O   1 
ATOM   1225 C  CB  . THR B 1 79 ? -13.453 -3.116  5.822   1.00 12.61 ? 79  THR B CB  1 
ATOM   1226 O  OG1 . THR B 1 79 ? -13.250 -2.407  7.056   1.00 10.15 ? 79  THR B OG1 1 
ATOM   1227 C  CG2 . THR B 1 79 ? -12.195 -3.868  5.433   1.00 12.10 ? 79  THR B CG2 1 
ATOM   1228 N  N   . PRO B 1 80 ? -16.246 -2.638  4.440   1.00 16.63 ? 80  PRO B N   1 
ATOM   1229 C  CA  . PRO B 1 80 ? -17.691 -2.389  4.552   1.00 18.69 ? 80  PRO B CA  1 
ATOM   1230 C  C   . PRO B 1 80 ? -18.297 -2.448  5.950   1.00 21.36 ? 80  PRO B C   1 
ATOM   1231 O  O   . PRO B 1 80 ? -17.755 -3.080  6.859   1.00 21.31 ? 80  PRO B O   1 
ATOM   1232 C  CB  . PRO B 1 80 ? -18.296 -3.451  3.635   1.00 18.42 ? 80  PRO B CB  1 
ATOM   1233 C  CG  . PRO B 1 80 ? -17.353 -4.595  3.807   1.00 17.35 ? 80  PRO B CG  1 
ATOM   1234 C  CD  . PRO B 1 80 ? -15.992 -3.907  3.730   1.00 15.92 ? 80  PRO B CD  1 
ATOM   1235 N  N   . GLU B 1 81 ? -19.449 -1.796  6.090   1.00 24.89 ? 81  GLU B N   1 
ATOM   1236 C  CA  . GLU B 1 81 ? -20.205 -1.737  7.338   1.00 27.72 ? 81  GLU B CA  1 
ATOM   1237 C  C   . GLU B 1 81 ? -21.076 -2.984  7.478   1.00 29.38 ? 81  GLU B C   1 
ATOM   1238 O  O   . GLU B 1 81 ? -21.517 -3.555  6.481   1.00 30.01 ? 81  GLU B O   1 
ATOM   1239 C  CB  . GLU B 1 81 ? -21.082 -0.476  7.340   1.00 28.50 ? 81  GLU B CB  1 
ATOM   1240 C  CG  . GLU B 1 81 ? -21.970 -0.297  8.558   1.00 31.74 ? 81  GLU B CG  1 
ATOM   1241 C  CD  . GLU B 1 81 ? -21.205 -0.402  9.858   1.00 33.00 ? 81  GLU B CD  1 
ATOM   1242 O  OE1 . GLU B 1 81 ? -21.064 -1.530  10.366  1.00 35.26 ? 81  GLU B OE1 1 
ATOM   1243 O  OE2 . GLU B 1 81 ? -20.740 0.642   10.367  1.00 35.67 ? 81  GLU B OE2 1 
HETATM 1244 S  S   . SO4 C 2 .  ? 8.807   18.767  4.599   1.00 26.23 ? 200 SO4 A S   1 
HETATM 1245 O  O1  . SO4 C 2 .  ? 10.142  18.144  4.550   1.00 28.49 ? 200 SO4 A O1  1 
HETATM 1246 O  O2  . SO4 C 2 .  ? 7.902   18.089  3.651   1.00 26.34 ? 200 SO4 A O2  1 
HETATM 1247 O  O3  . SO4 C 2 .  ? 8.265   18.642  5.959   1.00 28.92 ? 200 SO4 A O3  1 
HETATM 1248 O  O4  . SO4 C 2 .  ? 8.901   20.189  4.238   1.00 29.03 ? 200 SO4 A O4  1 
HETATM 1249 S  S   . SO4 D 2 .  ? -8.089  -19.463 -2.582  1.00 30.66 ? 200 SO4 B S   1 
HETATM 1250 O  O1  . SO4 D 2 .  ? -7.800  -18.073 -2.989  1.00 29.76 ? 200 SO4 B O1  1 
HETATM 1251 O  O2  . SO4 D 2 .  ? -8.680  -20.182 -3.727  1.00 31.90 ? 200 SO4 B O2  1 
HETATM 1252 O  O3  . SO4 D 2 .  ? -6.842  -20.131 -2.182  1.00 29.89 ? 200 SO4 B O3  1 
HETATM 1253 O  O4  . SO4 D 2 .  ? -9.034  -19.461 -1.454  1.00 28.77 ? 200 SO4 B O4  1 
HETATM 1254 O  O   . HOH E 3 .  ? -2.326  -0.376  1.913   1.00 9.68  ? 201 HOH A O   1 
HETATM 1255 O  O   . HOH E 3 .  ? 13.672  14.025  0.814   1.00 18.58 ? 202 HOH A O   1 
HETATM 1256 O  O   . HOH E 3 .  ? 0.884   12.182  11.577  1.00 13.22 ? 203 HOH A O   1 
HETATM 1257 O  O   . HOH E 3 .  ? 16.002  7.043   -1.162  1.00 14.17 ? 204 HOH A O   1 
HETATM 1258 O  O   . HOH E 3 .  ? 9.025   23.058  -10.393 1.00 13.46 ? 205 HOH A O   1 
HETATM 1259 O  O   . HOH E 3 .  ? -5.400  14.224  6.267   1.00 18.09 ? 206 HOH A O   1 
HETATM 1260 O  O   . HOH E 3 .  ? 6.993   -1.235  -3.215  1.00 31.43 ? 207 HOH A O   1 
HETATM 1261 O  O   . HOH E 3 .  ? -1.728  8.748   16.672  1.00 20.15 ? 208 HOH A O   1 
HETATM 1262 O  O   . HOH E 3 .  ? -0.076  9.246   13.452  1.00 17.31 ? 209 HOH A O   1 
HETATM 1263 O  O   . HOH E 3 .  ? 21.471  10.641  10.822  1.00 26.30 ? 210 HOH A O   1 
HETATM 1264 O  O   . HOH E 3 .  ? -8.520  13.586  8.023   1.00 15.21 ? 211 HOH A O   1 
HETATM 1265 O  O   . HOH E 3 .  ? -1.673  8.853   -4.248  1.00 18.89 ? 212 HOH A O   1 
HETATM 1266 O  O   . HOH E 3 .  ? 4.252   -1.597  -2.567  1.00 19.10 ? 213 HOH A O   1 
HETATM 1267 O  O   . HOH E 3 .  ? 8.661   13.254  5.812   1.00 23.28 ? 214 HOH A O   1 
HETATM 1268 O  O   . HOH E 3 .  ? 2.411   15.623  -2.751  1.00 16.74 ? 215 HOH A O   1 
HETATM 1269 O  O   . HOH E 3 .  ? 0.631   1.632   -6.109  1.00 28.01 ? 216 HOH A O   1 
HETATM 1270 O  O   . HOH E 3 .  ? 14.013  13.270  3.382   1.00 28.38 ? 217 HOH A O   1 
HETATM 1271 O  O   . HOH E 3 .  ? -4.948  10.917  -2.328  1.00 25.56 ? 218 HOH A O   1 
HETATM 1272 O  O   . HOH E 3 .  ? 15.864  3.640   -2.136  1.00 14.65 ? 219 HOH A O   1 
HETATM 1273 O  O   . HOH E 3 .  ? 10.342  7.637   7.650   1.00 18.27 ? 220 HOH A O   1 
HETATM 1274 O  O   . HOH E 3 .  ? -4.286  18.526  0.364   1.00 28.76 ? 221 HOH A O   1 
HETATM 1275 O  O   . HOH E 3 .  ? 14.304  0.885   -10.491 1.00 30.92 ? 222 HOH A O   1 
HETATM 1276 O  O   . HOH E 3 .  ? 15.009  8.411   10.959  1.00 27.28 ? 223 HOH A O   1 
HETATM 1277 O  O   . HOH E 3 .  ? -5.490  15.829  -0.300  1.00 26.31 ? 224 HOH A O   1 
HETATM 1278 O  O   . HOH E 3 .  ? -9.592  10.563  -2.987  1.00 38.10 ? 225 HOH A O   1 
HETATM 1279 O  O   . HOH E 3 .  ? 18.095  8.640   -0.769  1.00 24.81 ? 226 HOH A O   1 
HETATM 1280 O  O   . HOH E 3 .  ? 12.983  9.605   14.295  1.00 31.22 ? 227 HOH A O   1 
HETATM 1281 O  O   . HOH E 3 .  ? 12.867  9.413   -8.268  1.00 26.18 ? 228 HOH A O   1 
HETATM 1282 O  O   . HOH E 3 .  ? 17.075  4.810   -4.303  1.00 20.85 ? 229 HOH A O   1 
HETATM 1283 O  O   . HOH E 3 .  ? 12.395  11.366  7.508   1.00 39.33 ? 230 HOH A O   1 
HETATM 1284 O  O   . HOH E 3 .  ? 21.865  4.926   -4.292  1.00 41.70 ? 231 HOH A O   1 
HETATM 1285 O  O   . HOH E 3 .  ? -10.946 8.494   18.063  1.00 33.57 ? 232 HOH A O   1 
HETATM 1286 O  O   . HOH E 3 .  ? 8.785   14.980  -4.938  1.00 27.38 ? 233 HOH A O   1 
HETATM 1287 O  O   . HOH E 3 .  ? 8.525   20.630  -9.826  1.00 73.22 ? 234 HOH A O   1 
HETATM 1288 O  O   . HOH E 3 .  ? 5.277   27.313  -5.618  1.00 33.28 ? 235 HOH A O   1 
HETATM 1289 O  O   . HOH E 3 .  ? 2.197   23.991  0.372   1.00 39.43 ? 236 HOH A O   1 
HETATM 1290 O  O   . HOH E 3 .  ? 1.664   22.353  5.227   1.00 39.59 ? 237 HOH A O   1 
HETATM 1291 O  O   . HOH E 3 .  ? 13.194  9.973   -3.492  1.00 90.10 ? 238 HOH A O   1 
HETATM 1292 O  O   . HOH E 3 .  ? -3.079  14.140  13.346  1.00 39.15 ? 239 HOH A O   1 
HETATM 1293 O  O   . HOH E 3 .  ? -1.665  12.482  0.877   1.00 88.75 ? 241 HOH A O   1 
HETATM 1294 O  O   . HOH E 3 .  ? -10.706 15.384  12.697  1.00 41.59 ? 242 HOH A O   1 
HETATM 1295 O  O   . HOH E 3 .  ? 4.425   23.954  -5.208  1.00 71.91 ? 243 HOH A O   1 
HETATM 1296 O  O   . HOH E 3 .  ? -4.590  17.413  10.963  1.00 64.72 ? 244 HOH A O   1 
HETATM 1297 O  O   . HOH E 3 .  ? -13.004 6.868   -6.417  1.00 50.27 ? 245 HOH A O   1 
HETATM 1298 O  O   . HOH E 3 .  ? -1.113  12.227  13.460  1.00 24.75 ? 246 HOH A O   1 
HETATM 1299 O  O   . HOH E 3 .  ? 13.881  -1.896  -10.281 1.00 31.70 ? 247 HOH A O   1 
HETATM 1300 O  O   . HOH E 3 .  ? 16.738  0.830   -11.873 1.00 38.23 ? 248 HOH A O   1 
HETATM 1301 O  O   . HOH E 3 .  ? -0.520  11.323  16.085  1.00 26.36 ? 249 HOH A O   1 
HETATM 1302 O  O   . HOH E 3 .  ? -7.475  15.915  7.223   1.00 24.40 ? 250 HOH A O   1 
HETATM 1303 O  O   . HOH E 3 .  ? 17.724  8.236   -3.703  1.00 39.50 ? 251 HOH A O   1 
HETATM 1304 O  O   . HOH E 3 .  ? 22.429  6.984   -6.327  1.00 38.44 ? 252 HOH A O   1 
HETATM 1305 O  O   . HOH E 3 .  ? -0.393  15.113  13.726  1.00 43.29 ? 253 HOH A O   1 
HETATM 1306 O  O   . HOH E 3 .  ? 20.880  12.784  8.970   1.00 41.37 ? 254 HOH A O   1 
HETATM 1307 O  O   . HOH E 3 .  ? 10.648  15.261  6.301   1.00 41.78 ? 255 HOH A O   1 
HETATM 1308 O  O   . HOH E 3 .  ? 16.427  11.724  -5.787  1.00 26.21 ? 256 HOH A O   1 
HETATM 1309 O  O   . HOH E 3 .  ? 2.876   1.834   -10.336 1.00 24.95 ? 257 HOH A O   1 
HETATM 1310 O  O   . HOH E 3 .  ? 4.680   24.138  1.940   1.00 46.72 ? 258 HOH A O   1 
HETATM 1311 O  O   . HOH E 3 .  ? 8.951   16.720  -6.917  1.00 40.74 ? 259 HOH A O   1 
HETATM 1312 O  O   . HOH E 3 .  ? 10.885  8.549   -6.953  1.00 83.79 ? 260 HOH A O   1 
HETATM 1313 O  O   . HOH E 3 .  ? 2.699   26.322  -4.938  1.00 44.42 ? 261 HOH A O   1 
HETATM 1314 O  O   . HOH E 3 .  ? -16.643 7.953   -4.484  1.00 42.21 ? 262 HOH A O   1 
HETATM 1315 O  O   . HOH E 3 .  ? -3.456  10.992  -5.300  1.00 49.96 ? 263 HOH A O   1 
HETATM 1316 O  O   . HOH E 3 .  ? -7.239  13.891  4.112   1.00 31.67 ? 264 HOH A O   1 
HETATM 1317 O  O   . HOH E 3 .  ? -0.545  10.954  -2.822  1.00 28.47 ? 265 HOH A O   1 
HETATM 1318 O  O   . HOH E 3 .  ? 21.183  8.863   3.105   1.00 36.03 ? 266 HOH A O   1 
HETATM 1319 O  O   . HOH E 3 .  ? -6.857  17.739  9.218   1.00 41.09 ? 267 HOH A O   1 
HETATM 1320 O  O   . HOH E 3 .  ? -7.319  15.262  1.702   1.00 41.14 ? 268 HOH A O   1 
HETATM 1321 O  O   . HOH F 3 .  ? -0.707  -15.650 1.942   1.00 73.98 ? 240 HOH B O   1 
HETATM 1322 O  O   . HOH F 3 .  ? 1.186   -12.383 11.179  1.00 12.26 ? 241 HOH B O   1 
HETATM 1323 O  O   . HOH F 3 .  ? -6.457  0.852   4.473   1.00 16.89 ? 242 HOH B O   1 
HETATM 1324 O  O   . HOH F 3 .  ? 2.731   -0.404  -0.647  1.00 12.13 ? 243 HOH B O   1 
HETATM 1325 O  O   . HOH F 3 .  ? -4.369  1.756   2.853   1.00 11.01 ? 244 HOH B O   1 
HETATM 1326 O  O   . HOH F 3 .  ? -13.448 -9.137  6.409   1.00 23.04 ? 245 HOH B O   1 
HETATM 1327 O  O   . HOH F 3 .  ? -14.510 -0.541  0.407   1.00 18.06 ? 246 HOH B O   1 
HETATM 1328 O  O   . HOH F 3 .  ? -4.763  -7.215  -7.588  1.00 23.82 ? 247 HOH B O   1 
HETATM 1329 O  O   . HOH F 3 .  ? -8.130  -12.196 14.590  1.00 21.06 ? 248 HOH B O   1 
HETATM 1330 O  O   . HOH F 3 .  ? -7.514  -11.129 -8.371  1.00 21.26 ? 249 HOH B O   1 
HETATM 1331 O  O   . HOH F 3 .  ? -3.614  -12.770 6.189   1.00 20.14 ? 250 HOH B O   1 
HETATM 1332 O  O   . HOH F 3 .  ? -17.495 -5.024  -5.609  1.00 22.65 ? 251 HOH B O   1 
HETATM 1333 O  O   . HOH F 3 .  ? 4.420   -13.371 -8.720  1.00 16.27 ? 252 HOH B O   1 
HETATM 1334 O  O   . HOH F 3 .  ? -19.923 0.544   4.392   1.00 21.22 ? 253 HOH B O   1 
HETATM 1335 O  O   . HOH F 3 .  ? -4.387  2.023   -3.927  1.00 25.28 ? 254 HOH B O   1 
HETATM 1336 O  O   . HOH F 3 .  ? -5.427  -15.902 0.628   1.00 35.84 ? 255 HOH B O   1 
HETATM 1337 O  O   . HOH F 3 .  ? -12.765 -14.715 1.746   1.00 31.47 ? 256 HOH B O   1 
HETATM 1338 O  O   . HOH F 3 .  ? -2.030  -16.217 7.850   1.00 23.43 ? 257 HOH B O   1 
HETATM 1339 O  O   . HOH F 3 .  ? -15.231 -11.067 7.110   1.00 27.68 ? 258 HOH B O   1 
HETATM 1340 O  O   . HOH F 3 .  ? -16.974 -5.554  -0.404  1.00 27.70 ? 259 HOH B O   1 
HETATM 1341 O  O   . HOH F 3 .  ? -8.930  -5.812  -8.283  1.00 27.71 ? 260 HOH B O   1 
HETATM 1342 O  O   . HOH F 3 .  ? -11.489 3.983   -0.328  1.00 31.48 ? 261 HOH B O   1 
HETATM 1343 O  O   . HOH F 3 .  ? -19.769 2.650   8.835   1.00 25.32 ? 262 HOH B O   1 
HETATM 1344 O  O   . HOH F 3 .  ? -1.123  -6.413  -10.770 1.00 32.70 ? 263 HOH B O   1 
HETATM 1345 O  O   . HOH F 3 .  ? 16.692  -16.805 2.500   1.00 33.73 ? 264 HOH B O   1 
HETATM 1346 O  O   . HOH F 3 .  ? 8.302   -17.909 -4.266  1.00 34.61 ? 265 HOH B O   1 
HETATM 1347 O  O   . HOH F 3 .  ? -1.146  -19.170 -3.626  1.00 32.84 ? 266 HOH B O   1 
HETATM 1348 O  O   . HOH F 3 .  ? -18.690 -1.544  11.692  1.00 21.62 ? 267 HOH B O   1 
HETATM 1349 O  O   . HOH F 3 .  ? -2.232  -8.116  -7.656  1.00 74.30 ? 268 HOH B O   1 
HETATM 1350 O  O   . HOH F 3 .  ? -4.624  -16.560 10.659  1.00 25.96 ? 269 HOH B O   1 
HETATM 1351 O  O   . HOH F 3 .  ? -13.095 -19.647 -7.266  1.00 86.85 ? 270 HOH B O   1 
HETATM 1352 O  O   . HOH F 3 .  ? -4.610  -0.644  -11.181 1.00 39.03 ? 271 HOH B O   1 
HETATM 1353 O  O   . HOH F 3 .  ? -16.627 -11.428 -2.973  1.00 32.07 ? 272 HOH B O   1 
HETATM 1354 O  O   . HOH F 3 .  ? 5.514   -8.324  -4.683  1.00 69.44 ? 273 HOH B O   1 
HETATM 1355 O  O   . HOH F 3 .  ? -4.702  -3.834  -8.128  1.00 24.96 ? 274 HOH B O   1 
HETATM 1356 O  O   . HOH F 3 .  ? -18.227 -9.865  1.323   1.00 28.40 ? 275 HOH B O   1 
HETATM 1357 O  O   . HOH F 3 .  ? 7.754   -13.288 -9.490  1.00 30.47 ? 276 HOH B O   1 
HETATM 1358 O  O   . HOH F 3 .  ? 8.796   -4.228  -2.358  1.00 33.58 ? 277 HOH B O   1 
HETATM 1359 O  O   . HOH F 3 .  ? 1.272   -6.768  -2.805  1.00 83.41 ? 278 HOH B O   1 
HETATM 1360 O  O   . HOH F 3 .  ? -1.705  -13.383 -13.048 1.00 29.20 ? 279 HOH B O   1 
HETATM 1361 O  O   . HOH F 3 .  ? -11.166 -15.769 3.690   1.00 29.74 ? 280 HOH B O   1 
HETATM 1362 O  O   . HOH F 3 .  ? 12.053  -5.284  -10.137 1.00 44.07 ? 281 HOH B O   1 
HETATM 1363 O  O   . HOH F 3 .  ? -19.706 -18.939 -15.226 1.00 65.79 ? 282 HOH B O   1 
HETATM 1364 O  O   . HOH F 3 .  ? -20.781 -6.131  7.169   1.00 35.59 ? 283 HOH B O   1 
HETATM 1365 O  O   . HOH F 3 .  ? -14.593 -10.227 -4.351  1.00 31.94 ? 284 HOH B O   1 
HETATM 1366 O  O   . HOH F 3 .  ? -7.770  -10.610 -10.999 1.00 41.44 ? 285 HOH B O   1 
HETATM 1367 O  O   . HOH F 3 .  ? -3.505  -5.798  -9.604  1.00 43.07 ? 286 HOH B O   1 
HETATM 1368 O  O   . HOH F 3 .  ? 4.881   -5.214  -15.518 1.00 48.92 ? 287 HOH B O   1 
HETATM 1369 O  O   . HOH F 3 .  ? -14.232 -11.458 -6.847  1.00 28.47 ? 288 HOH B O   1 
HETATM 1370 O  O   . HOH F 3 .  ? -17.743 -17.540 -4.529  1.00 59.26 ? 289 HOH B O   1 
HETATM 1371 O  O   . HOH F 3 .  ? -7.650  -17.353 1.042   1.00 34.38 ? 290 HOH B O   1 
HETATM 1372 O  O   . HOH F 3 .  ? 5.613   -13.642 -11.141 1.00 33.12 ? 291 HOH B O   1 
HETATM 1373 O  O   . HOH F 3 .  ? 7.623   -2.314  -0.560  1.00 64.98 ? 292 HOH B O   1 
HETATM 1374 O  O   . HOH F 3 .  ? -18.832 -7.139  1.569   1.00 29.98 ? 293 HOH B O   1 
HETATM 1375 O  O   . HOH F 3 .  ? -16.502 -9.214  5.239   1.00 36.66 ? 294 HOH B O   1 
HETATM 1376 O  O   . HOH F 3 .  ? 18.515  -18.487 1.228   1.00 32.19 ? 295 HOH B O   1 
HETATM 1377 O  O   . HOH F 3 .  ? -18.543 -7.501  6.218   1.00 37.52 ? 296 HOH B O   1 
HETATM 1378 O  O   . HOH F 3 .  ? 16.796  -17.284 -5.711  1.00 40.91 ? 298 HOH B O   1 
HETATM 1379 O  O   . HOH F 3 .  ? -18.954 -11.454 -1.415  1.00 35.43 ? 299 HOH B O   1 
HETATM 1380 O  O   . HOH F 3 .  ? -16.185 -9.285  -7.245  1.00 31.80 ? 300 HOH B O   1 
HETATM 1381 O  O   . HOH F 3 .  ? -16.410 -17.149 -9.161  1.00 56.24 ? 301 HOH B O   1 
HETATM 1382 O  O   . HOH F 3 .  ? -5.270  3.379   -10.194 1.00 49.01 ? 302 HOH B O   1 
HETATM 1383 O  O   . HOH F 3 .  ? 11.317  -3.068  -11.688 1.00 52.52 ? 303 HOH B O   1 
HETATM 1384 O  O   . HOH F 3 .  ? -17.196 -5.500  8.281   1.00 56.85 ? 304 HOH B O   1 
HETATM 1385 O  O   . HOH F 3 .  ? -7.596  -7.780  -11.103 1.00 46.72 ? 305 HOH B O   1 
HETATM 1386 O  O   . HOH F 3 .  ? -8.570  -20.965 -7.078  1.00 46.06 ? 306 HOH B O   1 
HETATM 1387 O  O   . HOH F 3 .  ? -15.113 -6.188  6.622   1.00 46.38 ? 307 HOH B O   1 
HETATM 1388 O  O   . HOH F 3 .  ? -5.623  -18.699 9.529   1.00 69.96 ? 308 HOH B O   1 
# 
